data_7H4H
# 
_entry.id   7H4H 
# 
_audit_conform.dict_name       mmcif_pdbx.dic 
_audit_conform.dict_version    5.397 
_audit_conform.dict_location   http://mmcif.pdb.org/dictionaries/ascii/mmcif_pdbx.dic 
# 
loop_
_database_2.database_id 
_database_2.database_code 
_database_2.pdbx_database_accession 
_database_2.pdbx_DOI 
PDB   7H4H         pdb_00007h4h 10.2210/pdb7h4h/pdb 
WWPDB D_1001407012 ?            ?                   
# 
loop_
_pdbx_audit_revision_history.ordinal 
_pdbx_audit_revision_history.data_content_type 
_pdbx_audit_revision_history.major_revision 
_pdbx_audit_revision_history.minor_revision 
_pdbx_audit_revision_history.revision_date 
1 'Structure model' 1 0 2024-04-24 
2 'Structure model' 1 1 2024-10-16 
# 
_pdbx_audit_revision_details.ordinal             1 
_pdbx_audit_revision_details.revision_ordinal    1 
_pdbx_audit_revision_details.data_content_type   'Structure model' 
_pdbx_audit_revision_details.provider            repository 
_pdbx_audit_revision_details.type                'Initial release' 
_pdbx_audit_revision_details.description         ? 
_pdbx_audit_revision_details.details             ? 
# 
loop_
_pdbx_audit_revision_group.ordinal 
_pdbx_audit_revision_group.revision_ordinal 
_pdbx_audit_revision_group.data_content_type 
_pdbx_audit_revision_group.group 
1 2 'Structure model' 'Database references' 
2 2 'Structure model' 'Structure summary'   
# 
loop_
_pdbx_audit_revision_category.ordinal 
_pdbx_audit_revision_category.revision_ordinal 
_pdbx_audit_revision_category.data_content_type 
_pdbx_audit_revision_category.category 
1 2 'Structure model' citation           
2 2 'Structure model' citation_author    
3 2 'Structure model' pdbx_entry_details 
# 
loop_
_pdbx_audit_revision_item.ordinal 
_pdbx_audit_revision_item.revision_ordinal 
_pdbx_audit_revision_item.data_content_type 
_pdbx_audit_revision_item.item 
1 2 'Structure model' '_citation.country'                 
2 2 'Structure model' '_citation.journal_abbrev'          
3 2 'Structure model' '_citation.journal_id_CSD'          
4 2 'Structure model' '_citation.journal_id_ISSN'         
5 2 'Structure model' '_citation.pdbx_database_id_DOI'    
6 2 'Structure model' '_citation.pdbx_database_id_PubMed' 
7 2 'Structure model' '_citation.title'                   
8 2 'Structure model' '_citation.year'                    
# 
_pdbx_database_status.entry_id                        7H4H 
_pdbx_database_status.status_code                     REL 
_pdbx_database_status.status_code_sf                  REL 
_pdbx_database_status.status_code_mr                  ? 
_pdbx_database_status.status_code_cs                  ? 
_pdbx_database_status.recvd_initial_deposition_date   2024-04-04 
_pdbx_database_status.status_code_nmr_data            ? 
_pdbx_database_status.deposit_site                    RCSB 
_pdbx_database_status.process_site                    RCSB 
_pdbx_database_status.SG_entry                        ? 
_pdbx_database_status.pdb_format_compatible           Y 
_pdbx_database_status.methods_development_category    ? 
# 
_pdbx_contact_author.id                 1 
_pdbx_contact_author.email              frank.von-delft@diamond.ac.uk 
_pdbx_contact_author.name_first         Frank 
_pdbx_contact_author.name_last          'von Delft' 
_pdbx_contact_author.role               'principal investigator/group leader' 
_pdbx_contact_author.identifier_ORCID   0000-0003-0378-0017 
_pdbx_contact_author.name_mi            ? 
# 
loop_
_audit_author.name 
_audit_author.pdbx_ordinal 
'Lithgo, R.M.'        1  
'Fairhead, M.'        2  
'Koekemoer, L.'       3  
'Balcomb, B.H.'       4  
'Capkin, E.'          5  
'Chandran, A.V.'      6  
'Golding, M.'         7  
'Godoy, A.S.'         8  
'Aschenbrenner, J.C.' 9  
'Marples, P.G.'       10 
'Ni, X.'              11 
'Thompson, W.'        12 
'Tomlinson, C.W.E.'   13 
'Wild, C.'            14 
'Winokan, M.'         15 
'Xavier, M.-A.E.'     16 
'Fearon, D.'          17 
'von Delft, F.'       18 
# 
_citation.id                        primary 
_citation.title                     
;Crystallographic Fragment Screen of Coxsackievirus A16 2A Protease identifies new opportunities for the development of broad-spectrum anti-enterovirals.
;
_citation.journal_abbrev            Biorxiv 
_citation.journal_volume            ? 
_citation.page_first                ? 
_citation.page_last                 ? 
_citation.year                      2024 
_citation.journal_id_ASTM           ? 
_citation.country                   US 
_citation.journal_id_ISSN           2692-8205 
_citation.journal_id_CSD            ? 
_citation.book_publisher            ? 
_citation.pdbx_database_id_PubMed   38746446 
_citation.pdbx_database_id_DOI      10.1101/2024.04.29.591684 
# 
loop_
_citation_author.citation_id 
_citation_author.name 
_citation_author.identifier_ORCID 
_citation_author.ordinal 
primary 'Lithgo, R.M.'        0000-0002-4706-9916 1  
primary 'Tomlinson, C.W.E.'   0000-0002-1845-6028 2  
primary 'Fairhead, M.'        0000-0001-5361-3933 3  
primary 'Winokan, M.'         ?                   4  
primary 'Thompson, W.'        0000-0003-1474-7810 5  
primary 'Wild, C.'            0000-0003-0654-8141 6  
primary 'Aschenbrenner, J.C.' 0000-0002-4318-0481 7  
primary 'Balcomb, B.H.'       0000-0001-7599-8467 8  
primary 'Marples, P.G.'       0000-0002-8787-7969 9  
primary 'Chandran, A.V.'      0000-0001-9942-2614 10 
primary 'Golding, M.'         0009-0004-7472-8333 11 
primary 'Koekemoer, L.'       0000-0001-9226-9127 12 
primary 'Williams, E.P.'      0000-0002-1331-9518 13 
primary 'Wang, S.'            ?                   14 
primary 'Ni, X.'              0000-0002-7769-8297 15 
primary 'MacLean, E.'         0000-0003-1680-4292 16 
primary 'Giroud, C.'          0000-0002-1629-1581 17 
primary 'Godoy, A.S.'         0000-0002-0613-9164 18 
primary 'Xavier, M.A.'        0000-0002-1709-9479 19 
primary 'Walsh, M.'           0000-0001-5683-1151 20 
primary 'Fearon, D.'          0000-0003-3529-7863 21 
primary 'von Delft, F.'       0000-0003-0378-0017 22 
# 
loop_
_entity.id 
_entity.type 
_entity.src_method 
_entity.pdbx_description 
_entity.formula_weight 
_entity.pdbx_number_of_molecules 
_entity.pdbx_ec 
_entity.pdbx_mutation 
_entity.pdbx_fragment 
_entity.details 
1 polymer     man 'Protease 2A'                                     16493.311 1   3.4.22.29 ? ? ? 
2 non-polymer man '~{N}-cyclopropyl-1,3-benzodioxole-5-carboxamide' 205.210   1   ?         ? ? ? 
3 non-polymer syn 'ZINC ION'                                        65.409    1   ?         ? ? ? 
4 non-polymer syn 'DIMETHYL SULFOXIDE'                              78.133    2   ?         ? ? ? 
5 water       nat water                                             18.015    210 ?         ? ? ? 
# 
_entity_name_com.entity_id   1 
_entity_name_com.name        'P2A,Picornain 2A,Protein 2A' 
# 
_entity_poly.entity_id                      1 
_entity_poly.type                           'polypeptide(L)' 
_entity_poly.nstd_linkage                   no 
_entity_poly.nstd_monomer                   no 
_entity_poly.pdbx_seq_one_letter_code       
;QEQTGGSGAIYVGNYRVVNRHLATHNDWANLVWEDSSRDLLVSSTTAQGCDTIARCDCQTGVYYCSSRRKHYPVSFSKPS
LIFVEASEYYPARYQSHLMLAVGHSEPGDCGGILRCQHGVVGIVSTGGNGLVGFADVRDLLWLDEEAMEQ
;
_entity_poly.pdbx_seq_one_letter_code_can   
;QEQTGGSGAIYVGNYRVVNRHLATHNDWANLVWEDSSRDLLVSSTTAQGCDTIARCDCQTGVYYCSSRRKHYPVSFSKPS
LIFVEASEYYPARYQSHLMLAVGHSEPGDCGGILRCQHGVVGIVSTGGNGLVGFADVRDLLWLDEEAMEQ
;
_entity_poly.pdbx_strand_id                 A 
_entity_poly.pdbx_target_identifier         ? 
# 
loop_
_pdbx_entity_nonpoly.entity_id 
_pdbx_entity_nonpoly.name 
_pdbx_entity_nonpoly.comp_id 
2 '~{N}-cyclopropyl-1,3-benzodioxole-5-carboxamide' UXA 
3 'ZINC ION'                                        ZN  
4 'DIMETHYL SULFOXIDE'                              DMS 
5 water                                             HOH 
# 
loop_
_entity_poly_seq.entity_id 
_entity_poly_seq.num 
_entity_poly_seq.mon_id 
_entity_poly_seq.hetero 
1 1   GLN n 
1 2   GLU n 
1 3   GLN n 
1 4   THR n 
1 5   GLY n 
1 6   GLY n 
1 7   SER n 
1 8   GLY n 
1 9   ALA n 
1 10  ILE n 
1 11  TYR n 
1 12  VAL n 
1 13  GLY n 
1 14  ASN n 
1 15  TYR n 
1 16  ARG n 
1 17  VAL n 
1 18  VAL n 
1 19  ASN n 
1 20  ARG n 
1 21  HIS n 
1 22  LEU n 
1 23  ALA n 
1 24  THR n 
1 25  HIS n 
1 26  ASN n 
1 27  ASP n 
1 28  TRP n 
1 29  ALA n 
1 30  ASN n 
1 31  LEU n 
1 32  VAL n 
1 33  TRP n 
1 34  GLU n 
1 35  ASP n 
1 36  SER n 
1 37  SER n 
1 38  ARG n 
1 39  ASP n 
1 40  LEU n 
1 41  LEU n 
1 42  VAL n 
1 43  SER n 
1 44  SER n 
1 45  THR n 
1 46  THR n 
1 47  ALA n 
1 48  GLN n 
1 49  GLY n 
1 50  CYS n 
1 51  ASP n 
1 52  THR n 
1 53  ILE n 
1 54  ALA n 
1 55  ARG n 
1 56  CYS n 
1 57  ASP n 
1 58  CYS n 
1 59  GLN n 
1 60  THR n 
1 61  GLY n 
1 62  VAL n 
1 63  TYR n 
1 64  TYR n 
1 65  CYS n 
1 66  SER n 
1 67  SER n 
1 68  ARG n 
1 69  ARG n 
1 70  LYS n 
1 71  HIS n 
1 72  TYR n 
1 73  PRO n 
1 74  VAL n 
1 75  SER n 
1 76  PHE n 
1 77  SER n 
1 78  LYS n 
1 79  PRO n 
1 80  SER n 
1 81  LEU n 
1 82  ILE n 
1 83  PHE n 
1 84  VAL n 
1 85  GLU n 
1 86  ALA n 
1 87  SER n 
1 88  GLU n 
1 89  TYR n 
1 90  TYR n 
1 91  PRO n 
1 92  ALA n 
1 93  ARG n 
1 94  TYR n 
1 95  GLN n 
1 96  SER n 
1 97  HIS n 
1 98  LEU n 
1 99  MET n 
1 100 LEU n 
1 101 ALA n 
1 102 VAL n 
1 103 GLY n 
1 104 HIS n 
1 105 SER n 
1 106 GLU n 
1 107 PRO n 
1 108 GLY n 
1 109 ASP n 
1 110 CYS n 
1 111 GLY n 
1 112 GLY n 
1 113 ILE n 
1 114 LEU n 
1 115 ARG n 
1 116 CYS n 
1 117 GLN n 
1 118 HIS n 
1 119 GLY n 
1 120 VAL n 
1 121 VAL n 
1 122 GLY n 
1 123 ILE n 
1 124 VAL n 
1 125 SER n 
1 126 THR n 
1 127 GLY n 
1 128 GLY n 
1 129 ASN n 
1 130 GLY n 
1 131 LEU n 
1 132 VAL n 
1 133 GLY n 
1 134 PHE n 
1 135 ALA n 
1 136 ASP n 
1 137 VAL n 
1 138 ARG n 
1 139 ASP n 
1 140 LEU n 
1 141 LEU n 
1 142 TRP n 
1 143 LEU n 
1 144 ASP n 
1 145 GLU n 
1 146 GLU n 
1 147 ALA n 
1 148 MET n 
1 149 GLU n 
1 150 GLN n 
# 
loop_
_entity_src_gen.entity_id 
_entity_src_gen.pdbx_src_id 
_entity_src_gen.pdbx_alt_source_flag 
_entity_src_gen.pdbx_seq_type 
_entity_src_gen.pdbx_beg_seq_num 
_entity_src_gen.pdbx_end_seq_num 
_entity_src_gen.gene_src_common_name 
_entity_src_gen.gene_src_genus 
_entity_src_gen.pdbx_gene_src_gene 
_entity_src_gen.gene_src_species 
_entity_src_gen.gene_src_strain 
_entity_src_gen.gene_src_tissue 
_entity_src_gen.gene_src_tissue_fraction 
_entity_src_gen.gene_src_details 
_entity_src_gen.pdbx_gene_src_fragment 
_entity_src_gen.pdbx_gene_src_scientific_name 
_entity_src_gen.pdbx_gene_src_ncbi_taxonomy_id 
_entity_src_gen.pdbx_gene_src_variant 
_entity_src_gen.pdbx_gene_src_cell_line 
_entity_src_gen.pdbx_gene_src_atcc 
_entity_src_gen.pdbx_gene_src_organ 
_entity_src_gen.pdbx_gene_src_organelle 
_entity_src_gen.pdbx_gene_src_cell 
_entity_src_gen.pdbx_gene_src_cellular_location 
_entity_src_gen.host_org_common_name 
_entity_src_gen.pdbx_host_org_scientific_name 
_entity_src_gen.pdbx_host_org_ncbi_taxonomy_id 
_entity_src_gen.host_org_genus 
_entity_src_gen.pdbx_host_org_gene 
_entity_src_gen.pdbx_host_org_organ 
_entity_src_gen.host_org_species 
_entity_src_gen.pdbx_host_org_tissue 
_entity_src_gen.pdbx_host_org_tissue_fraction 
_entity_src_gen.pdbx_host_org_strain 
_entity_src_gen.pdbx_host_org_variant 
_entity_src_gen.pdbx_host_org_cell_line 
_entity_src_gen.pdbx_host_org_atcc 
_entity_src_gen.pdbx_host_org_culture_collection 
_entity_src_gen.pdbx_host_org_cell 
_entity_src_gen.pdbx_host_org_organelle 
_entity_src_gen.pdbx_host_org_cellular_location 
_entity_src_gen.pdbx_host_org_vector_type 
_entity_src_gen.pdbx_host_org_vector 
_entity_src_gen.host_org_details 
_entity_src_gen.expression_system_id 
_entity_src_gen.plasmid_name 
_entity_src_gen.plasmid_details 
_entity_src_gen.pdbx_description 
1 1 sample 'Biological sequence' 1 150 ? ? ? ? ? ? ? ? ? 'Coxsackievirus A16' 31704 ? ? ? ? ? ? ? ? 'Escherichia coli' 562 ? ? ? ? 
? ? ? ? ? ? ? ? ? ? ? ? ? ? ? ? ? 
2 1 sample ?                     ? ?   ? ? ? ? ? ? ? ? ? 'Coxsackievirus A16' 31704 ? ? ? ? ? ? ? ? 'Escherichia coli' 562 ? ? ? ? 
? ? ? ? ? ? ? ? ? ? ? ? ? ? ? ? ? 
# 
loop_
_chem_comp.id 
_chem_comp.type 
_chem_comp.mon_nstd_flag 
_chem_comp.name 
_chem_comp.pdbx_synonyms 
_chem_comp.formula 
_chem_comp.formula_weight 
ALA 'L-peptide linking' y ALANINE                                           ? 'C3 H7 N O2'     89.093  
ARG 'L-peptide linking' y ARGININE                                          ? 'C6 H15 N4 O2 1' 175.209 
ASN 'L-peptide linking' y ASPARAGINE                                        ? 'C4 H8 N2 O3'    132.118 
ASP 'L-peptide linking' y 'ASPARTIC ACID'                                   ? 'C4 H7 N O4'     133.103 
CYS 'L-peptide linking' y CYSTEINE                                          ? 'C3 H7 N O2 S'   121.158 
DMS non-polymer         . 'DIMETHYL SULFOXIDE'                              ? 'C2 H6 O S'      78.133  
GLN 'L-peptide linking' y GLUTAMINE                                         ? 'C5 H10 N2 O3'   146.144 
GLU 'L-peptide linking' y 'GLUTAMIC ACID'                                   ? 'C5 H9 N O4'     147.129 
GLY 'peptide linking'   y GLYCINE                                           ? 'C2 H5 N O2'     75.067  
HIS 'L-peptide linking' y HISTIDINE                                         ? 'C6 H10 N3 O2 1' 156.162 
HOH non-polymer         . WATER                                             ? 'H2 O'           18.015  
ILE 'L-peptide linking' y ISOLEUCINE                                        ? 'C6 H13 N O2'    131.173 
LEU 'L-peptide linking' y LEUCINE                                           ? 'C6 H13 N O2'    131.173 
LYS 'L-peptide linking' y LYSINE                                            ? 'C6 H15 N2 O2 1' 147.195 
MET 'L-peptide linking' y METHIONINE                                        ? 'C5 H11 N O2 S'  149.211 
PHE 'L-peptide linking' y PHENYLALANINE                                     ? 'C9 H11 N O2'    165.189 
PRO 'L-peptide linking' y PROLINE                                           ? 'C5 H9 N O2'     115.130 
SER 'L-peptide linking' y SERINE                                            ? 'C3 H7 N O3'     105.093 
THR 'L-peptide linking' y THREONINE                                         ? 'C4 H9 N O3'     119.119 
TRP 'L-peptide linking' y TRYPTOPHAN                                        ? 'C11 H12 N2 O2'  204.225 
TYR 'L-peptide linking' y TYROSINE                                          ? 'C9 H11 N O3'    181.189 
UXA non-polymer         . '~{N}-cyclopropyl-1,3-benzodioxole-5-carboxamide' ? 'C11 H11 N O3'   205.210 
VAL 'L-peptide linking' y VALINE                                            ? 'C5 H11 N O2'    117.146 
ZN  non-polymer         . 'ZINC ION'                                        ? 'Zn 2'           65.409  
# 
loop_
_pdbx_poly_seq_scheme.asym_id 
_pdbx_poly_seq_scheme.entity_id 
_pdbx_poly_seq_scheme.seq_id 
_pdbx_poly_seq_scheme.mon_id 
_pdbx_poly_seq_scheme.ndb_seq_num 
_pdbx_poly_seq_scheme.pdb_seq_num 
_pdbx_poly_seq_scheme.auth_seq_num 
_pdbx_poly_seq_scheme.pdb_mon_id 
_pdbx_poly_seq_scheme.auth_mon_id 
_pdbx_poly_seq_scheme.pdb_strand_id 
_pdbx_poly_seq_scheme.pdb_ins_code 
_pdbx_poly_seq_scheme.hetero 
A 1 1   GLN 1   1   ?   ?   ?   A . n 
A 1 2   GLU 2   2   ?   ?   ?   A . n 
A 1 3   GLN 3   3   ?   ?   ?   A . n 
A 1 4   THR 4   4   ?   ?   ?   A . n 
A 1 5   GLY 5   5   ?   ?   ?   A . n 
A 1 6   GLY 6   6   ?   ?   ?   A . n 
A 1 7   SER 7   7   7   SER SER A . n 
A 1 8   GLY 8   8   8   GLY GLY A . n 
A 1 9   ALA 9   9   9   ALA ALA A . n 
A 1 10  ILE 10  10  10  ILE ILE A . n 
A 1 11  TYR 11  11  11  TYR TYR A . n 
A 1 12  VAL 12  12  12  VAL VAL A . n 
A 1 13  GLY 13  13  13  GLY GLY A . n 
A 1 14  ASN 14  14  14  ASN ASN A . n 
A 1 15  TYR 15  15  15  TYR TYR A . n 
A 1 16  ARG 16  16  16  ARG ARG A . n 
A 1 17  VAL 17  17  17  VAL VAL A . n 
A 1 18  VAL 18  18  18  VAL VAL A . n 
A 1 19  ASN 19  19  19  ASN ASN A . n 
A 1 20  ARG 20  20  20  ARG ARG A . n 
A 1 21  HIS 21  21  21  HIS HIS A . n 
A 1 22  LEU 22  22  22  LEU LEU A . n 
A 1 23  ALA 23  23  23  ALA ALA A . n 
A 1 24  THR 24  24  24  THR THR A . n 
A 1 25  HIS 25  25  25  HIS HIS A . n 
A 1 26  ASN 26  26  26  ASN ASN A . n 
A 1 27  ASP 27  27  27  ASP ASP A . n 
A 1 28  TRP 28  28  28  TRP TRP A . n 
A 1 29  ALA 29  29  29  ALA ALA A . n 
A 1 30  ASN 30  30  30  ASN ASN A . n 
A 1 31  LEU 31  31  31  LEU LEU A . n 
A 1 32  VAL 32  32  32  VAL VAL A . n 
A 1 33  TRP 33  33  33  TRP TRP A . n 
A 1 34  GLU 34  34  34  GLU GLU A . n 
A 1 35  ASP 35  35  35  ASP ASP A . n 
A 1 36  SER 36  36  36  SER SER A . n 
A 1 37  SER 37  37  37  SER SER A . n 
A 1 38  ARG 38  38  38  ARG ARG A . n 
A 1 39  ASP 39  39  39  ASP ASP A . n 
A 1 40  LEU 40  40  40  LEU LEU A . n 
A 1 41  LEU 41  41  41  LEU LEU A . n 
A 1 42  VAL 42  42  42  VAL VAL A . n 
A 1 43  SER 43  43  43  SER SER A . n 
A 1 44  SER 44  44  44  SER SER A . n 
A 1 45  THR 45  45  45  THR THR A . n 
A 1 46  THR 46  46  46  THR THR A . n 
A 1 47  ALA 47  47  47  ALA ALA A . n 
A 1 48  GLN 48  48  48  GLN GLN A . n 
A 1 49  GLY 49  49  49  GLY GLY A . n 
A 1 50  CYS 50  50  50  CYS CYS A . n 
A 1 51  ASP 51  51  51  ASP ASP A . n 
A 1 52  THR 52  52  52  THR THR A . n 
A 1 53  ILE 53  53  53  ILE ILE A . n 
A 1 54  ALA 54  54  54  ALA ALA A . n 
A 1 55  ARG 55  55  55  ARG ARG A . n 
A 1 56  CYS 56  56  56  CYS CYS A . n 
A 1 57  ASP 57  57  57  ASP ASP A . n 
A 1 58  CYS 58  58  58  CYS CYS A . n 
A 1 59  GLN 59  59  59  GLN GLN A . n 
A 1 60  THR 60  60  60  THR THR A . n 
A 1 61  GLY 61  61  61  GLY GLY A . n 
A 1 62  VAL 62  62  62  VAL VAL A . n 
A 1 63  TYR 63  63  63  TYR TYR A . n 
A 1 64  TYR 64  64  64  TYR TYR A . n 
A 1 65  CYS 65  65  65  CYS CYS A . n 
A 1 66  SER 66  66  66  SER SER A . n 
A 1 67  SER 67  67  67  SER SER A . n 
A 1 68  ARG 68  68  68  ARG ARG A . n 
A 1 69  ARG 69  69  69  ARG ARG A . n 
A 1 70  LYS 70  70  70  LYS LYS A . n 
A 1 71  HIS 71  71  71  HIS HIS A . n 
A 1 72  TYR 72  72  72  TYR TYR A . n 
A 1 73  PRO 73  73  73  PRO PRO A . n 
A 1 74  VAL 74  74  74  VAL VAL A . n 
A 1 75  SER 75  75  75  SER SER A . n 
A 1 76  PHE 76  76  76  PHE PHE A . n 
A 1 77  SER 77  77  77  SER SER A . n 
A 1 78  LYS 78  78  78  LYS LYS A . n 
A 1 79  PRO 79  79  79  PRO PRO A . n 
A 1 80  SER 80  80  80  SER SER A . n 
A 1 81  LEU 81  81  81  LEU LEU A . n 
A 1 82  ILE 82  82  82  ILE ILE A . n 
A 1 83  PHE 83  83  83  PHE PHE A . n 
A 1 84  VAL 84  84  84  VAL VAL A . n 
A 1 85  GLU 85  85  85  GLU GLU A . n 
A 1 86  ALA 86  86  86  ALA ALA A . n 
A 1 87  SER 87  87  87  SER SER A . n 
A 1 88  GLU 88  88  88  GLU GLU A . n 
A 1 89  TYR 89  89  89  TYR TYR A . n 
A 1 90  TYR 90  90  90  TYR TYR A . n 
A 1 91  PRO 91  91  91  PRO PRO A . n 
A 1 92  ALA 92  92  92  ALA ALA A . n 
A 1 93  ARG 93  93  93  ARG ARG A . n 
A 1 94  TYR 94  94  94  TYR TYR A . n 
A 1 95  GLN 95  95  95  GLN GLN A . n 
A 1 96  SER 96  96  96  SER SER A . n 
A 1 97  HIS 97  97  97  HIS HIS A . n 
A 1 98  LEU 98  98  98  LEU LEU A . n 
A 1 99  MET 99  99  99  MET MET A . n 
A 1 100 LEU 100 100 100 LEU LEU A . n 
A 1 101 ALA 101 101 101 ALA ALA A . n 
A 1 102 VAL 102 102 102 VAL VAL A . n 
A 1 103 GLY 103 103 103 GLY GLY A . n 
A 1 104 HIS 104 104 104 HIS HIS A . n 
A 1 105 SER 105 105 105 SER SER A . n 
A 1 106 GLU 106 106 106 GLU GLU A . n 
A 1 107 PRO 107 107 107 PRO PRO A . n 
A 1 108 GLY 108 108 108 GLY GLY A . n 
A 1 109 ASP 109 109 109 ASP ASP A . n 
A 1 110 CYS 110 110 110 CYS CYS A . n 
A 1 111 GLY 111 111 111 GLY GLY A . n 
A 1 112 GLY 112 112 112 GLY GLY A . n 
A 1 113 ILE 113 113 113 ILE ILE A . n 
A 1 114 LEU 114 114 114 LEU LEU A . n 
A 1 115 ARG 115 115 115 ARG ARG A . n 
A 1 116 CYS 116 116 116 CYS CYS A . n 
A 1 117 GLN 117 117 117 GLN GLN A . n 
A 1 118 HIS 118 118 118 HIS HIS A . n 
A 1 119 GLY 119 119 119 GLY GLY A . n 
A 1 120 VAL 120 120 120 VAL VAL A . n 
A 1 121 VAL 121 121 121 VAL VAL A . n 
A 1 122 GLY 122 122 122 GLY GLY A . n 
A 1 123 ILE 123 123 123 ILE ILE A . n 
A 1 124 VAL 124 124 124 VAL VAL A . n 
A 1 125 SER 125 125 125 SER SER A . n 
A 1 126 THR 126 126 126 THR THR A . n 
A 1 127 GLY 127 127 127 GLY GLY A . n 
A 1 128 GLY 128 128 128 GLY GLY A . n 
A 1 129 ASN 129 129 129 ASN ASN A . n 
A 1 130 GLY 130 130 130 GLY GLY A . n 
A 1 131 LEU 131 131 131 LEU LEU A . n 
A 1 132 VAL 132 132 132 VAL VAL A . n 
A 1 133 GLY 133 133 133 GLY GLY A . n 
A 1 134 PHE 134 134 134 PHE PHE A . n 
A 1 135 ALA 135 135 135 ALA ALA A . n 
A 1 136 ASP 136 136 136 ASP ASP A . n 
A 1 137 VAL 137 137 137 VAL VAL A . n 
A 1 138 ARG 138 138 138 ARG ARG A . n 
A 1 139 ASP 139 139 139 ASP ASP A . n 
A 1 140 LEU 140 140 140 LEU LEU A . n 
A 1 141 LEU 141 141 141 LEU LEU A . n 
A 1 142 TRP 142 142 142 TRP TRP A . n 
A 1 143 LEU 143 143 143 LEU LEU A . n 
A 1 144 ASP 144 144 144 ASP ASP A . n 
A 1 145 GLU 145 145 145 GLU GLU A . n 
A 1 146 GLU 146 146 146 GLU GLU A . n 
A 1 147 ALA 147 147 ?   ?   ?   A . n 
A 1 148 MET 148 148 ?   ?   ?   A . n 
A 1 149 GLU 149 149 ?   ?   ?   A . n 
A 1 150 GLN 150 150 ?   ?   ?   A . n 
# 
loop_
_pdbx_nonpoly_scheme.asym_id 
_pdbx_nonpoly_scheme.entity_id 
_pdbx_nonpoly_scheme.mon_id 
_pdbx_nonpoly_scheme.ndb_seq_num 
_pdbx_nonpoly_scheme.pdb_seq_num 
_pdbx_nonpoly_scheme.auth_seq_num 
_pdbx_nonpoly_scheme.pdb_mon_id 
_pdbx_nonpoly_scheme.auth_mon_id 
_pdbx_nonpoly_scheme.pdb_strand_id 
_pdbx_nonpoly_scheme.pdb_ins_code 
B 2 UXA 1   201 147 UXA LIG A . 
C 3 ZN  1   202 1   ZN  ZN  A . 
D 4 DMS 1   203 0   DMS DMS A . 
E 4 DMS 1   204 3   DMS DMS A . 
F 5 HOH 1   301 155 HOH HOH A . 
F 5 HOH 2   302 253 HOH HOH A . 
F 5 HOH 3   303 255 HOH HOH A . 
F 5 HOH 4   304 147 HOH HOH A . 
F 5 HOH 5   305 94  HOH HOH A . 
F 5 HOH 6   306 118 HOH HOH A . 
F 5 HOH 7   307 20  HOH HOH A . 
F 5 HOH 8   308 224 HOH HOH A . 
F 5 HOH 9   309 135 HOH HOH A . 
F 5 HOH 10  310 182 HOH HOH A . 
F 5 HOH 11  311 234 HOH HOH A . 
F 5 HOH 12  312 141 HOH HOH A . 
F 5 HOH 13  313 33  HOH HOH A . 
F 5 HOH 14  314 219 HOH HOH A . 
F 5 HOH 15  315 256 HOH HOH A . 
F 5 HOH 16  316 43  HOH HOH A . 
F 5 HOH 17  317 77  HOH HOH A . 
F 5 HOH 18  318 60  HOH HOH A . 
F 5 HOH 19  319 238 HOH HOH A . 
F 5 HOH 20  320 132 HOH HOH A . 
F 5 HOH 21  321 34  HOH HOH A . 
F 5 HOH 22  322 172 HOH HOH A . 
F 5 HOH 23  323 36  HOH HOH A . 
F 5 HOH 24  324 30  HOH HOH A . 
F 5 HOH 25  325 59  HOH HOH A . 
F 5 HOH 26  326 217 HOH HOH A . 
F 5 HOH 27  327 100 HOH HOH A . 
F 5 HOH 28  328 31  HOH HOH A . 
F 5 HOH 29  329 28  HOH HOH A . 
F 5 HOH 30  330 251 HOH HOH A . 
F 5 HOH 31  331 71  HOH HOH A . 
F 5 HOH 32  332 136 HOH HOH A . 
F 5 HOH 33  333 4   HOH HOH A . 
F 5 HOH 34  334 167 HOH HOH A . 
F 5 HOH 35  335 49  HOH HOH A . 
F 5 HOH 36  336 2   HOH HOH A . 
F 5 HOH 37  337 169 HOH HOH A . 
F 5 HOH 38  338 7   HOH HOH A . 
F 5 HOH 39  339 45  HOH HOH A . 
F 5 HOH 40  340 207 HOH HOH A . 
F 5 HOH 41  341 186 HOH HOH A . 
F 5 HOH 42  342 108 HOH HOH A . 
F 5 HOH 43  343 16  HOH HOH A . 
F 5 HOH 44  344 70  HOH HOH A . 
F 5 HOH 45  345 74  HOH HOH A . 
F 5 HOH 46  346 39  HOH HOH A . 
F 5 HOH 47  347 97  HOH HOH A . 
F 5 HOH 48  348 37  HOH HOH A . 
F 5 HOH 49  349 210 HOH HOH A . 
F 5 HOH 50  350 104 HOH HOH A . 
F 5 HOH 51  351 29  HOH HOH A . 
F 5 HOH 52  352 38  HOH HOH A . 
F 5 HOH 53  353 24  HOH HOH A . 
F 5 HOH 54  354 103 HOH HOH A . 
F 5 HOH 55  355 85  HOH HOH A . 
F 5 HOH 56  356 191 HOH HOH A . 
F 5 HOH 57  357 42  HOH HOH A . 
F 5 HOH 58  358 82  HOH HOH A . 
F 5 HOH 59  359 8   HOH HOH A . 
F 5 HOH 60  360 25  HOH HOH A . 
F 5 HOH 61  361 138 HOH HOH A . 
F 5 HOH 62  362 50  HOH HOH A . 
F 5 HOH 63  363 247 HOH HOH A . 
F 5 HOH 64  364 88  HOH HOH A . 
F 5 HOH 65  365 113 HOH HOH A . 
F 5 HOH 66  366 112 HOH HOH A . 
F 5 HOH 67  367 110 HOH HOH A . 
F 5 HOH 68  368 133 HOH HOH A . 
F 5 HOH 69  369 67  HOH HOH A . 
F 5 HOH 70  370 183 HOH HOH A . 
F 5 HOH 71  371 181 HOH HOH A . 
F 5 HOH 72  372 40  HOH HOH A . 
F 5 HOH 73  373 62  HOH HOH A . 
F 5 HOH 74  374 84  HOH HOH A . 
F 5 HOH 75  375 15  HOH HOH A . 
F 5 HOH 76  376 55  HOH HOH A . 
F 5 HOH 77  377 90  HOH HOH A . 
F 5 HOH 78  378 205 HOH HOH A . 
F 5 HOH 79  379 41  HOH HOH A . 
F 5 HOH 80  380 254 HOH HOH A . 
F 5 HOH 81  381 193 HOH HOH A . 
F 5 HOH 82  382 178 HOH HOH A . 
F 5 HOH 83  383 249 HOH HOH A . 
F 5 HOH 84  384 26  HOH HOH A . 
F 5 HOH 85  385 48  HOH HOH A . 
F 5 HOH 86  386 27  HOH HOH A . 
F 5 HOH 87  387 214 HOH HOH A . 
F 5 HOH 88  388 170 HOH HOH A . 
F 5 HOH 89  389 119 HOH HOH A . 
F 5 HOH 90  390 19  HOH HOH A . 
F 5 HOH 91  391 116 HOH HOH A . 
F 5 HOH 92  392 72  HOH HOH A . 
F 5 HOH 93  393 233 HOH HOH A . 
F 5 HOH 94  394 111 HOH HOH A . 
F 5 HOH 95  395 47  HOH HOH A . 
F 5 HOH 96  396 198 HOH HOH A . 
F 5 HOH 97  397 213 HOH HOH A . 
F 5 HOH 98  398 9   HOH HOH A . 
F 5 HOH 99  399 68  HOH HOH A . 
F 5 HOH 100 400 220 HOH HOH A . 
F 5 HOH 101 401 201 HOH HOH A . 
F 5 HOH 102 402 174 HOH HOH A . 
F 5 HOH 103 403 69  HOH HOH A . 
F 5 HOH 104 404 12  HOH HOH A . 
F 5 HOH 105 405 95  HOH HOH A . 
F 5 HOH 106 406 91  HOH HOH A . 
F 5 HOH 107 407 81  HOH HOH A . 
F 5 HOH 108 408 46  HOH HOH A . 
F 5 HOH 109 409 66  HOH HOH A . 
F 5 HOH 110 410 252 HOH HOH A . 
F 5 HOH 111 411 78  HOH HOH A . 
F 5 HOH 112 412 51  HOH HOH A . 
F 5 HOH 113 413 21  HOH HOH A . 
F 5 HOH 114 414 58  HOH HOH A . 
F 5 HOH 115 415 89  HOH HOH A . 
F 5 HOH 116 416 65  HOH HOH A . 
F 5 HOH 117 417 230 HOH HOH A . 
F 5 HOH 118 418 17  HOH HOH A . 
F 5 HOH 119 419 179 HOH HOH A . 
F 5 HOH 120 420 259 HOH HOH A . 
F 5 HOH 121 421 79  HOH HOH A . 
F 5 HOH 122 422 126 HOH HOH A . 
F 5 HOH 123 423 64  HOH HOH A . 
F 5 HOH 124 424 22  HOH HOH A . 
F 5 HOH 125 425 54  HOH HOH A . 
F 5 HOH 126 426 250 HOH HOH A . 
F 5 HOH 127 427 159 HOH HOH A . 
F 5 HOH 128 428 128 HOH HOH A . 
F 5 HOH 129 429 146 HOH HOH A . 
F 5 HOH 130 430 123 HOH HOH A . 
F 5 HOH 131 431 23  HOH HOH A . 
F 5 HOH 132 432 35  HOH HOH A . 
F 5 HOH 133 433 80  HOH HOH A . 
F 5 HOH 134 434 150 HOH HOH A . 
F 5 HOH 135 435 148 HOH HOH A . 
F 5 HOH 136 436 106 HOH HOH A . 
F 5 HOH 137 437 11  HOH HOH A . 
F 5 HOH 138 438 212 HOH HOH A . 
F 5 HOH 139 439 101 HOH HOH A . 
F 5 HOH 140 440 10  HOH HOH A . 
F 5 HOH 141 441 235 HOH HOH A . 
F 5 HOH 142 442 180 HOH HOH A . 
F 5 HOH 143 443 161 HOH HOH A . 
F 5 HOH 144 444 121 HOH HOH A . 
F 5 HOH 145 445 61  HOH HOH A . 
F 5 HOH 146 446 144 HOH HOH A . 
F 5 HOH 147 447 216 HOH HOH A . 
F 5 HOH 148 448 52  HOH HOH A . 
F 5 HOH 149 449 102 HOH HOH A . 
F 5 HOH 150 450 176 HOH HOH A . 
F 5 HOH 151 451 158 HOH HOH A . 
F 5 HOH 152 452 105 HOH HOH A . 
F 5 HOH 153 453 162 HOH HOH A . 
F 5 HOH 154 454 177 HOH HOH A . 
F 5 HOH 155 455 6   HOH HOH A . 
F 5 HOH 156 456 127 HOH HOH A . 
F 5 HOH 157 457 142 HOH HOH A . 
F 5 HOH 158 458 5   HOH HOH A . 
F 5 HOH 159 459 189 HOH HOH A . 
F 5 HOH 160 460 215 HOH HOH A . 
F 5 HOH 161 461 175 HOH HOH A . 
F 5 HOH 162 462 96  HOH HOH A . 
F 5 HOH 163 463 124 HOH HOH A . 
F 5 HOH 164 464 199 HOH HOH A . 
F 5 HOH 165 465 209 HOH HOH A . 
F 5 HOH 166 466 156 HOH HOH A . 
F 5 HOH 167 467 225 HOH HOH A . 
F 5 HOH 168 468 93  HOH HOH A . 
F 5 HOH 169 469 258 HOH HOH A . 
F 5 HOH 170 470 257 HOH HOH A . 
F 5 HOH 171 471 76  HOH HOH A . 
F 5 HOH 172 472 134 HOH HOH A . 
F 5 HOH 173 473 195 HOH HOH A . 
F 5 HOH 174 474 240 HOH HOH A . 
F 5 HOH 175 475 154 HOH HOH A . 
F 5 HOH 176 476 157 HOH HOH A . 
F 5 HOH 177 477 187 HOH HOH A . 
F 5 HOH 178 478 83  HOH HOH A . 
F 5 HOH 179 479 140 HOH HOH A . 
F 5 HOH 180 480 122 HOH HOH A . 
F 5 HOH 181 481 73  HOH HOH A . 
F 5 HOH 182 482 107 HOH HOH A . 
F 5 HOH 183 483 120 HOH HOH A . 
F 5 HOH 184 484 86  HOH HOH A . 
F 5 HOH 185 485 98  HOH HOH A . 
F 5 HOH 186 486 223 HOH HOH A . 
F 5 HOH 187 487 87  HOH HOH A . 
F 5 HOH 188 488 246 HOH HOH A . 
F 5 HOH 189 489 129 HOH HOH A . 
F 5 HOH 190 490 197 HOH HOH A . 
F 5 HOH 191 491 75  HOH HOH A . 
F 5 HOH 192 492 165 HOH HOH A . 
F 5 HOH 193 493 239 HOH HOH A . 
F 5 HOH 194 494 200 HOH HOH A . 
F 5 HOH 195 495 117 HOH HOH A . 
F 5 HOH 196 496 228 HOH HOH A . 
F 5 HOH 197 497 226 HOH HOH A . 
F 5 HOH 198 498 92  HOH HOH A . 
F 5 HOH 199 499 114 HOH HOH A . 
F 5 HOH 200 500 208 HOH HOH A . 
F 5 HOH 201 501 164 HOH HOH A . 
F 5 HOH 202 502 241 HOH HOH A . 
F 5 HOH 203 503 222 HOH HOH A . 
F 5 HOH 204 504 153 HOH HOH A . 
F 5 HOH 205 505 125 HOH HOH A . 
F 5 HOH 206 506 206 HOH HOH A . 
F 5 HOH 207 507 160 HOH HOH A . 
F 5 HOH 208 508 243 HOH HOH A . 
F 5 HOH 209 509 242 HOH HOH A . 
F 5 HOH 210 510 244 HOH HOH A . 
# 
loop_
_software.classification 
_software.name 
_software.version 
_software.citation_id 
_software.pdbx_ordinal 
refinement       REFMAC  5.8.0267 ? 1 
refinement       REFMAC5 .        ? 2 
'data scaling'   Aimless .        ? 3 
phasing          PHASER  .        ? 4 
'data reduction' XDS     .        ? 5 
# 
_cell.entry_id           7H4H 
_cell.length_a           85.854 
_cell.length_b           56.610 
_cell.length_c           32.163 
_cell.angle_alpha        90.00 
_cell.angle_beta         94.82 
_cell.angle_gamma        90.00 
_cell.Z_PDB              4 
_cell.pdbx_unique_axis   ? 
# 
_symmetry.entry_id                         7H4H 
_symmetry.space_group_name_H-M             'C 1 2 1' 
_symmetry.pdbx_full_space_group_name_H-M   ? 
_symmetry.cell_setting                     ? 
_symmetry.Int_Tables_number                5 
# 
_exptl.entry_id          7H4H 
_exptl.method            'X-RAY DIFFRACTION' 
_exptl.crystals_number   1 
# 
_exptl_crystal.id                    1 
_exptl_crystal.density_meas          ? 
_exptl_crystal.density_Matthews      2.36 
_exptl_crystal.density_percent_sol   47.90 
_exptl_crystal.description           ? 
# 
_exptl_crystal_grow.crystal_id      1 
_exptl_crystal_grow.method          'VAPOR DIFFUSION, SITTING DROP' 
_exptl_crystal_grow.pH              6.05 
_exptl_crystal_grow.temp            293.15 
_exptl_crystal_grow.pdbx_details    '0.1 M MES, pH 6.05, 16 % PEG 20,000' 
_exptl_crystal_grow.temp_details    ? 
_exptl_crystal_grow.pdbx_pH_range   ? 
# 
_diffrn.id                     1 
_diffrn.ambient_temp           100 
_diffrn.crystal_id             1 
_diffrn.ambient_temp_details   ? 
# 
_diffrn_detector.detector               PIXEL 
_diffrn_detector.type                   'DECTRIS EIGER2 XE 16M' 
_diffrn_detector.pdbx_collection_date   2023-12-03 
_diffrn_detector.diffrn_id              1 
_diffrn_detector.details                ? 
# 
_diffrn_radiation.diffrn_id                        1 
_diffrn_radiation.wavelength_id                    1 
_diffrn_radiation.pdbx_diffrn_protocol             'SINGLE WAVELENGTH' 
_diffrn_radiation.pdbx_monochromatic_or_laue_m_l   ? 
_diffrn_radiation.monochromator                    ? 
_diffrn_radiation.pdbx_scattering_type             x-ray 
# 
_diffrn_radiation_wavelength.id           1 
_diffrn_radiation_wavelength.wavelength   0.94055 
_diffrn_radiation_wavelength.wt           1.0 
# 
_diffrn_source.diffrn_id                   1 
_diffrn_source.source                      SYNCHROTRON 
_diffrn_source.type                        'DIAMOND BEAMLINE I03' 
_diffrn_source.pdbx_wavelength_list        0.94055 
_diffrn_source.pdbx_synchrotron_site       Diamond 
_diffrn_source.pdbx_synchrotron_beamline   I03 
_diffrn_source.pdbx_wavelength             ? 
# 
_reflns.entry_id                     7H4H 
_reflns.pdbx_diffrn_id               1 
_reflns.pdbx_ordinal                 1 
_reflns.d_resolution_low             32.05 
_reflns.d_resolution_high            1.19 
_reflns.number_obs                   48325 
_reflns.percent_possible_obs         98.3 
_reflns.pdbx_Rmerge_I_obs            0.079 
_reflns.pdbx_netI_over_sigmaI        9.2 
_reflns.pdbx_redundancy              6.3 
_reflns.pdbx_Rrim_I_all              0.086 
_reflns.pdbx_Rpim_I_all              0.033 
_reflns.pdbx_CC_half                 0.999 
_reflns.pdbx_number_measured_all     305302 
_reflns.pdbx_chi_squared             0.70 
_reflns.observed_criterion_sigma_I   ? 
_reflns.observed_criterion_sigma_F   ? 
_reflns.number_all                   ? 
_reflns.pdbx_Rsym_value              ? 
_reflns.B_iso_Wilson_estimate        ? 
# 
_reflns_shell.pdbx_diffrn_id              1 
_reflns_shell.pdbx_ordinal                1 
_reflns_shell.d_res_high                  1.19 
_reflns_shell.d_res_low                   1.25 
_reflns_shell.number_measured_all         44766 
_reflns_shell.number_unique_obs           7168 
_reflns_shell.Rmerge_I_obs                2.039 
_reflns_shell.pdbx_chi_squared            0.53 
_reflns_shell.pdbx_redundancy             6.2 
_reflns_shell.percent_possible_obs        100.0 
_reflns_shell.pdbx_netI_over_sigmaI_obs   0.8 
_reflns_shell.pdbx_Rrim_I_all             2.233 
_reflns_shell.pdbx_Rpim_I_all             0.892 
_reflns_shell.pdbx_CC_half                0.359 
_reflns_shell.percent_possible_all        ? 
_reflns_shell.pdbx_Rsym_value             ? 
_reflns_shell.meanI_over_sigI_obs         ? 
# 
_refine.pdbx_refine_id                           'X-RAY DIFFRACTION' 
_refine.entry_id                                 7H4H 
_refine.pdbx_diffrn_id                           1 
_refine.pdbx_TLS_residual_ADP_flag               ? 
_refine.ls_number_reflns_obs                     44951 
_refine.ls_number_reflns_all                     ? 
_refine.pdbx_ls_sigma_I                          ? 
_refine.pdbx_ls_sigma_F                          ? 
_refine.pdbx_data_cutoff_high_absF               ? 
_refine.pdbx_data_cutoff_low_absF                ? 
_refine.pdbx_data_cutoff_high_rms_absF           ? 
_refine.ls_d_res_low                             32.07 
_refine.ls_d_res_high                            1.19 
_refine.ls_percent_reflns_obs                    96.04 
_refine.ls_R_factor_obs                          0.34189 
_refine.ls_R_factor_all                          ? 
_refine.ls_R_factor_R_work                       0.33935 
_refine.ls_R_factor_R_free                       0.38971 
_refine.ls_R_factor_R_free_error                 ? 
_refine.ls_R_factor_R_free_error_details         ? 
_refine.ls_percent_reflns_R_free                 4.9 
_refine.ls_number_reflns_R_free                  2305 
_refine.ls_number_parameters                     ? 
_refine.ls_number_restraints                     ? 
_refine.occupancy_min                            ? 
_refine.occupancy_max                            ? 
_refine.correlation_coeff_Fo_to_Fc               0.912 
_refine.correlation_coeff_Fo_to_Fc_free          0.872 
_refine.B_iso_mean                               27.263 
_refine.aniso_B[1][1]                            -0.07 
_refine.aniso_B[2][2]                            -0.16 
_refine.aniso_B[3][3]                            0.12 
_refine.aniso_B[1][2]                            -0.00 
_refine.aniso_B[1][3]                            0.61 
_refine.aniso_B[2][3]                            -0.00 
_refine.solvent_model_details                    MASK 
_refine.solvent_model_param_ksol                 ? 
_refine.solvent_model_param_bsol                 ? 
_refine.pdbx_solvent_vdw_probe_radii             1.20 
_refine.pdbx_solvent_ion_probe_radii             0.80 
_refine.pdbx_solvent_shrinkage_radii             0.80 
_refine.pdbx_ls_cross_valid_method               THROUGHOUT 
_refine.details                                  'HYDROGENS HAVE BEEN ADDED IN THE RIDING POSITIONS' 
_refine.pdbx_starting_model                      ? 
_refine.pdbx_method_to_determine_struct          'MOLECULAR REPLACEMENT' 
_refine.pdbx_isotropic_thermal_model             ? 
_refine.pdbx_stereochemistry_target_values       'MAXIMUM LIKELIHOOD' 
_refine.pdbx_stereochem_target_val_spec_case     ? 
_refine.pdbx_R_Free_selection_details            RANDOM 
_refine.pdbx_overall_ESU_R                       0.107 
_refine.pdbx_overall_ESU_R_Free                  0.109 
_refine.overall_SU_ML                            0.184 
_refine.pdbx_overall_phase_error                 ? 
_refine.overall_SU_B                             4.163 
_refine.overall_SU_R_Cruickshank_DPI             ? 
_refine.pdbx_overall_SU_R_free_Cruickshank_DPI   ? 
_refine.pdbx_overall_SU_R_Blow_DPI               ? 
_refine.pdbx_overall_SU_R_free_Blow_DPI          ? 
# 
_refine_hist.pdbx_refine_id                   'X-RAY DIFFRACTION' 
_refine_hist.cycle_id                         1 
_refine_hist.pdbx_number_atoms_protein        1083 
_refine_hist.pdbx_number_atoms_nucleic_acid   0 
_refine_hist.pdbx_number_atoms_ligand         24 
_refine_hist.number_atoms_solvent             210 
_refine_hist.number_atoms_total               1317 
_refine_hist.d_res_high                       1.19 
_refine_hist.d_res_low                        32.07 
# 
loop_
_refine_ls_restr.type 
_refine_ls_restr.dev_ideal 
_refine_ls_restr.dev_ideal_target 
_refine_ls_restr.weight 
_refine_ls_restr.number 
_refine_ls_restr.pdbx_refine_id 
_refine_ls_restr.pdbx_restraint_function 
r_bond_refined_d             0.006  0.015  ? 2797 'X-RAY DIFFRACTION' ? 
r_bond_other_d               0.002  0.014  ? 1860 'X-RAY DIFFRACTION' ? 
r_angle_refined_deg          1.520  1.632  ? 2849 'X-RAY DIFFRACTION' ? 
r_angle_other_deg            1.246  1.591  ? 4276 'X-RAY DIFFRACTION' ? 
r_dihedral_angle_1_deg       7.588  5.000  ? 268  'X-RAY DIFFRACTION' ? 
r_dihedral_angle_2_deg       31.074 21.402 ? 107  'X-RAY DIFFRACTION' ? 
r_dihedral_angle_3_deg       14.831 15.000 ? 298  'X-RAY DIFFRACTION' ? 
r_dihedral_angle_4_deg       16.754 15.000 ? 15   'X-RAY DIFFRACTION' ? 
r_chiral_restr               0.060  0.200  ? 262  'X-RAY DIFFRACTION' ? 
r_gen_planes_refined         0.007  0.020  ? 2525 'X-RAY DIFFRACTION' ? 
r_gen_planes_other           0.001  0.020  ? 505  'X-RAY DIFFRACTION' ? 
r_nbd_refined                ?      ?      ? ?    'X-RAY DIFFRACTION' ? 
r_nbd_other                  ?      ?      ? ?    'X-RAY DIFFRACTION' ? 
r_nbtor_refined              ?      ?      ? ?    'X-RAY DIFFRACTION' ? 
r_nbtor_other                ?      ?      ? ?    'X-RAY DIFFRACTION' ? 
r_xyhbond_nbd_refined        ?      ?      ? ?    'X-RAY DIFFRACTION' ? 
r_xyhbond_nbd_other          ?      ?      ? ?    'X-RAY DIFFRACTION' ? 
r_metal_ion_refined          ?      ?      ? ?    'X-RAY DIFFRACTION' ? 
r_metal_ion_other            ?      ?      ? ?    'X-RAY DIFFRACTION' ? 
r_symmetry_vdw_refined       ?      ?      ? ?    'X-RAY DIFFRACTION' ? 
r_symmetry_vdw_other         ?      ?      ? ?    'X-RAY DIFFRACTION' ? 
r_symmetry_hbond_refined     ?      ?      ? ?    'X-RAY DIFFRACTION' ? 
r_symmetry_hbond_other       ?      ?      ? ?    'X-RAY DIFFRACTION' ? 
r_symmetry_metal_ion_refined ?      ?      ? ?    'X-RAY DIFFRACTION' ? 
r_symmetry_metal_ion_other   ?      ?      ? ?    'X-RAY DIFFRACTION' ? 
r_mcbond_it                  1.335  2.781  ? 1445 'X-RAY DIFFRACTION' ? 
r_mcbond_other               1.362  2.736  ? 1387 'X-RAY DIFFRACTION' ? 
r_mcangle_it                 2.613  3.965  ? 1320 'X-RAY DIFFRACTION' ? 
r_mcangle_other              2.612  3.966  ? 1321 'X-RAY DIFFRACTION' ? 
r_scbond_it                  1.017  3.045  ? 1348 'X-RAY DIFFRACTION' ? 
r_scbond_other               1.021  3.014  ? 1336 'X-RAY DIFFRACTION' ? 
r_scangle_it                 ?      ?      ? ?    'X-RAY DIFFRACTION' ? 
r_scangle_other              1.782  4.281  ? 1508 'X-RAY DIFFRACTION' ? 
r_long_range_B_refined       9.475  34.319 ? 2786 'X-RAY DIFFRACTION' ? 
r_long_range_B_other         9.474  34.332 ? 2787 'X-RAY DIFFRACTION' ? 
r_rigid_bond_restr           ?      ?      ? ?    'X-RAY DIFFRACTION' ? 
r_sphericity_free            ?      ?      ? ?    'X-RAY DIFFRACTION' ? 
r_sphericity_bonded          ?      ?      ? ?    'X-RAY DIFFRACTION' ? 
# 
_refine_ls_shell.pdbx_refine_id                   'X-RAY DIFFRACTION' 
_refine_ls_shell.pdbx_total_number_of_bins_used   20 
_refine_ls_shell.d_res_high                       1.190 
_refine_ls_shell.d_res_low                        1.221 
_refine_ls_shell.number_reflns_R_work             3127 
_refine_ls_shell.R_factor_R_work                  0.401 
_refine_ls_shell.percent_reflns_obs               91.11 
_refine_ls_shell.R_factor_R_free                  0.397 
_refine_ls_shell.R_factor_R_free_error            ? 
_refine_ls_shell.percent_reflns_R_free            ? 
_refine_ls_shell.number_reflns_R_free             152 
_refine_ls_shell.number_reflns_all                ? 
_refine_ls_shell.R_factor_all                     ? 
# 
_struct.entry_id                  7H4H 
_struct.title                     
;Group deposition for crystallographic fragment screening of Coxsackievirus A16 (G-10) 2A protease -- Crystal structure of Coxsackievirus A16 (G-10) 2A protease in complex with Z32367954 (A71EV2A-x0853)
;
_struct.pdbx_model_details        ? 
_struct.pdbx_CASP_flag            ? 
_struct.pdbx_model_type_details   ? 
# 
_struct_keywords.entry_id        7H4H 
_struct_keywords.pdbx_keywords   HYDROLASE 
_struct_keywords.text            
;Diamond Light Source, I03, ASAP, Coxsackievirus A16, crystallographic fragment screening, PanDDA, Pandda2, XChemExplorer, viral protein, HYDROLASE
;
# 
loop_
_struct_asym.id 
_struct_asym.pdbx_blank_PDB_chainid_flag 
_struct_asym.pdbx_modified 
_struct_asym.entity_id 
_struct_asym.details 
A N N 1 ? 
B N N 2 ? 
C N N 3 ? 
D N N 4 ? 
E N N 4 ? 
F N N 5 ? 
# 
_struct_ref.id                         1 
_struct_ref.db_name                    UNP 
_struct_ref.db_code                    POLG_CX16G 
_struct_ref.pdbx_db_accession          Q65900 
_struct_ref.pdbx_db_isoform            ? 
_struct_ref.entity_id                  1 
_struct_ref.pdbx_seq_one_letter_code   
;SGAIYVGNYRVVNRHLATHNDWANLVWEDSSRDLLVSSTTAQGCDTIARCDCQTGVYYCSSRRKHYPVSFSKPSLIFVEA
SEYYPARYQSHLMLAVGHSEPGDCGGILRCQHGVVGIVSTGGNGLVGFADVRDLLWLDEEAMEQ
;
_struct_ref.pdbx_align_begin           869 
# 
_struct_ref_seq.align_id                      1 
_struct_ref_seq.ref_id                        1 
_struct_ref_seq.pdbx_PDB_id_code              7H4H 
_struct_ref_seq.pdbx_strand_id                A 
_struct_ref_seq.seq_align_beg                 7 
_struct_ref_seq.pdbx_seq_align_beg_ins_code   ? 
_struct_ref_seq.seq_align_end                 150 
_struct_ref_seq.pdbx_seq_align_end_ins_code   ? 
_struct_ref_seq.pdbx_db_accession             Q65900 
_struct_ref_seq.db_align_beg                  869 
_struct_ref_seq.pdbx_db_align_beg_ins_code    ? 
_struct_ref_seq.db_align_end                  1012 
_struct_ref_seq.pdbx_db_align_end_ins_code    ? 
_struct_ref_seq.pdbx_auth_seq_align_beg       7 
_struct_ref_seq.pdbx_auth_seq_align_end       150 
# 
loop_
_struct_ref_seq_dif.align_id 
_struct_ref_seq_dif.pdbx_pdb_id_code 
_struct_ref_seq_dif.mon_id 
_struct_ref_seq_dif.pdbx_pdb_strand_id 
_struct_ref_seq_dif.seq_num 
_struct_ref_seq_dif.pdbx_pdb_ins_code 
_struct_ref_seq_dif.pdbx_seq_db_name 
_struct_ref_seq_dif.pdbx_seq_db_accession_code 
_struct_ref_seq_dif.db_mon_id 
_struct_ref_seq_dif.pdbx_seq_db_seq_num 
_struct_ref_seq_dif.details 
_struct_ref_seq_dif.pdbx_auth_seq_num 
_struct_ref_seq_dif.pdbx_ordinal 
1 7H4H GLN A 1 ? UNP Q65900 ? ? 'expression tag' 1 1 
1 7H4H GLU A 2 ? UNP Q65900 ? ? 'expression tag' 2 2 
1 7H4H GLN A 3 ? UNP Q65900 ? ? 'expression tag' 3 3 
1 7H4H THR A 4 ? UNP Q65900 ? ? 'expression tag' 4 4 
1 7H4H GLY A 5 ? UNP Q65900 ? ? 'expression tag' 5 5 
1 7H4H GLY A 6 ? UNP Q65900 ? ? 'expression tag' 6 6 
# 
_pdbx_struct_assembly.id                   1 
_pdbx_struct_assembly.details              author_and_software_defined_assembly 
_pdbx_struct_assembly.method_details       PISA 
_pdbx_struct_assembly.oligomeric_details   monomeric 
_pdbx_struct_assembly.oligomeric_count     1 
# 
loop_
_pdbx_struct_assembly_prop.biol_id 
_pdbx_struct_assembly_prop.type 
_pdbx_struct_assembly_prop.value 
_pdbx_struct_assembly_prop.details 
1 'ABSA (A^2)' 220  ? 
1 MORE         -1   ? 
1 'SSA (A^2)'  7150 ? 
# 
_pdbx_struct_assembly_gen.assembly_id       1 
_pdbx_struct_assembly_gen.oper_expression   1 
_pdbx_struct_assembly_gen.asym_id_list      A,B,C,D,E,F 
# 
_pdbx_struct_oper_list.id                   1 
_pdbx_struct_oper_list.type                 'identity operation' 
_pdbx_struct_oper_list.name                 1_555 
_pdbx_struct_oper_list.symmetry_operation   x,y,z 
_pdbx_struct_oper_list.matrix[1][1]         1.0000000000 
_pdbx_struct_oper_list.matrix[1][2]         0.0000000000 
_pdbx_struct_oper_list.matrix[1][3]         0.0000000000 
_pdbx_struct_oper_list.vector[1]            0.0000000000 
_pdbx_struct_oper_list.matrix[2][1]         0.0000000000 
_pdbx_struct_oper_list.matrix[2][2]         1.0000000000 
_pdbx_struct_oper_list.matrix[2][3]         0.0000000000 
_pdbx_struct_oper_list.vector[2]            0.0000000000 
_pdbx_struct_oper_list.matrix[3][1]         0.0000000000 
_pdbx_struct_oper_list.matrix[3][2]         0.0000000000 
_pdbx_struct_oper_list.matrix[3][3]         1.0000000000 
_pdbx_struct_oper_list.vector[3]            0.0000000000 
# 
loop_
_struct_conf.conf_type_id 
_struct_conf.id 
_struct_conf.pdbx_PDB_helix_id 
_struct_conf.beg_label_comp_id 
_struct_conf.beg_label_asym_id 
_struct_conf.beg_label_seq_id 
_struct_conf.pdbx_beg_PDB_ins_code 
_struct_conf.end_label_comp_id 
_struct_conf.end_label_asym_id 
_struct_conf.end_label_seq_id 
_struct_conf.pdbx_end_PDB_ins_code 
_struct_conf.beg_auth_comp_id 
_struct_conf.beg_auth_asym_id 
_struct_conf.beg_auth_seq_id 
_struct_conf.end_auth_comp_id 
_struct_conf.end_auth_asym_id 
_struct_conf.end_auth_seq_id 
_struct_conf.pdbx_PDB_helix_class 
_struct_conf.details 
_struct_conf.pdbx_PDB_helix_length 
HELX_P HELX_P1 AA1 HIS A 21  ? ALA A 23  ? HIS A 21  ALA A 23  5 ? 3 
HELX_P HELX_P2 AA2 THR A 24  ? ASN A 30  ? THR A 24  ASN A 30  1 ? 7 
HELX_P HELX_P3 AA3 GLU A 106 ? CYS A 110 ? GLU A 106 CYS A 110 5 ? 5 
HELX_P HELX_P4 AA4 LEU A 140 ? GLU A 145 ? LEU A 140 GLU A 145 5 ? 6 
# 
_struct_conf_type.id          HELX_P 
_struct_conf_type.criteria    ? 
_struct_conf_type.reference   ? 
# 
loop_
_struct_conn.id 
_struct_conn.conn_type_id 
_struct_conn.pdbx_leaving_atom_flag 
_struct_conn.pdbx_PDB_id 
_struct_conn.ptnr1_label_asym_id 
_struct_conn.ptnr1_label_comp_id 
_struct_conn.ptnr1_label_seq_id 
_struct_conn.ptnr1_label_atom_id 
_struct_conn.pdbx_ptnr1_label_alt_id 
_struct_conn.pdbx_ptnr1_PDB_ins_code 
_struct_conn.pdbx_ptnr1_standard_comp_id 
_struct_conn.ptnr1_symmetry 
_struct_conn.ptnr2_label_asym_id 
_struct_conn.ptnr2_label_comp_id 
_struct_conn.ptnr2_label_seq_id 
_struct_conn.ptnr2_label_atom_id 
_struct_conn.pdbx_ptnr2_label_alt_id 
_struct_conn.pdbx_ptnr2_PDB_ins_code 
_struct_conn.ptnr1_auth_asym_id 
_struct_conn.ptnr1_auth_comp_id 
_struct_conn.ptnr1_auth_seq_id 
_struct_conn.ptnr2_auth_asym_id 
_struct_conn.ptnr2_auth_comp_id 
_struct_conn.ptnr2_auth_seq_id 
_struct_conn.ptnr2_symmetry 
_struct_conn.pdbx_ptnr3_label_atom_id 
_struct_conn.pdbx_ptnr3_label_seq_id 
_struct_conn.pdbx_ptnr3_label_comp_id 
_struct_conn.pdbx_ptnr3_label_asym_id 
_struct_conn.pdbx_ptnr3_label_alt_id 
_struct_conn.pdbx_ptnr3_PDB_ins_code 
_struct_conn.details 
_struct_conn.pdbx_dist_value 
_struct_conn.pdbx_value_order 
_struct_conn.pdbx_role 
metalc1 metalc ? ? A CYS 56  SG  ? ? ? 1_555 C ZN . ZN ? ? A CYS 56  A ZN 202 1_555 ? ? ? ? ? ? ? 2.341 ? ? 
metalc2 metalc ? ? A CYS 58  SG  ? ? ? 1_555 C ZN . ZN ? ? A CYS 58  A ZN 202 1_555 ? ? ? ? ? ? ? 2.254 ? ? 
metalc3 metalc ? ? A CYS 116 SG  ? ? ? 1_555 C ZN . ZN ? ? A CYS 116 A ZN 202 1_555 ? ? ? ? ? ? ? 2.436 ? ? 
metalc4 metalc ? ? A HIS 118 ND1 ? ? ? 1_555 C ZN . ZN ? ? A HIS 118 A ZN 202 1_555 ? ? ? ? ? ? ? 2.074 ? ? 
# 
_struct_conn_type.id          metalc 
_struct_conn_type.criteria    ? 
_struct_conn_type.reference   ? 
# 
loop_
_pdbx_struct_conn_angle.id 
_pdbx_struct_conn_angle.ptnr1_label_atom_id 
_pdbx_struct_conn_angle.ptnr1_label_alt_id 
_pdbx_struct_conn_angle.ptnr1_label_asym_id 
_pdbx_struct_conn_angle.ptnr1_label_comp_id 
_pdbx_struct_conn_angle.ptnr1_label_seq_id 
_pdbx_struct_conn_angle.ptnr1_auth_atom_id 
_pdbx_struct_conn_angle.ptnr1_auth_asym_id 
_pdbx_struct_conn_angle.ptnr1_auth_comp_id 
_pdbx_struct_conn_angle.ptnr1_auth_seq_id 
_pdbx_struct_conn_angle.ptnr1_PDB_ins_code 
_pdbx_struct_conn_angle.ptnr1_symmetry 
_pdbx_struct_conn_angle.ptnr2_label_atom_id 
_pdbx_struct_conn_angle.ptnr2_label_alt_id 
_pdbx_struct_conn_angle.ptnr2_label_asym_id 
_pdbx_struct_conn_angle.ptnr2_label_comp_id 
_pdbx_struct_conn_angle.ptnr2_label_seq_id 
_pdbx_struct_conn_angle.ptnr2_auth_atom_id 
_pdbx_struct_conn_angle.ptnr2_auth_asym_id 
_pdbx_struct_conn_angle.ptnr2_auth_comp_id 
_pdbx_struct_conn_angle.ptnr2_auth_seq_id 
_pdbx_struct_conn_angle.ptnr2_PDB_ins_code 
_pdbx_struct_conn_angle.ptnr2_symmetry 
_pdbx_struct_conn_angle.ptnr3_label_atom_id 
_pdbx_struct_conn_angle.ptnr3_label_alt_id 
_pdbx_struct_conn_angle.ptnr3_label_asym_id 
_pdbx_struct_conn_angle.ptnr3_label_comp_id 
_pdbx_struct_conn_angle.ptnr3_label_seq_id 
_pdbx_struct_conn_angle.ptnr3_auth_atom_id 
_pdbx_struct_conn_angle.ptnr3_auth_asym_id 
_pdbx_struct_conn_angle.ptnr3_auth_comp_id 
_pdbx_struct_conn_angle.ptnr3_auth_seq_id 
_pdbx_struct_conn_angle.ptnr3_PDB_ins_code 
_pdbx_struct_conn_angle.ptnr3_symmetry 
_pdbx_struct_conn_angle.value 
_pdbx_struct_conn_angle.value_esd 
1 SG ? A CYS 56  ? A CYS 56  ? 1_555 ZN ? C ZN . ? A ZN 202 ? 1_555 SG  ? A CYS 58  ? A CYS 58  ? 1_555 112.5 ? 
2 SG ? A CYS 56  ? A CYS 56  ? 1_555 ZN ? C ZN . ? A ZN 202 ? 1_555 SG  ? A CYS 116 ? A CYS 116 ? 1_555 105.7 ? 
3 SG ? A CYS 58  ? A CYS 58  ? 1_555 ZN ? C ZN . ? A ZN 202 ? 1_555 SG  ? A CYS 116 ? A CYS 116 ? 1_555 116.9 ? 
4 SG ? A CYS 56  ? A CYS 56  ? 1_555 ZN ? C ZN . ? A ZN 202 ? 1_555 ND1 ? A HIS 118 ? A HIS 118 ? 1_555 104.4 ? 
5 SG ? A CYS 58  ? A CYS 58  ? 1_555 ZN ? C ZN . ? A ZN 202 ? 1_555 ND1 ? A HIS 118 ? A HIS 118 ? 1_555 101.7 ? 
6 SG ? A CYS 116 ? A CYS 116 ? 1_555 ZN ? C ZN . ? A ZN 202 ? 1_555 ND1 ? A HIS 118 ? A HIS 118 ? 1_555 115.0 ? 
# 
loop_
_struct_sheet.id 
_struct_sheet.type 
_struct_sheet.number_strands 
_struct_sheet.details 
AA1 ? 4 ? 
AA2 ? 7 ? 
# 
loop_
_struct_sheet_order.sheet_id 
_struct_sheet_order.range_id_1 
_struct_sheet_order.range_id_2 
_struct_sheet_order.offset 
_struct_sheet_order.sense 
AA1 1 2 ? anti-parallel 
AA1 2 3 ? anti-parallel 
AA1 3 4 ? anti-parallel 
AA2 1 2 ? anti-parallel 
AA2 2 3 ? anti-parallel 
AA2 3 4 ? anti-parallel 
AA2 4 5 ? anti-parallel 
AA2 5 6 ? anti-parallel 
AA2 6 7 ? anti-parallel 
# 
loop_
_struct_sheet_range.sheet_id 
_struct_sheet_range.id 
_struct_sheet_range.beg_label_comp_id 
_struct_sheet_range.beg_label_asym_id 
_struct_sheet_range.beg_label_seq_id 
_struct_sheet_range.pdbx_beg_PDB_ins_code 
_struct_sheet_range.end_label_comp_id 
_struct_sheet_range.end_label_asym_id 
_struct_sheet_range.end_label_seq_id 
_struct_sheet_range.pdbx_end_PDB_ins_code 
_struct_sheet_range.beg_auth_comp_id 
_struct_sheet_range.beg_auth_asym_id 
_struct_sheet_range.beg_auth_seq_id 
_struct_sheet_range.end_auth_comp_id 
_struct_sheet_range.end_auth_asym_id 
_struct_sheet_range.end_auth_seq_id 
AA1 1 ILE A 10  ? VAL A 12  ? ILE A 10  VAL A 12  
AA1 2 TYR A 15  ? ASN A 19  ? TYR A 15  ASN A 19  
AA1 3 LEU A 40  ? SER A 44  ? LEU A 40  SER A 44  
AA1 4 LEU A 31  ? ASP A 35  ? LEU A 31  ASP A 35  
AA2 1 LYS A 70  ? SER A 75  ? LYS A 70  SER A 75  
AA2 2 THR A 60  ? CYS A 65  ? THR A 60  CYS A 65  
AA2 3 ILE A 113 ? CYS A 116 ? ILE A 113 CYS A 116 
AA2 4 GLY A 119 ? GLY A 128 ? GLY A 119 GLY A 128 
AA2 5 LEU A 131 ? ASP A 136 ? LEU A 131 ASP A 136 
AA2 6 ARG A 93  ? VAL A 102 ? ARG A 93  VAL A 102 
AA2 7 SER A 80  ? VAL A 84  ? SER A 80  VAL A 84  
# 
loop_
_pdbx_struct_sheet_hbond.sheet_id 
_pdbx_struct_sheet_hbond.range_id_1 
_pdbx_struct_sheet_hbond.range_id_2 
_pdbx_struct_sheet_hbond.range_1_label_atom_id 
_pdbx_struct_sheet_hbond.range_1_label_comp_id 
_pdbx_struct_sheet_hbond.range_1_label_asym_id 
_pdbx_struct_sheet_hbond.range_1_label_seq_id 
_pdbx_struct_sheet_hbond.range_1_PDB_ins_code 
_pdbx_struct_sheet_hbond.range_1_auth_atom_id 
_pdbx_struct_sheet_hbond.range_1_auth_comp_id 
_pdbx_struct_sheet_hbond.range_1_auth_asym_id 
_pdbx_struct_sheet_hbond.range_1_auth_seq_id 
_pdbx_struct_sheet_hbond.range_2_label_atom_id 
_pdbx_struct_sheet_hbond.range_2_label_comp_id 
_pdbx_struct_sheet_hbond.range_2_label_asym_id 
_pdbx_struct_sheet_hbond.range_2_label_seq_id 
_pdbx_struct_sheet_hbond.range_2_PDB_ins_code 
_pdbx_struct_sheet_hbond.range_2_auth_atom_id 
_pdbx_struct_sheet_hbond.range_2_auth_comp_id 
_pdbx_struct_sheet_hbond.range_2_auth_asym_id 
_pdbx_struct_sheet_hbond.range_2_auth_seq_id 
AA1 1 2 N ILE A 10  ? N ILE A 10  O VAL A 17  ? O VAL A 17  
AA1 2 3 N ARG A 16  ? N ARG A 16  O SER A 43  ? O SER A 43  
AA1 3 4 O VAL A 42  ? O VAL A 42  N TRP A 33  ? N TRP A 33  
AA2 1 2 O VAL A 74  ? O VAL A 74  N GLY A 61  ? N GLY A 61  
AA2 2 3 N VAL A 62  ? N VAL A 62  O ARG A 115 ? O ARG A 115 
AA2 3 4 N LEU A 114 ? N LEU A 114 O VAL A 121 ? O VAL A 121 
AA2 4 5 N ILE A 123 ? N ILE A 123 O ALA A 135 ? O ALA A 135 
AA2 5 6 O PHE A 134 ? O PHE A 134 N MET A 99  ? N MET A 99  
AA2 6 7 O ARG A 93  ? O ARG A 93  N VAL A 84  ? N VAL A 84  
# 
_pdbx_entry_details.entry_id                   7H4H 
_pdbx_entry_details.compound_details           ? 
_pdbx_entry_details.source_details             ? 
_pdbx_entry_details.nonpolymer_details         ? 
_pdbx_entry_details.sequence_details           ? 
_pdbx_entry_details.has_ligand_of_interest     ? 
_pdbx_entry_details.has_protein_modification   N 
# 
loop_
_pdbx_validate_close_contact.id 
_pdbx_validate_close_contact.PDB_model_num 
_pdbx_validate_close_contact.auth_atom_id_1 
_pdbx_validate_close_contact.auth_asym_id_1 
_pdbx_validate_close_contact.auth_comp_id_1 
_pdbx_validate_close_contact.auth_seq_id_1 
_pdbx_validate_close_contact.PDB_ins_code_1 
_pdbx_validate_close_contact.label_alt_id_1 
_pdbx_validate_close_contact.auth_atom_id_2 
_pdbx_validate_close_contact.auth_asym_id_2 
_pdbx_validate_close_contact.auth_comp_id_2 
_pdbx_validate_close_contact.auth_seq_id_2 
_pdbx_validate_close_contact.PDB_ins_code_2 
_pdbx_validate_close_contact.label_alt_id_2 
_pdbx_validate_close_contact.dist 
1 1 O  A HOH 424 ? ? O A HOH 455 ? ? 1.79 
2 1 O  A HOH 329 ? ? O A HOH 404 ? ? 1.93 
3 1 O  A HOH 345 ? ? O A HOH 383 ? ? 2.04 
4 1 O  A HOH 360 ? ? O A HOH 416 ? ? 2.11 
5 1 OG A SER 37  ? ? O A HOH 304 ? ? 2.12 
6 1 OH A TYR 15  ? ? O A HOH 305 ? ? 2.18 
# 
loop_
_pdbx_validate_symm_contact.id 
_pdbx_validate_symm_contact.PDB_model_num 
_pdbx_validate_symm_contact.auth_atom_id_1 
_pdbx_validate_symm_contact.auth_asym_id_1 
_pdbx_validate_symm_contact.auth_comp_id_1 
_pdbx_validate_symm_contact.auth_seq_id_1 
_pdbx_validate_symm_contact.PDB_ins_code_1 
_pdbx_validate_symm_contact.label_alt_id_1 
_pdbx_validate_symm_contact.site_symmetry_1 
_pdbx_validate_symm_contact.auth_atom_id_2 
_pdbx_validate_symm_contact.auth_asym_id_2 
_pdbx_validate_symm_contact.auth_comp_id_2 
_pdbx_validate_symm_contact.auth_seq_id_2 
_pdbx_validate_symm_contact.PDB_ins_code_2 
_pdbx_validate_symm_contact.label_alt_id_2 
_pdbx_validate_symm_contact.site_symmetry_2 
_pdbx_validate_symm_contact.dist 
1 1 O A HOH 367 ? ? 1_555 O A HOH 421 ? ? 1_556 1.88 
2 1 O A HOH 308 ? ? 1_555 O A HOH 378 ? ? 1_554 2.07 
3 1 O A HOH 340 ? ? 1_555 O A HOH 488 ? ? 1_554 2.19 
# 
loop_
_pdbx_validate_torsion.id 
_pdbx_validate_torsion.PDB_model_num 
_pdbx_validate_torsion.auth_comp_id 
_pdbx_validate_torsion.auth_asym_id 
_pdbx_validate_torsion.auth_seq_id 
_pdbx_validate_torsion.PDB_ins_code 
_pdbx_validate_torsion.label_alt_id 
_pdbx_validate_torsion.phi 
_pdbx_validate_torsion.psi 
1 1 VAL A 32 ? ? -123.55 -50.33 
2 1 ALA A 86 ? ? -31.60  118.64 
# 
loop_
_pdbx_distant_solvent_atoms.id 
_pdbx_distant_solvent_atoms.PDB_model_num 
_pdbx_distant_solvent_atoms.auth_atom_id 
_pdbx_distant_solvent_atoms.label_alt_id 
_pdbx_distant_solvent_atoms.auth_asym_id 
_pdbx_distant_solvent_atoms.auth_comp_id 
_pdbx_distant_solvent_atoms.auth_seq_id 
_pdbx_distant_solvent_atoms.PDB_ins_code 
_pdbx_distant_solvent_atoms.neighbor_macromolecule_distance 
_pdbx_distant_solvent_atoms.neighbor_ligand_distance 
1 1 O ? A HOH 509 ? 7.07 . 
2 1 O ? A HOH 510 ? 8.26 . 
# 
loop_
_pdbx_unobs_or_zero_occ_residues.id 
_pdbx_unobs_or_zero_occ_residues.PDB_model_num 
_pdbx_unobs_or_zero_occ_residues.polymer_flag 
_pdbx_unobs_or_zero_occ_residues.occupancy_flag 
_pdbx_unobs_or_zero_occ_residues.auth_asym_id 
_pdbx_unobs_or_zero_occ_residues.auth_comp_id 
_pdbx_unobs_or_zero_occ_residues.auth_seq_id 
_pdbx_unobs_or_zero_occ_residues.PDB_ins_code 
_pdbx_unobs_or_zero_occ_residues.label_asym_id 
_pdbx_unobs_or_zero_occ_residues.label_comp_id 
_pdbx_unobs_or_zero_occ_residues.label_seq_id 
1  1 Y 1 A GLN 1   ? A GLN 1   
2  1 Y 1 A GLU 2   ? A GLU 2   
3  1 Y 1 A GLN 3   ? A GLN 3   
4  1 Y 1 A THR 4   ? A THR 4   
5  1 Y 1 A GLY 5   ? A GLY 5   
6  1 Y 1 A GLY 6   ? A GLY 6   
7  1 Y 1 A ALA 147 ? A ALA 147 
8  1 Y 1 A MET 148 ? A MET 148 
9  1 Y 1 A GLU 149 ? A GLU 149 
10 1 Y 1 A GLN 150 ? A GLN 150 
# 
loop_
_chem_comp_atom.comp_id 
_chem_comp_atom.atom_id 
_chem_comp_atom.type_symbol 
_chem_comp_atom.pdbx_aromatic_flag 
_chem_comp_atom.pdbx_stereo_config 
_chem_comp_atom.pdbx_ordinal 
ALA N    N  N N 1   
ALA CA   C  N S 2   
ALA C    C  N N 3   
ALA O    O  N N 4   
ALA CB   C  N N 5   
ALA OXT  O  N N 6   
ALA H    H  N N 7   
ALA H2   H  N N 8   
ALA HA   H  N N 9   
ALA HB1  H  N N 10  
ALA HB2  H  N N 11  
ALA HB3  H  N N 12  
ALA HXT  H  N N 13  
ARG N    N  N N 14  
ARG CA   C  N S 15  
ARG C    C  N N 16  
ARG O    O  N N 17  
ARG CB   C  N N 18  
ARG CG   C  N N 19  
ARG CD   C  N N 20  
ARG NE   N  N N 21  
ARG CZ   C  N N 22  
ARG NH1  N  N N 23  
ARG NH2  N  N N 24  
ARG OXT  O  N N 25  
ARG H    H  N N 26  
ARG H2   H  N N 27  
ARG HA   H  N N 28  
ARG HB2  H  N N 29  
ARG HB3  H  N N 30  
ARG HG2  H  N N 31  
ARG HG3  H  N N 32  
ARG HD2  H  N N 33  
ARG HD3  H  N N 34  
ARG HE   H  N N 35  
ARG HH11 H  N N 36  
ARG HH12 H  N N 37  
ARG HH21 H  N N 38  
ARG HH22 H  N N 39  
ARG HXT  H  N N 40  
ASN N    N  N N 41  
ASN CA   C  N S 42  
ASN C    C  N N 43  
ASN O    O  N N 44  
ASN CB   C  N N 45  
ASN CG   C  N N 46  
ASN OD1  O  N N 47  
ASN ND2  N  N N 48  
ASN OXT  O  N N 49  
ASN H    H  N N 50  
ASN H2   H  N N 51  
ASN HA   H  N N 52  
ASN HB2  H  N N 53  
ASN HB3  H  N N 54  
ASN HD21 H  N N 55  
ASN HD22 H  N N 56  
ASN HXT  H  N N 57  
ASP N    N  N N 58  
ASP CA   C  N S 59  
ASP C    C  N N 60  
ASP O    O  N N 61  
ASP CB   C  N N 62  
ASP CG   C  N N 63  
ASP OD1  O  N N 64  
ASP OD2  O  N N 65  
ASP OXT  O  N N 66  
ASP H    H  N N 67  
ASP H2   H  N N 68  
ASP HA   H  N N 69  
ASP HB2  H  N N 70  
ASP HB3  H  N N 71  
ASP HD2  H  N N 72  
ASP HXT  H  N N 73  
CYS N    N  N N 74  
CYS CA   C  N R 75  
CYS C    C  N N 76  
CYS O    O  N N 77  
CYS CB   C  N N 78  
CYS SG   S  N N 79  
CYS OXT  O  N N 80  
CYS H    H  N N 81  
CYS H2   H  N N 82  
CYS HA   H  N N 83  
CYS HB2  H  N N 84  
CYS HB3  H  N N 85  
CYS HG   H  N N 86  
CYS HXT  H  N N 87  
DMS S    S  N N 88  
DMS O    O  N N 89  
DMS C1   C  N N 90  
DMS C2   C  N N 91  
DMS H11  H  N N 92  
DMS H12  H  N N 93  
DMS H13  H  N N 94  
DMS H21  H  N N 95  
DMS H22  H  N N 96  
DMS H23  H  N N 97  
GLN N    N  N N 98  
GLN CA   C  N S 99  
GLN C    C  N N 100 
GLN O    O  N N 101 
GLN CB   C  N N 102 
GLN CG   C  N N 103 
GLN CD   C  N N 104 
GLN OE1  O  N N 105 
GLN NE2  N  N N 106 
GLN OXT  O  N N 107 
GLN H    H  N N 108 
GLN H2   H  N N 109 
GLN HA   H  N N 110 
GLN HB2  H  N N 111 
GLN HB3  H  N N 112 
GLN HG2  H  N N 113 
GLN HG3  H  N N 114 
GLN HE21 H  N N 115 
GLN HE22 H  N N 116 
GLN HXT  H  N N 117 
GLU N    N  N N 118 
GLU CA   C  N S 119 
GLU C    C  N N 120 
GLU O    O  N N 121 
GLU CB   C  N N 122 
GLU CG   C  N N 123 
GLU CD   C  N N 124 
GLU OE1  O  N N 125 
GLU OE2  O  N N 126 
GLU OXT  O  N N 127 
GLU H    H  N N 128 
GLU H2   H  N N 129 
GLU HA   H  N N 130 
GLU HB2  H  N N 131 
GLU HB3  H  N N 132 
GLU HG2  H  N N 133 
GLU HG3  H  N N 134 
GLU HE2  H  N N 135 
GLU HXT  H  N N 136 
GLY N    N  N N 137 
GLY CA   C  N N 138 
GLY C    C  N N 139 
GLY O    O  N N 140 
GLY OXT  O  N N 141 
GLY H    H  N N 142 
GLY H2   H  N N 143 
GLY HA2  H  N N 144 
GLY HA3  H  N N 145 
GLY HXT  H  N N 146 
HIS N    N  N N 147 
HIS CA   C  N S 148 
HIS C    C  N N 149 
HIS O    O  N N 150 
HIS CB   C  N N 151 
HIS CG   C  Y N 152 
HIS ND1  N  Y N 153 
HIS CD2  C  Y N 154 
HIS CE1  C  Y N 155 
HIS NE2  N  Y N 156 
HIS OXT  O  N N 157 
HIS H    H  N N 158 
HIS H2   H  N N 159 
HIS HA   H  N N 160 
HIS HB2  H  N N 161 
HIS HB3  H  N N 162 
HIS HD1  H  N N 163 
HIS HD2  H  N N 164 
HIS HE1  H  N N 165 
HIS HE2  H  N N 166 
HIS HXT  H  N N 167 
HOH O    O  N N 168 
HOH H1   H  N N 169 
HOH H2   H  N N 170 
ILE N    N  N N 171 
ILE CA   C  N S 172 
ILE C    C  N N 173 
ILE O    O  N N 174 
ILE CB   C  N S 175 
ILE CG1  C  N N 176 
ILE CG2  C  N N 177 
ILE CD1  C  N N 178 
ILE OXT  O  N N 179 
ILE H    H  N N 180 
ILE H2   H  N N 181 
ILE HA   H  N N 182 
ILE HB   H  N N 183 
ILE HG12 H  N N 184 
ILE HG13 H  N N 185 
ILE HG21 H  N N 186 
ILE HG22 H  N N 187 
ILE HG23 H  N N 188 
ILE HD11 H  N N 189 
ILE HD12 H  N N 190 
ILE HD13 H  N N 191 
ILE HXT  H  N N 192 
LEU N    N  N N 193 
LEU CA   C  N S 194 
LEU C    C  N N 195 
LEU O    O  N N 196 
LEU CB   C  N N 197 
LEU CG   C  N N 198 
LEU CD1  C  N N 199 
LEU CD2  C  N N 200 
LEU OXT  O  N N 201 
LEU H    H  N N 202 
LEU H2   H  N N 203 
LEU HA   H  N N 204 
LEU HB2  H  N N 205 
LEU HB3  H  N N 206 
LEU HG   H  N N 207 
LEU HD11 H  N N 208 
LEU HD12 H  N N 209 
LEU HD13 H  N N 210 
LEU HD21 H  N N 211 
LEU HD22 H  N N 212 
LEU HD23 H  N N 213 
LEU HXT  H  N N 214 
LYS N    N  N N 215 
LYS CA   C  N S 216 
LYS C    C  N N 217 
LYS O    O  N N 218 
LYS CB   C  N N 219 
LYS CG   C  N N 220 
LYS CD   C  N N 221 
LYS CE   C  N N 222 
LYS NZ   N  N N 223 
LYS OXT  O  N N 224 
LYS H    H  N N 225 
LYS H2   H  N N 226 
LYS HA   H  N N 227 
LYS HB2  H  N N 228 
LYS HB3  H  N N 229 
LYS HG2  H  N N 230 
LYS HG3  H  N N 231 
LYS HD2  H  N N 232 
LYS HD3  H  N N 233 
LYS HE2  H  N N 234 
LYS HE3  H  N N 235 
LYS HZ1  H  N N 236 
LYS HZ2  H  N N 237 
LYS HZ3  H  N N 238 
LYS HXT  H  N N 239 
MET N    N  N N 240 
MET CA   C  N S 241 
MET C    C  N N 242 
MET O    O  N N 243 
MET CB   C  N N 244 
MET CG   C  N N 245 
MET SD   S  N N 246 
MET CE   C  N N 247 
MET OXT  O  N N 248 
MET H    H  N N 249 
MET H2   H  N N 250 
MET HA   H  N N 251 
MET HB2  H  N N 252 
MET HB3  H  N N 253 
MET HG2  H  N N 254 
MET HG3  H  N N 255 
MET HE1  H  N N 256 
MET HE2  H  N N 257 
MET HE3  H  N N 258 
MET HXT  H  N N 259 
PHE N    N  N N 260 
PHE CA   C  N S 261 
PHE C    C  N N 262 
PHE O    O  N N 263 
PHE CB   C  N N 264 
PHE CG   C  Y N 265 
PHE CD1  C  Y N 266 
PHE CD2  C  Y N 267 
PHE CE1  C  Y N 268 
PHE CE2  C  Y N 269 
PHE CZ   C  Y N 270 
PHE OXT  O  N N 271 
PHE H    H  N N 272 
PHE H2   H  N N 273 
PHE HA   H  N N 274 
PHE HB2  H  N N 275 
PHE HB3  H  N N 276 
PHE HD1  H  N N 277 
PHE HD2  H  N N 278 
PHE HE1  H  N N 279 
PHE HE2  H  N N 280 
PHE HZ   H  N N 281 
PHE HXT  H  N N 282 
PRO N    N  N N 283 
PRO CA   C  N S 284 
PRO C    C  N N 285 
PRO O    O  N N 286 
PRO CB   C  N N 287 
PRO CG   C  N N 288 
PRO CD   C  N N 289 
PRO OXT  O  N N 290 
PRO H    H  N N 291 
PRO HA   H  N N 292 
PRO HB2  H  N N 293 
PRO HB3  H  N N 294 
PRO HG2  H  N N 295 
PRO HG3  H  N N 296 
PRO HD2  H  N N 297 
PRO HD3  H  N N 298 
PRO HXT  H  N N 299 
SER N    N  N N 300 
SER CA   C  N S 301 
SER C    C  N N 302 
SER O    O  N N 303 
SER CB   C  N N 304 
SER OG   O  N N 305 
SER OXT  O  N N 306 
SER H    H  N N 307 
SER H2   H  N N 308 
SER HA   H  N N 309 
SER HB2  H  N N 310 
SER HB3  H  N N 311 
SER HG   H  N N 312 
SER HXT  H  N N 313 
THR N    N  N N 314 
THR CA   C  N S 315 
THR C    C  N N 316 
THR O    O  N N 317 
THR CB   C  N R 318 
THR OG1  O  N N 319 
THR CG2  C  N N 320 
THR OXT  O  N N 321 
THR H    H  N N 322 
THR H2   H  N N 323 
THR HA   H  N N 324 
THR HB   H  N N 325 
THR HG1  H  N N 326 
THR HG21 H  N N 327 
THR HG22 H  N N 328 
THR HG23 H  N N 329 
THR HXT  H  N N 330 
TRP N    N  N N 331 
TRP CA   C  N S 332 
TRP C    C  N N 333 
TRP O    O  N N 334 
TRP CB   C  N N 335 
TRP CG   C  Y N 336 
TRP CD1  C  Y N 337 
TRP CD2  C  Y N 338 
TRP NE1  N  Y N 339 
TRP CE2  C  Y N 340 
TRP CE3  C  Y N 341 
TRP CZ2  C  Y N 342 
TRP CZ3  C  Y N 343 
TRP CH2  C  Y N 344 
TRP OXT  O  N N 345 
TRP H    H  N N 346 
TRP H2   H  N N 347 
TRP HA   H  N N 348 
TRP HB2  H  N N 349 
TRP HB3  H  N N 350 
TRP HD1  H  N N 351 
TRP HE1  H  N N 352 
TRP HE3  H  N N 353 
TRP HZ2  H  N N 354 
TRP HZ3  H  N N 355 
TRP HH2  H  N N 356 
TRP HXT  H  N N 357 
TYR N    N  N N 358 
TYR CA   C  N S 359 
TYR C    C  N N 360 
TYR O    O  N N 361 
TYR CB   C  N N 362 
TYR CG   C  Y N 363 
TYR CD1  C  Y N 364 
TYR CD2  C  Y N 365 
TYR CE1  C  Y N 366 
TYR CE2  C  Y N 367 
TYR CZ   C  Y N 368 
TYR OH   O  N N 369 
TYR OXT  O  N N 370 
TYR H    H  N N 371 
TYR H2   H  N N 372 
TYR HA   H  N N 373 
TYR HB2  H  N N 374 
TYR HB3  H  N N 375 
TYR HD1  H  N N 376 
TYR HD2  H  N N 377 
TYR HE1  H  N N 378 
TYR HE2  H  N N 379 
TYR HH   H  N N 380 
TYR HXT  H  N N 381 
UXA C4   C  Y N 382 
UXA C5   C  Y N 383 
UXA C6   C  Y N 384 
UXA C7   C  Y N 385 
UXA C8   C  N N 386 
UXA C10  C  Y N 387 
UXA N    N  N N 388 
UXA C    C  N N 389 
UXA O    O  N N 390 
UXA C1   C  N N 391 
UXA C2   C  N N 392 
UXA C3   C  N N 393 
UXA C9   C  Y N 394 
UXA O1   O  N N 395 
UXA O2   O  N N 396 
UXA H1   H  N N 397 
UXA H2   H  N N 398 
UXA H3   H  N N 399 
UXA H4   H  N N 400 
UXA H5   H  N N 401 
UXA H6   H  N N 402 
UXA H7   H  N N 403 
UXA H8   H  N N 404 
UXA H9   H  N N 405 
UXA H10  H  N N 406 
UXA H12  H  N N 407 
VAL N    N  N N 408 
VAL CA   C  N S 409 
VAL C    C  N N 410 
VAL O    O  N N 411 
VAL CB   C  N N 412 
VAL CG1  C  N N 413 
VAL CG2  C  N N 414 
VAL OXT  O  N N 415 
VAL H    H  N N 416 
VAL H2   H  N N 417 
VAL HA   H  N N 418 
VAL HB   H  N N 419 
VAL HG11 H  N N 420 
VAL HG12 H  N N 421 
VAL HG13 H  N N 422 
VAL HG21 H  N N 423 
VAL HG22 H  N N 424 
VAL HG23 H  N N 425 
VAL HXT  H  N N 426 
ZN  ZN   ZN N N 427 
# 
loop_
_chem_comp_bond.comp_id 
_chem_comp_bond.atom_id_1 
_chem_comp_bond.atom_id_2 
_chem_comp_bond.value_order 
_chem_comp_bond.pdbx_aromatic_flag 
_chem_comp_bond.pdbx_stereo_config 
_chem_comp_bond.pdbx_ordinal 
ALA N   CA   sing N N 1   
ALA N   H    sing N N 2   
ALA N   H2   sing N N 3   
ALA CA  C    sing N N 4   
ALA CA  CB   sing N N 5   
ALA CA  HA   sing N N 6   
ALA C   O    doub N N 7   
ALA C   OXT  sing N N 8   
ALA CB  HB1  sing N N 9   
ALA CB  HB2  sing N N 10  
ALA CB  HB3  sing N N 11  
ALA OXT HXT  sing N N 12  
ARG N   CA   sing N N 13  
ARG N   H    sing N N 14  
ARG N   H2   sing N N 15  
ARG CA  C    sing N N 16  
ARG CA  CB   sing N N 17  
ARG CA  HA   sing N N 18  
ARG C   O    doub N N 19  
ARG C   OXT  sing N N 20  
ARG CB  CG   sing N N 21  
ARG CB  HB2  sing N N 22  
ARG CB  HB3  sing N N 23  
ARG CG  CD   sing N N 24  
ARG CG  HG2  sing N N 25  
ARG CG  HG3  sing N N 26  
ARG CD  NE   sing N N 27  
ARG CD  HD2  sing N N 28  
ARG CD  HD3  sing N N 29  
ARG NE  CZ   sing N N 30  
ARG NE  HE   sing N N 31  
ARG CZ  NH1  sing N N 32  
ARG CZ  NH2  doub N N 33  
ARG NH1 HH11 sing N N 34  
ARG NH1 HH12 sing N N 35  
ARG NH2 HH21 sing N N 36  
ARG NH2 HH22 sing N N 37  
ARG OXT HXT  sing N N 38  
ASN N   CA   sing N N 39  
ASN N   H    sing N N 40  
ASN N   H2   sing N N 41  
ASN CA  C    sing N N 42  
ASN CA  CB   sing N N 43  
ASN CA  HA   sing N N 44  
ASN C   O    doub N N 45  
ASN C   OXT  sing N N 46  
ASN CB  CG   sing N N 47  
ASN CB  HB2  sing N N 48  
ASN CB  HB3  sing N N 49  
ASN CG  OD1  doub N N 50  
ASN CG  ND2  sing N N 51  
ASN ND2 HD21 sing N N 52  
ASN ND2 HD22 sing N N 53  
ASN OXT HXT  sing N N 54  
ASP N   CA   sing N N 55  
ASP N   H    sing N N 56  
ASP N   H2   sing N N 57  
ASP CA  C    sing N N 58  
ASP CA  CB   sing N N 59  
ASP CA  HA   sing N N 60  
ASP C   O    doub N N 61  
ASP C   OXT  sing N N 62  
ASP CB  CG   sing N N 63  
ASP CB  HB2  sing N N 64  
ASP CB  HB3  sing N N 65  
ASP CG  OD1  doub N N 66  
ASP CG  OD2  sing N N 67  
ASP OD2 HD2  sing N N 68  
ASP OXT HXT  sing N N 69  
CYS N   CA   sing N N 70  
CYS N   H    sing N N 71  
CYS N   H2   sing N N 72  
CYS CA  C    sing N N 73  
CYS CA  CB   sing N N 74  
CYS CA  HA   sing N N 75  
CYS C   O    doub N N 76  
CYS C   OXT  sing N N 77  
CYS CB  SG   sing N N 78  
CYS CB  HB2  sing N N 79  
CYS CB  HB3  sing N N 80  
CYS SG  HG   sing N N 81  
CYS OXT HXT  sing N N 82  
DMS S   O    doub N N 83  
DMS S   C1   sing N N 84  
DMS S   C2   sing N N 85  
DMS C1  H11  sing N N 86  
DMS C1  H12  sing N N 87  
DMS C1  H13  sing N N 88  
DMS C2  H21  sing N N 89  
DMS C2  H22  sing N N 90  
DMS C2  H23  sing N N 91  
GLN N   CA   sing N N 92  
GLN N   H    sing N N 93  
GLN N   H2   sing N N 94  
GLN CA  C    sing N N 95  
GLN CA  CB   sing N N 96  
GLN CA  HA   sing N N 97  
GLN C   O    doub N N 98  
GLN C   OXT  sing N N 99  
GLN CB  CG   sing N N 100 
GLN CB  HB2  sing N N 101 
GLN CB  HB3  sing N N 102 
GLN CG  CD   sing N N 103 
GLN CG  HG2  sing N N 104 
GLN CG  HG3  sing N N 105 
GLN CD  OE1  doub N N 106 
GLN CD  NE2  sing N N 107 
GLN NE2 HE21 sing N N 108 
GLN NE2 HE22 sing N N 109 
GLN OXT HXT  sing N N 110 
GLU N   CA   sing N N 111 
GLU N   H    sing N N 112 
GLU N   H2   sing N N 113 
GLU CA  C    sing N N 114 
GLU CA  CB   sing N N 115 
GLU CA  HA   sing N N 116 
GLU C   O    doub N N 117 
GLU C   OXT  sing N N 118 
GLU CB  CG   sing N N 119 
GLU CB  HB2  sing N N 120 
GLU CB  HB3  sing N N 121 
GLU CG  CD   sing N N 122 
GLU CG  HG2  sing N N 123 
GLU CG  HG3  sing N N 124 
GLU CD  OE1  doub N N 125 
GLU CD  OE2  sing N N 126 
GLU OE2 HE2  sing N N 127 
GLU OXT HXT  sing N N 128 
GLY N   CA   sing N N 129 
GLY N   H    sing N N 130 
GLY N   H2   sing N N 131 
GLY CA  C    sing N N 132 
GLY CA  HA2  sing N N 133 
GLY CA  HA3  sing N N 134 
GLY C   O    doub N N 135 
GLY C   OXT  sing N N 136 
GLY OXT HXT  sing N N 137 
HIS N   CA   sing N N 138 
HIS N   H    sing N N 139 
HIS N   H2   sing N N 140 
HIS CA  C    sing N N 141 
HIS CA  CB   sing N N 142 
HIS CA  HA   sing N N 143 
HIS C   O    doub N N 144 
HIS C   OXT  sing N N 145 
HIS CB  CG   sing N N 146 
HIS CB  HB2  sing N N 147 
HIS CB  HB3  sing N N 148 
HIS CG  ND1  sing Y N 149 
HIS CG  CD2  doub Y N 150 
HIS ND1 CE1  doub Y N 151 
HIS ND1 HD1  sing N N 152 
HIS CD2 NE2  sing Y N 153 
HIS CD2 HD2  sing N N 154 
HIS CE1 NE2  sing Y N 155 
HIS CE1 HE1  sing N N 156 
HIS NE2 HE2  sing N N 157 
HIS OXT HXT  sing N N 158 
HOH O   H1   sing N N 159 
HOH O   H2   sing N N 160 
ILE N   CA   sing N N 161 
ILE N   H    sing N N 162 
ILE N   H2   sing N N 163 
ILE CA  C    sing N N 164 
ILE CA  CB   sing N N 165 
ILE CA  HA   sing N N 166 
ILE C   O    doub N N 167 
ILE C   OXT  sing N N 168 
ILE CB  CG1  sing N N 169 
ILE CB  CG2  sing N N 170 
ILE CB  HB   sing N N 171 
ILE CG1 CD1  sing N N 172 
ILE CG1 HG12 sing N N 173 
ILE CG1 HG13 sing N N 174 
ILE CG2 HG21 sing N N 175 
ILE CG2 HG22 sing N N 176 
ILE CG2 HG23 sing N N 177 
ILE CD1 HD11 sing N N 178 
ILE CD1 HD12 sing N N 179 
ILE CD1 HD13 sing N N 180 
ILE OXT HXT  sing N N 181 
LEU N   CA   sing N N 182 
LEU N   H    sing N N 183 
LEU N   H2   sing N N 184 
LEU CA  C    sing N N 185 
LEU CA  CB   sing N N 186 
LEU CA  HA   sing N N 187 
LEU C   O    doub N N 188 
LEU C   OXT  sing N N 189 
LEU CB  CG   sing N N 190 
LEU CB  HB2  sing N N 191 
LEU CB  HB3  sing N N 192 
LEU CG  CD1  sing N N 193 
LEU CG  CD2  sing N N 194 
LEU CG  HG   sing N N 195 
LEU CD1 HD11 sing N N 196 
LEU CD1 HD12 sing N N 197 
LEU CD1 HD13 sing N N 198 
LEU CD2 HD21 sing N N 199 
LEU CD2 HD22 sing N N 200 
LEU CD2 HD23 sing N N 201 
LEU OXT HXT  sing N N 202 
LYS N   CA   sing N N 203 
LYS N   H    sing N N 204 
LYS N   H2   sing N N 205 
LYS CA  C    sing N N 206 
LYS CA  CB   sing N N 207 
LYS CA  HA   sing N N 208 
LYS C   O    doub N N 209 
LYS C   OXT  sing N N 210 
LYS CB  CG   sing N N 211 
LYS CB  HB2  sing N N 212 
LYS CB  HB3  sing N N 213 
LYS CG  CD   sing N N 214 
LYS CG  HG2  sing N N 215 
LYS CG  HG3  sing N N 216 
LYS CD  CE   sing N N 217 
LYS CD  HD2  sing N N 218 
LYS CD  HD3  sing N N 219 
LYS CE  NZ   sing N N 220 
LYS CE  HE2  sing N N 221 
LYS CE  HE3  sing N N 222 
LYS NZ  HZ1  sing N N 223 
LYS NZ  HZ2  sing N N 224 
LYS NZ  HZ3  sing N N 225 
LYS OXT HXT  sing N N 226 
MET N   CA   sing N N 227 
MET N   H    sing N N 228 
MET N   H2   sing N N 229 
MET CA  C    sing N N 230 
MET CA  CB   sing N N 231 
MET CA  HA   sing N N 232 
MET C   O    doub N N 233 
MET C   OXT  sing N N 234 
MET CB  CG   sing N N 235 
MET CB  HB2  sing N N 236 
MET CB  HB3  sing N N 237 
MET CG  SD   sing N N 238 
MET CG  HG2  sing N N 239 
MET CG  HG3  sing N N 240 
MET SD  CE   sing N N 241 
MET CE  HE1  sing N N 242 
MET CE  HE2  sing N N 243 
MET CE  HE3  sing N N 244 
MET OXT HXT  sing N N 245 
PHE N   CA   sing N N 246 
PHE N   H    sing N N 247 
PHE N   H2   sing N N 248 
PHE CA  C    sing N N 249 
PHE CA  CB   sing N N 250 
PHE CA  HA   sing N N 251 
PHE C   O    doub N N 252 
PHE C   OXT  sing N N 253 
PHE CB  CG   sing N N 254 
PHE CB  HB2  sing N N 255 
PHE CB  HB3  sing N N 256 
PHE CG  CD1  doub Y N 257 
PHE CG  CD2  sing Y N 258 
PHE CD1 CE1  sing Y N 259 
PHE CD1 HD1  sing N N 260 
PHE CD2 CE2  doub Y N 261 
PHE CD2 HD2  sing N N 262 
PHE CE1 CZ   doub Y N 263 
PHE CE1 HE1  sing N N 264 
PHE CE2 CZ   sing Y N 265 
PHE CE2 HE2  sing N N 266 
PHE CZ  HZ   sing N N 267 
PHE OXT HXT  sing N N 268 
PRO N   CA   sing N N 269 
PRO N   CD   sing N N 270 
PRO N   H    sing N N 271 
PRO CA  C    sing N N 272 
PRO CA  CB   sing N N 273 
PRO CA  HA   sing N N 274 
PRO C   O    doub N N 275 
PRO C   OXT  sing N N 276 
PRO CB  CG   sing N N 277 
PRO CB  HB2  sing N N 278 
PRO CB  HB3  sing N N 279 
PRO CG  CD   sing N N 280 
PRO CG  HG2  sing N N 281 
PRO CG  HG3  sing N N 282 
PRO CD  HD2  sing N N 283 
PRO CD  HD3  sing N N 284 
PRO OXT HXT  sing N N 285 
SER N   CA   sing N N 286 
SER N   H    sing N N 287 
SER N   H2   sing N N 288 
SER CA  C    sing N N 289 
SER CA  CB   sing N N 290 
SER CA  HA   sing N N 291 
SER C   O    doub N N 292 
SER C   OXT  sing N N 293 
SER CB  OG   sing N N 294 
SER CB  HB2  sing N N 295 
SER CB  HB3  sing N N 296 
SER OG  HG   sing N N 297 
SER OXT HXT  sing N N 298 
THR N   CA   sing N N 299 
THR N   H    sing N N 300 
THR N   H2   sing N N 301 
THR CA  C    sing N N 302 
THR CA  CB   sing N N 303 
THR CA  HA   sing N N 304 
THR C   O    doub N N 305 
THR C   OXT  sing N N 306 
THR CB  OG1  sing N N 307 
THR CB  CG2  sing N N 308 
THR CB  HB   sing N N 309 
THR OG1 HG1  sing N N 310 
THR CG2 HG21 sing N N 311 
THR CG2 HG22 sing N N 312 
THR CG2 HG23 sing N N 313 
THR OXT HXT  sing N N 314 
TRP N   CA   sing N N 315 
TRP N   H    sing N N 316 
TRP N   H2   sing N N 317 
TRP CA  C    sing N N 318 
TRP CA  CB   sing N N 319 
TRP CA  HA   sing N N 320 
TRP C   O    doub N N 321 
TRP C   OXT  sing N N 322 
TRP CB  CG   sing N N 323 
TRP CB  HB2  sing N N 324 
TRP CB  HB3  sing N N 325 
TRP CG  CD1  doub Y N 326 
TRP CG  CD2  sing Y N 327 
TRP CD1 NE1  sing Y N 328 
TRP CD1 HD1  sing N N 329 
TRP CD2 CE2  doub Y N 330 
TRP CD2 CE3  sing Y N 331 
TRP NE1 CE2  sing Y N 332 
TRP NE1 HE1  sing N N 333 
TRP CE2 CZ2  sing Y N 334 
TRP CE3 CZ3  doub Y N 335 
TRP CE3 HE3  sing N N 336 
TRP CZ2 CH2  doub Y N 337 
TRP CZ2 HZ2  sing N N 338 
TRP CZ3 CH2  sing Y N 339 
TRP CZ3 HZ3  sing N N 340 
TRP CH2 HH2  sing N N 341 
TRP OXT HXT  sing N N 342 
TYR N   CA   sing N N 343 
TYR N   H    sing N N 344 
TYR N   H2   sing N N 345 
TYR CA  C    sing N N 346 
TYR CA  CB   sing N N 347 
TYR CA  HA   sing N N 348 
TYR C   O    doub N N 349 
TYR C   OXT  sing N N 350 
TYR CB  CG   sing N N 351 
TYR CB  HB2  sing N N 352 
TYR CB  HB3  sing N N 353 
TYR CG  CD1  doub Y N 354 
TYR CG  CD2  sing Y N 355 
TYR CD1 CE1  sing Y N 356 
TYR CD1 HD1  sing N N 357 
TYR CD2 CE2  doub Y N 358 
TYR CD2 HD2  sing N N 359 
TYR CE1 CZ   doub Y N 360 
TYR CE1 HE1  sing N N 361 
TYR CE2 CZ   sing Y N 362 
TYR CE2 HE2  sing N N 363 
TYR CZ  OH   sing N N 364 
TYR OH  HH   sing N N 365 
TYR OXT HXT  sing N N 366 
UXA C2  C3   sing N N 367 
UXA C2  C1   sing N N 368 
UXA O   C    doub N N 369 
UXA C3  C1   sing N N 370 
UXA C1  N    sing N N 371 
UXA C5  C6   doub Y N 372 
UXA C5  C4   sing Y N 373 
UXA C   N    sing N N 374 
UXA C   C4   sing N N 375 
UXA C6  C7   sing Y N 376 
UXA C4  C10  doub Y N 377 
UXA C7  C9   doub Y N 378 
UXA C7  O1   sing N N 379 
UXA C10 C9   sing Y N 380 
UXA C9  O2   sing N N 381 
UXA O1  C8   sing N N 382 
UXA O2  C8   sing N N 383 
UXA C5  H1   sing N N 384 
UXA C6  H2   sing N N 385 
UXA C8  H3   sing N N 386 
UXA C10 H4   sing N N 387 
UXA N   H5   sing N N 388 
UXA C1  H6   sing N N 389 
UXA C2  H7   sing N N 390 
UXA C2  H8   sing N N 391 
UXA C3  H9   sing N N 392 
UXA C3  H10  sing N N 393 
UXA C8  H12  sing N N 394 
VAL N   CA   sing N N 395 
VAL N   H    sing N N 396 
VAL N   H2   sing N N 397 
VAL CA  C    sing N N 398 
VAL CA  CB   sing N N 399 
VAL CA  HA   sing N N 400 
VAL C   O    doub N N 401 
VAL C   OXT  sing N N 402 
VAL CB  CG1  sing N N 403 
VAL CB  CG2  sing N N 404 
VAL CB  HB   sing N N 405 
VAL CG1 HG11 sing N N 406 
VAL CG1 HG12 sing N N 407 
VAL CG1 HG13 sing N N 408 
VAL CG2 HG21 sing N N 409 
VAL CG2 HG22 sing N N 410 
VAL CG2 HG23 sing N N 411 
VAL OXT HXT  sing N N 412 
# 
_pdbx_audit_support.funding_organization   
'National Institutes of Health/National Institute Of Allergy and Infectious Diseases (NIH/NIAID)' 
_pdbx_audit_support.country                'United States' 
_pdbx_audit_support.grant_number           U19AI171399 
_pdbx_audit_support.ordinal                1 
# 
_pdbx_deposit_group.group_id            G_1002288 
_pdbx_deposit_group.group_description   'Crystallographic fragment screening of Coxsackievirus A16 (G-10) 2A protease' 
_pdbx_deposit_group.group_title         
'Group deposition for crystallographic fragment screening of Coxsackievirus A16 (G-10) 2A protease' 
_pdbx_deposit_group.group_type          'changed state' 
# 
_atom_sites.entry_id                    7H4H 
_atom_sites.fract_transf_matrix[1][1]   -0.00803813 
_atom_sites.fract_transf_matrix[1][2]   -0.00421028 
_atom_sites.fract_transf_matrix[1][3]   -0.00736888 
_atom_sites.fract_transf_matrix[2][1]   0.00632772 
_atom_sites.fract_transf_matrix[2][2]   0.01036810 
_atom_sites.fract_transf_matrix[2][3]   -0.01282633 
_atom_sites.fract_transf_matrix[3][1]   0.01783463 
_atom_sites.fract_transf_matrix[3][2]   -0.02348818 
_atom_sites.fract_transf_matrix[3][3]   -0.01018804 
_atom_sites.fract_transf_vector[1]      0.184379 
_atom_sites.fract_transf_vector[2]      0.124492 
_atom_sites.fract_transf_vector[3]      0.456890 
# 
loop_
_atom_type.symbol 
C  
N  
O  
S  
ZN 
# 
loop_
_atom_site.group_PDB 
_atom_site.id 
_atom_site.type_symbol 
_atom_site.label_atom_id 
_atom_site.label_alt_id 
_atom_site.label_comp_id 
_atom_site.label_asym_id 
_atom_site.label_entity_id 
_atom_site.label_seq_id 
_atom_site.pdbx_PDB_ins_code 
_atom_site.Cartn_x 
_atom_site.Cartn_y 
_atom_site.Cartn_z 
_atom_site.occupancy 
_atom_site.B_iso_or_equiv 
_atom_site.pdbx_formal_charge 
_atom_site.auth_seq_id 
_atom_site.auth_comp_id 
_atom_site.auth_asym_id 
_atom_site.auth_atom_id 
_atom_site.pdbx_PDB_model_num 
ATOM   1    N  N   . SER A 1 7   ? 3.058   -8.892  -5.101  1.00 24.08  ? 7   SER A N   1 
ATOM   2    C  CA  . SER A 1 7   ? 1.753   -8.440  -5.674  1.00 23.78  ? 7   SER A CA  1 
ATOM   3    C  C   . SER A 1 7   ? 0.742   -8.313  -4.541  1.00 22.20  ? 7   SER A C   1 
ATOM   4    O  O   . SER A 1 7   ? 1.072   -8.774  -3.412  1.00 19.97  ? 7   SER A O   1 
ATOM   5    C  CB  . SER A 1 7   ? 1.263   -9.401  -6.708  1.00 25.28  ? 7   SER A CB  1 
ATOM   6    O  OG  . SER A 1 7   ? 1.064   -10.688 -6.129  1.00 26.10  ? 7   SER A OG  1 
ATOM   7    N  N   . GLY A 1 8   ? -0.449  -7.775  -4.834  1.00 20.23  ? 8   GLY A N   1 
ATOM   8    C  CA  . GLY A 1 8   ? -1.528  -7.675  -3.843  1.00 17.86  ? 8   GLY A CA  1 
ATOM   9    C  C   . GLY A 1 8   ? -2.363  -6.441  -4.063  1.00 16.26  ? 8   GLY A C   1 
ATOM   10   O  O   . GLY A 1 8   ? -1.840  -5.428  -4.562  1.00 14.42  ? 8   GLY A O   1 
ATOM   11   N  N   . ALA A 1 9   ? -3.611  -6.534  -3.665  1.00 14.59  ? 9   ALA A N   1 
ATOM   12   C  CA  . ALA A 1 9   ? -4.619  -5.461  -3.788  1.00 13.96  ? 9   ALA A CA  1 
ATOM   13   C  C   . ALA A 1 9   ? -5.460  -5.398  -2.510  1.00 15.02  ? 9   ALA A C   1 
ATOM   14   O  O   . ALA A 1 9   ? -5.473  -6.384  -1.737  1.00 17.16  ? 9   ALA A O   1 
ATOM   15   C  CB  . ALA A 1 9   ? -5.516  -5.706  -4.991  1.00 12.51  ? 9   ALA A CB  1 
ATOM   16   N  N   . ILE A 1 10  ? -6.083  -4.245  -2.275  1.00 15.06  ? 10  ILE A N   1 
ATOM   17   C  CA  . ILE A 1 10  ? -7.205  -4.024  -1.317  1.00 15.82  ? 10  ILE A CA  1 
ATOM   18   C  C   . ILE A 1 10  ? -8.462  -4.113  -2.176  1.00 16.61  ? 10  ILE A C   1 
ATOM   19   O  O   . ILE A 1 10  ? -8.393  -3.727  -3.361  1.00 17.24  ? 10  ILE A O   1 
ATOM   20   C  CB  . ILE A 1 10  ? -7.081  -2.676  -0.574  1.00 14.65  ? 10  ILE A CB  1 
ATOM   21   C  CG1 . ILE A 1 10  ? -5.670  -2.443  -0.010  1.00 15.17  ? 10  ILE A CG1 1 
ATOM   22   C  CG2 . ILE A 1 10  ? -8.131  -2.506  0.516   1.00 16.30  ? 10  ILE A CG2 1 
ATOM   23   C  CD1 . ILE A 1 10  ? -5.430  -1.028  0.444   1.00 16.22  ? 10  ILE A CD1 1 
ATOM   24   N  N   . TYR A 1 11  ? -9.566  -4.611  -1.620  1.00 21.23  ? 11  TYR A N   1 
ATOM   25   C  CA  . TYR A 1 11  ? -10.884 -4.667  -2.306  1.00 24.64  ? 11  TYR A CA  1 
ATOM   26   C  C   . TYR A 1 11  ? -11.922 -4.028  -1.379  1.00 27.37  ? 11  TYR A C   1 
ATOM   27   O  O   . TYR A 1 11  ? -12.506 -4.734  -0.538  1.00 34.56  ? 11  TYR A O   1 
ATOM   28   C  CB  . TYR A 1 11  ? -11.134 -6.111  -2.744  1.00 25.24  ? 11  TYR A CB  1 
ATOM   29   C  CG  . TYR A 1 11  ? -10.217 -6.624  -3.823  1.00 24.91  ? 11  TYR A CG  1 
ATOM   30   C  CD1 . TYR A 1 11  ? -10.368 -6.235  -5.148  1.00 25.64  ? 11  TYR A CD1 1 
ATOM   31   C  CD2 . TYR A 1 11  ? -9.237  -7.552  -3.535  1.00 25.18  ? 11  TYR A CD2 1 
ATOM   32   C  CE1 . TYR A 1 11  ? -9.542  -6.740  -6.138  1.00 23.34  ? 11  TYR A CE1 1 
ATOM   33   C  CE2 . TYR A 1 11  ? -8.384  -8.046  -4.506  1.00 26.60  ? 11  TYR A CE2 1 
ATOM   34   C  CZ  . TYR A 1 11  ? -8.532  -7.626  -5.817  1.00 26.82  ? 11  TYR A CZ  1 
ATOM   35   O  OH  . TYR A 1 11  ? -7.703  -8.126  -6.761  1.00 27.36  ? 11  TYR A OH  1 
ATOM   36   N  N   . VAL A 1 12  ? -12.009 -2.697  -1.423  1.00 30.84  ? 12  VAL A N   1 
ATOM   37   C  CA  . VAL A 1 12  ? -12.948 -1.877  -0.600  1.00 30.14  ? 12  VAL A CA  1 
ATOM   38   C  C   . VAL A 1 12  ? -14.177 -1.571  -1.463  1.00 31.01  ? 12  VAL A C   1 
ATOM   39   O  O   . VAL A 1 12  ? -14.195 -0.521  -2.175  1.00 24.91  ? 12  VAL A O   1 
ATOM   40   C  CB  . VAL A 1 12  ? -12.291 -0.619  0.003   1.00 31.46  ? 12  VAL A CB  1 
ATOM   41   C  CG1 . VAL A 1 12  ? -11.653 0.296   -1.032  1.00 32.18  ? 12  VAL A CG1 1 
ATOM   42   C  CG2 . VAL A 1 12  ? -13.282 0.147   0.869   1.00 30.36  ? 12  VAL A CG2 1 
ATOM   43   N  N   . GLY A 1 13  ? -15.136 -2.510  -1.408  1.00 31.63  ? 13  GLY A N   1 
ATOM   44   C  CA  . GLY A 1 13  ? -16.418 -2.482  -2.131  1.00 29.88  ? 13  GLY A CA  1 
ATOM   45   C  C   . GLY A 1 13  ? -16.222 -2.933  -3.559  1.00 28.12  ? 13  GLY A C   1 
ATOM   46   O  O   . GLY A 1 13  ? -15.817 -4.101  -3.752  1.00 26.02  ? 13  GLY A O   1 
ATOM   47   N  N   . ASN A 1 14  ? -16.484 -2.047  -4.515  1.00 26.68  ? 14  ASN A N   1 
ATOM   48   C  CA  . ASN A 1 14  ? -16.316 -2.315  -5.966  1.00 28.18  ? 14  ASN A CA  1 
ATOM   49   C  C   . ASN A 1 14  ? -15.038 -1.631  -6.471  1.00 27.75  ? 14  ASN A C   1 
ATOM   50   O  O   . ASN A 1 14  ? -14.950 -1.448  -7.711  1.00 21.61  ? 14  ASN A O   1 
ATOM   51   C  CB  . ASN A 1 14  ? -17.545 -1.899  -6.778  1.00 29.31  ? 14  ASN A CB  1 
ATOM   52   C  CG  . ASN A 1 14  ? -18.660 -2.913  -6.682  1.00 31.09  ? 14  ASN A CG  1 
ATOM   53   O  OD1 . ASN A 1 14  ? -18.588 -3.977  -7.295  1.00 28.08  ? 14  ASN A OD1 1 
ATOM   54   N  ND2 . ASN A 1 14  ? -19.681 -2.590  -5.901  1.00 32.33  ? 14  ASN A ND2 1 
ATOM   55   N  N   . TYR A 1 15  ? -14.112 -1.272  -5.561  1.00 30.59  ? 15  TYR A N   1 
ATOM   56   C  CA  . TYR A 1 15  ? -12.817 -0.591  -5.855  1.00 32.14  ? 15  TYR A CA  1 
ATOM   57   C  C   . TYR A 1 15  ? -11.649 -1.517  -5.525  1.00 29.86  ? 15  TYR A C   1 
ATOM   58   O  O   . TYR A 1 15  ? -11.636 -2.093  -4.426  1.00 34.60  ? 15  TYR A O   1 
ATOM   59   C  CB  . TYR A 1 15  ? -12.577 0.664   -5.016  1.00 33.30  ? 15  TYR A CB  1 
ATOM   60   C  CG  . TYR A 1 15  ? -13.571 1.782   -5.176  1.00 39.22  ? 15  TYR A CG  1 
ATOM   61   C  CD1 . TYR A 1 15  ? -13.651 2.507   -6.354  1.00 41.90  ? 15  TYR A CD1 1 
ATOM   62   C  CD2 . TYR A 1 15  ? -14.399 2.146   -4.128  1.00 42.78  ? 15  TYR A CD2 1 
ATOM   63   C  CE1 . TYR A 1 15  ? -14.555 3.548   -6.497  1.00 44.51  ? 15  TYR A CE1 1 
ATOM   64   C  CE2 . TYR A 1 15  ? -15.301 3.190   -4.251  1.00 45.98  ? 15  TYR A CE2 1 
ATOM   65   C  CZ  . TYR A 1 15  ? -15.384 3.891   -5.442  1.00 47.87  ? 15  TYR A CZ  1 
ATOM   66   O  OH  . TYR A 1 15  ? -16.279 4.911   -5.566  1.00 52.60  ? 15  TYR A OH  1 
ATOM   67   N  N   . ARG A 1 16  ? -10.671 -1.588  -6.433  1.00 25.17  ? 16  ARG A N   1 
ATOM   68   C  CA  . ARG A 1 16  ? -9.442  -2.410  -6.303  1.00 21.00  ? 16  ARG A CA  1 
ATOM   69   C  C   . ARG A 1 16  ? -8.278  -1.440  -6.108  1.00 16.36  ? 16  ARG A C   1 
ATOM   70   O  O   . ARG A 1 16  ? -8.063  -0.611  -6.988  1.00 14.85  ? 16  ARG A O   1 
ATOM   71   C  CB  . ARG A 1 16  ? -9.249  -3.276  -7.548  1.00 21.06  ? 16  ARG A CB  1 
ATOM   72   C  CG  . ARG A 1 16  ? -7.856  -3.846  -7.731  1.00 22.71  ? 16  ARG A CG  1 
ATOM   73   C  CD  . ARG A 1 16  ? -7.819  -4.877  -8.843  1.00 24.00  ? 16  ARG A CD  1 
ATOM   74   N  NE  . ARG A 1 16  ? -6.579  -4.803  -9.597  1.00 24.03  ? 16  ARG A NE  1 
ATOM   75   C  CZ  . ARG A 1 16  ? -5.495  -5.548  -9.418  1.00 24.16  ? 16  ARG A CZ  1 
ATOM   76   N  NH1 . ARG A 1 16  ? -5.413  -6.470  -8.460  1.00 24.38  ? 16  ARG A NH1 1 
ATOM   77   N  NH2 . ARG A 1 16  ? -4.453  -5.333  -10.197 1.00 23.20  ? 16  ARG A NH2 1 
ATOM   78   N  N   . VAL A 1 17  ? -7.577  -1.514  -4.972  1.00 12.47  ? 17  VAL A N   1 
ATOM   79   C  CA  . VAL A 1 17  ? -6.420  -0.613  -4.682  1.00 11.36  ? 17  VAL A CA  1 
ATOM   80   C  C   . VAL A 1 17  ? -5.134  -1.388  -4.885  1.00 11.84  ? 17  VAL A C   1 
ATOM   81   O  O   . VAL A 1 17  ? -4.912  -2.371  -4.183  1.00 10.87  ? 17  VAL A O   1 
ATOM   82   C  CB  . VAL A 1 17  ? -6.475  -0.053  -3.259  1.00 11.10  ? 17  VAL A CB  1 
ATOM   83   C  CG1 . VAL A 1 17  ? -5.460  1.051   -3.084  1.00 10.86  ? 17  VAL A CG1 1 
ATOM   84   C  CG2 . VAL A 1 17  ? -7.883  0.447   -2.969  1.00 11.67  ? 17  VAL A CG2 1 
ATOM   85   N  N   . VAL A 1 18  ? -4.256  -0.863  -5.741  1.00 9.69   ? 18  VAL A N   1 
ATOM   86   C  CA  . VAL A 1 18  ? -2.999  -1.572  -6.070  1.00 9.67   ? 18  VAL A CA  1 
ATOM   87   C  C   . VAL A 1 18  ? -1.869  -0.559  -6.072  1.00 9.23   ? 18  VAL A C   1 
ATOM   88   O  O   . VAL A 1 18  ? -2.088  0.651   -6.165  1.00 10.23  ? 18  VAL A O   1 
ATOM   89   C  CB  . VAL A 1 18  ? -3.078  -2.230  -7.447  1.00 9.99   ? 18  VAL A CB  1 
ATOM   90   C  CG1 . VAL A 1 18  ? -3.972  -3.436  -7.388  1.00 10.51  ? 18  VAL A CG1 1 
ATOM   91   C  CG2 . VAL A 1 18  ? -3.513  -1.277  -8.550  1.00 10.92  ? 18  VAL A CG2 1 
ATOM   92   N  N   . ASN A 1 19  ? -0.677  -1.104  -6.093  1.00 9.55   ? 19  ASN A N   1 
ATOM   93   C  CA  . ASN A 1 19  ? 0.521   -0.273  -6.338  1.00 10.35  ? 19  ASN A CA  1 
ATOM   94   C  C   . ASN A 1 19  ? 0.420   0.296   -7.757  1.00 10.38  ? 19  ASN A C   1 
ATOM   95   O  O   . ASN A 1 19  ? 0.193   -0.506  -8.682  1.00 10.42  ? 19  ASN A O   1 
ATOM   96   C  CB  . ASN A 1 19  ? 1.782   -1.119  -6.225  1.00 9.89   ? 19  ASN A CB  1 
ATOM   97   C  CG  . ASN A 1 19  ? 1.994   -1.635  -4.818  1.00 10.21  ? 19  ASN A CG  1 
ATOM   98   O  OD1 . ASN A 1 19  ? 1.568   -2.740  -4.505  1.00 9.25   ? 19  ASN A OD1 1 
ATOM   99   N  ND2 . ASN A 1 19  ? 2.533   -0.804  -3.972  1.00 11.63  ? 19  ASN A ND2 1 
ATOM   100  N  N   . ARG A 1 20  ? 0.624   1.605   -7.956  1.00 11.89  ? 20  ARG A N   1 
ATOM   101  C  CA  . ARG A 1 20  ? 0.583   2.159   -9.340  1.00 12.31  ? 20  ARG A CA  1 
ATOM   102  C  C   . ARG A 1 20  ? 1.497   1.326   -10.284 1.00 13.56  ? 20  ARG A C   1 
ATOM   103  O  O   . ARG A 1 20  ? 1.065   1.033   -11.405 1.00 11.55  ? 20  ARG A O   1 
ATOM   104  C  CB  . ARG A 1 20  ? 0.925   3.639   -9.323  1.00 13.37  ? 20  ARG A CB  1 
ATOM   105  C  CG  . ARG A 1 20  ? 0.618   4.326   -10.648 1.00 13.89  ? 20  ARG A CG  1 
ATOM   106  C  CD  . ARG A 1 20  ? 1.058   5.766   -10.554 1.00 15.25  ? 20  ARG A CD  1 
ATOM   107  N  NE  . ARG A 1 20  ? 0.870   6.513   -11.788 1.00 16.86  ? 20  ARG A NE  1 
ATOM   108  C  CZ  . ARG A 1 20  ? 1.674   6.454   -12.865 1.00 17.93  ? 20  ARG A CZ  1 
ATOM   109  N  NH1 . ARG A 1 20  ? 2.686   5.605   -12.946 1.00 18.21  ? 20  ARG A NH1 1 
ATOM   110  N  NH2 . ARG A 1 20  ? 1.404   7.219   -13.916 1.00 17.76  ? 20  ARG A NH2 1 
ATOM   111  N  N   . HIS A 1 21  ? 2.709   0.906   -9.879  1.00 14.26  ? 21  HIS A N   1 
ATOM   112  C  CA  . HIS A 1 21  ? 3.658   0.175   -10.780 1.00 15.32  ? 21  HIS A CA  1 
ATOM   113  C  C   . HIS A 1 21  ? 3.260   -1.272  -11.112 1.00 15.47  ? 21  HIS A C   1 
ATOM   114  O  O   . HIS A 1 21  ? 3.879   -1.874  -12.027 1.00 17.31  ? 21  HIS A O   1 
ATOM   115  C  CB  . HIS A 1 21  ? 5.111   0.177   -10.257 1.00 16.84  ? 21  HIS A CB  1 
ATOM   116  C  CG  . HIS A 1 21  ? 5.361   -0.750  -9.114  1.00 16.94  ? 21  HIS A CG  1 
ATOM   117  N  ND1 . HIS A 1 21  ? 5.277   -0.335  -7.813  1.00 19.36  ? 21  HIS A ND1 1 
ATOM   118  C  CD2 . HIS A 1 21  ? 5.647   -2.074  -9.084  1.00 16.76  ? 21  HIS A CD2 1 
ATOM   119  C  CE1 . HIS A 1 21  ? 5.508   -1.358  -7.021  1.00 18.56  ? 21  HIS A CE1 1 
ATOM   120  N  NE2 . HIS A 1 21  ? 5.741   -2.444  -7.772  1.00 18.17  ? 21  HIS A NE2 1 
ATOM   121  N  N   . LEU A 1 22  ? 2.282   -1.862  -10.425 1.00 13.02  ? 22  LEU A N   1 
ATOM   122  C  CA  . LEU A 1 22  ? 1.776   -3.223  -10.729 1.00 15.19  ? 22  LEU A CA  1 
ATOM   123  C  C   . LEU A 1 22  ? 0.420   -3.137  -11.418 1.00 14.28  ? 22  LEU A C   1 
ATOM   124  O  O   . LEU A 1 22  ? -0.211  -4.216  -11.641 1.00 16.32  ? 22  LEU A O   1 
ATOM   125  C  CB  . LEU A 1 22  ? 1.688   -3.991  -9.412  1.00 16.13  ? 22  LEU A CB  1 
ATOM   126  C  CG  . LEU A 1 22  ? 3.042   -4.231  -8.753  1.00 17.35  ? 22  LEU A CG  1 
ATOM   127  C  CD1 . LEU A 1 22  ? 2.897   -5.037  -7.466  1.00 17.86  ? 22  LEU A CD1 1 
ATOM   128  C  CD2 . LEU A 1 22  ? 3.999   -4.930  -9.711  1.00 17.43  ? 22  LEU A CD2 1 
ATOM   129  N  N   . ALA A 1 23  ? -0.079  -1.913  -11.620 1.00 15.01  ? 23  ALA A N   1 
ATOM   130  C  CA  . ALA A 1 23  ? -1.419  -1.672  -12.197 1.00 15.76  ? 23  ALA A CA  1 
ATOM   131  C  C   . ALA A 1 23  ? -1.440  -2.311  -13.589 1.00 16.81  ? 23  ALA A C   1 
ATOM   132  O  O   . ALA A 1 23  ? -0.426  -2.135  -14.334 1.00 17.89  ? 23  ALA A O   1 
ATOM   133  C  CB  . ALA A 1 23  ? -1.728  -0.189  -12.237 1.00 14.79  ? 23  ALA A CB  1 
ATOM   134  N  N   . THR A 1 24  ? -2.524  -3.031  -13.892 1.00 18.13  ? 24  THR A N   1 
ATOM   135  C  CA  . THR A 1 24  ? -2.716  -3.778  -15.155 1.00 19.89  ? 24  THR A CA  1 
ATOM   136  C  C   . THR A 1 24  ? -3.369  -2.867  -16.201 1.00 18.25  ? 24  THR A C   1 
ATOM   137  O  O   . THR A 1 24  ? -3.876  -1.755  -15.844 1.00 15.46  ? 24  THR A O   1 
ATOM   138  C  CB  . THR A 1 24  ? -3.569  -5.024  -14.896 1.00 20.53  ? 24  THR A CB  1 
ATOM   139  O  OG1 . THR A 1 24  ? -4.856  -4.591  -14.461 1.00 21.58  ? 24  THR A OG1 1 
ATOM   140  C  CG2 . THR A 1 24  ? -2.935  -5.960  -13.883 1.00 20.68  ? 24  THR A CG2 1 
ATOM   141  N  N   . HIS A 1 25  ? -3.313  -3.277  -17.473 1.00 20.15  ? 25  HIS A N   1 
ATOM   142  C  CA  . HIS A 1 25  ? -4.105  -2.618  -18.543 1.00 20.22  ? 25  HIS A CA  1 
ATOM   143  C  C   . HIS A 1 25  ? -5.576  -2.490  -18.086 1.00 19.02  ? 25  HIS A C   1 
ATOM   144  O  O   . HIS A 1 25  ? -6.130  -1.384  -18.170 1.00 18.42  ? 25  HIS A O   1 
ATOM   145  C  CB  . HIS A 1 25  ? -4.018  -3.336  -19.893 1.00 22.46  ? 25  HIS A CB  1 
ATOM   146  C  CG  . HIS A 1 25  ? -5.067  -2.817  -20.821 1.00 23.72  ? 25  HIS A CG  1 
ATOM   147  N  ND1 . HIS A 1 25  ? -4.977  -1.563  -21.396 1.00 24.97  ? 25  HIS A ND1 1 
ATOM   148  C  CD2 . HIS A 1 25  ? -6.276  -3.306  -21.180 1.00 24.11  ? 25  HIS A CD2 1 
ATOM   149  C  CE1 . HIS A 1 25  ? -6.060  -1.323  -22.105 1.00 24.49  ? 25  HIS A CE1 1 
ATOM   150  N  NE2 . HIS A 1 25  ? -6.878  -2.380  -21.998 1.00 22.63  ? 25  HIS A NE2 1 
ATOM   151  N  N   . ASN A 1 26  ? -6.188  -3.550  -17.548 1.00 19.92  ? 26  ASN A N   1 
ATOM   152  C  CA  . ASN A 1 26  ? -7.592  -3.501  -17.052 1.00 20.83  ? 26  ASN A CA  1 
ATOM   153  C  C   . ASN A 1 26  ? -7.757  -2.406  -15.979 1.00 17.80  ? 26  ASN A C   1 
ATOM   154  O  O   . ASN A 1 26  ? -8.760  -1.653  -15.989 1.00 15.86  ? 26  ASN A O   1 
ATOM   155  C  CB  . ASN A 1 26  ? -8.052  -4.837  -16.463 1.00 23.70  ? 26  ASN A CB  1 
ATOM   156  C  CG  . ASN A 1 26  ? -9.537  -4.833  -16.140 1.00 26.24  ? 26  ASN A CG  1 
ATOM   157  O  OD1 . ASN A 1 26  ? -10.365 -5.062  -17.021 1.00 31.68  ? 26  ASN A OD1 1 
ATOM   158  N  ND2 . ASN A 1 26  ? -9.903  -4.547  -14.898 1.00 25.24  ? 26  ASN A ND2 1 
ATOM   159  N  N   . ASP A 1 27  ? -6.795  -2.304  -15.057 1.00 16.58  ? 27  ASP A N   1 
ATOM   160  C  CA  . ASP A 1 27  ? -6.833  -1.258  -14.008 1.00 14.85  ? 27  ASP A CA  1 
ATOM   161  C  C   . ASP A 1 27  ? -6.851  0.118   -14.667 1.00 13.19  ? 27  ASP A C   1 
ATOM   162  O  O   . ASP A 1 27  ? -7.634  0.968   -14.262 1.00 10.79  ? 27  ASP A O   1 
ATOM   163  C  CB  . ASP A 1 27  ? -5.612  -1.315  -13.085 1.00 13.27  ? 27  ASP A CB  1 
ATOM   164  C  CG  . ASP A 1 27  ? -5.601  -2.476  -12.099 1.00 13.53  ? 27  ASP A CG  1 
ATOM   165  O  OD1 . ASP A 1 27  ? -6.692  -2.819  -11.587 1.00 15.81  ? 27  ASP A OD1 1 
ATOM   166  O  OD2 . ASP A 1 27  ? -4.515  -3.029  -11.877 1.00 13.07  ? 27  ASP A OD2 1 
ATOM   167  N  N   . TRP A 1 28  ? -5.962  0.367   -15.629 1.00 12.76  ? 28  TRP A N   1 
ATOM   168  C  CA  . TRP A 1 28  ? -5.926  1.681   -16.324 1.00 12.26  ? 28  TRP A CA  1 
ATOM   169  C  C   . TRP A 1 28  ? -7.192  1.869   -17.177 1.00 12.18  ? 28  TRP A C   1 
ATOM   170  O  O   . TRP A 1 28  ? -7.641  2.982   -17.210 1.00 11.62  ? 28  TRP A O   1 
ATOM   171  C  CB  . TRP A 1 28  ? -4.664  1.803   -17.175 1.00 12.80  ? 28  TRP A CB  1 
ATOM   172  C  CG  . TRP A 1 28  ? -3.428  2.133   -16.388 1.00 11.91  ? 28  TRP A CG  1 
ATOM   173  C  CD1 . TRP A 1 28  ? -2.393  1.291   -16.080 1.00 12.62  ? 28  TRP A CD1 1 
ATOM   174  C  CD2 . TRP A 1 28  ? -3.071  3.426   -15.877 1.00 12.51  ? 28  TRP A CD2 1 
ATOM   175  N  NE1 . TRP A 1 28  ? -1.419  1.978   -15.413 1.00 11.96  ? 28  TRP A NE1 1 
ATOM   176  C  CE2 . TRP A 1 28  ? -1.823  3.281   -15.230 1.00 11.72  ? 28  TRP A CE2 1 
ATOM   177  C  CE3 . TRP A 1 28  ? -3.685  4.679   -15.873 1.00 11.56  ? 28  TRP A CE3 1 
ATOM   178  C  CZ2 . TRP A 1 28  ? -1.156  4.373   -14.678 1.00 12.19  ? 28  TRP A CZ2 1 
ATOM   179  C  CZ3 . TRP A 1 28  ? -3.048  5.741   -15.272 1.00 13.20  ? 28  TRP A CZ3 1 
ATOM   180  C  CH2 . TRP A 1 28  ? -1.802  5.586   -14.676 1.00 12.86  ? 28  TRP A CH2 1 
ATOM   181  N  N   . ALA A 1 29  ? -7.807  0.784   -17.661 1.00 12.79  ? 29  ALA A N   1 
ATOM   182  C  CA  . ALA A 1 29  ? -9.008  0.865   -18.538 1.00 14.57  ? 29  ALA A CA  1 
ATOM   183  C  C   . ALA A 1 29  ? -10.268 1.046   -17.690 1.00 17.56  ? 29  ALA A C   1 
ATOM   184  O  O   . ALA A 1 29  ? -11.363 1.235   -18.246 1.00 18.06  ? 29  ALA A O   1 
ATOM   185  C  CB  . ALA A 1 29  ? -9.102  -0.379  -19.365 1.00 14.61  ? 29  ALA A CB  1 
ATOM   186  N  N   . ASN A 1 30  ? -10.126 0.896   -16.374 1.00 20.74  ? 30  ASN A N   1 
ATOM   187  C  CA  . ASN A 1 30  ? -11.226 1.111   -15.398 1.00 22.43  ? 30  ASN A CA  1 
ATOM   188  C  C   . ASN A 1 30  ? -10.730 2.032   -14.279 1.00 22.41  ? 30  ASN A C   1 
ATOM   189  O  O   . ASN A 1 30  ? -11.124 1.812   -13.101 1.00 24.88  ? 30  ASN A O   1 
ATOM   190  C  CB  . ASN A 1 30  ? -11.746 -0.232  -14.898 1.00 24.00  ? 30  ASN A CB  1 
ATOM   191  C  CG  . ASN A 1 30  ? -12.396 -1.037  -15.999 1.00 25.56  ? 30  ASN A CG  1 
ATOM   192  O  OD1 . ASN A 1 30  ? -13.594 -0.894  -16.248 1.00 27.90  ? 30  ASN A OD1 1 
ATOM   193  N  ND2 . ASN A 1 30  ? -11.620 -1.876  -16.665 1.00 26.90  ? 30  ASN A ND2 1 
ATOM   194  N  N   . LEU A 1 31  ? -9.952  3.063   -14.617 1.00 21.60  ? 31  LEU A N   1 
ATOM   195  C  CA  . LEU A 1 31  ? -9.293  3.953   -13.633 1.00 22.31  ? 31  LEU A CA  1 
ATOM   196  C  C   . LEU A 1 31  ? -10.351 4.711   -12.821 1.00 25.08  ? 31  LEU A C   1 
ATOM   197  O  O   . LEU A 1 31  ? -11.460 4.977   -13.388 1.00 23.10  ? 31  LEU A O   1 
ATOM   198  C  CB  . LEU A 1 31  ? -8.355  4.919   -14.354 1.00 22.52  ? 31  LEU A CB  1 
ATOM   199  C  CG  . LEU A 1 31  ? -7.528  5.813   -13.434 1.00 23.47  ? 31  LEU A CG  1 
ATOM   200  C  CD1 . LEU A 1 31  ? -6.667  4.986   -12.491 1.00 22.63  ? 31  LEU A CD1 1 
ATOM   201  C  CD2 . LEU A 1 31  ? -6.671  6.792   -14.217 1.00 23.67  ? 31  LEU A CD2 1 
ATOM   202  N  N   . VAL A 1 32  ? -10.019 5.010   -11.553 1.00 25.71  ? 32  VAL A N   1 
ATOM   203  C  CA  . VAL A 1 32  ? -10.816 5.850   -10.608 1.00 27.05  ? 32  VAL A CA  1 
ATOM   204  C  C   . VAL A 1 32  ? -9.915  6.993   -10.135 1.00 28.21  ? 32  VAL A C   1 
ATOM   205  O  O   . VAL A 1 32  ? -10.357 8.143   -10.216 1.00 29.29  ? 32  VAL A O   1 
ATOM   206  C  CB  . VAL A 1 32  ? -11.399 5.032   -9.434  1.00 28.26  ? 32  VAL A CB  1 
ATOM   207  C  CG1 . VAL A 1 32  ? -12.217 5.894   -8.483  1.00 27.94  ? 32  VAL A CG1 1 
ATOM   208  C  CG2 . VAL A 1 32  ? -12.219 3.846   -9.905  1.00 29.10  ? 32  VAL A CG2 1 
ATOM   209  N  N   . TRP A 1 33  ? -8.693  6.698   -9.669  1.00 27.05  ? 33  TRP A N   1 
ATOM   210  C  CA  . TRP A 1 33  ? -7.675  7.709   -9.267  1.00 27.56  ? 33  TRP A CA  1 
ATOM   211  C  C   . TRP A 1 33  ? -6.284  7.059   -9.236  1.00 24.35  ? 33  TRP A C   1 
ATOM   212  O  O   . TRP A 1 33  ? -6.235  5.832   -8.974  1.00 21.25  ? 33  TRP A O   1 
ATOM   213  C  CB  . TRP A 1 33  ? -8.069  8.340   -7.919  1.00 28.64  ? 33  TRP A CB  1 
ATOM   214  C  CG  . TRP A 1 33  ? -6.952  9.024   -7.191  1.00 31.48  ? 33  TRP A CG  1 
ATOM   215  C  CD1 . TRP A 1 33  ? -6.509  10.306  -7.349  1.00 31.00  ? 33  TRP A CD1 1 
ATOM   216  C  CD2 . TRP A 1 33  ? -6.131  8.444   -6.162  1.00 31.65  ? 33  TRP A CD2 1 
ATOM   217  N  NE1 . TRP A 1 33  ? -5.460  10.557  -6.504  1.00 33.80  ? 33  TRP A NE1 1 
ATOM   218  C  CE2 . TRP A 1 33  ? -5.198  9.427   -5.770  1.00 32.03  ? 33  TRP A CE2 1 
ATOM   219  C  CE3 . TRP A 1 33  ? -6.087  7.186   -5.551  1.00 31.62  ? 33  TRP A CE3 1 
ATOM   220  C  CZ2 . TRP A 1 33  ? -4.253  9.192   -4.769  1.00 33.54  ? 33  TRP A CZ2 1 
ATOM   221  C  CZ3 . TRP A 1 33  ? -5.145  6.952   -4.573  1.00 31.97  ? 33  TRP A CZ3 1 
ATOM   222  C  CH2 . TRP A 1 33  ? -4.241  7.944   -4.193  1.00 31.23  ? 33  TRP A CH2 1 
ATOM   223  N  N   . GLU A 1 34  ? -5.225  7.844   -9.492  1.00 21.76  ? 34  GLU A N   1 
ATOM   224  C  CA  . GLU A 1 34  ? -3.798  7.393   -9.478  1.00 24.85  ? 34  GLU A CA  1 
ATOM   225  C  C   . GLU A 1 34  ? -2.837  8.516   -9.036  1.00 25.80  ? 34  GLU A C   1 
ATOM   226  O  O   . GLU A 1 34  ? -3.107  9.694   -9.348  1.00 28.83  ? 34  GLU A O   1 
ATOM   227  C  CB  . GLU A 1 34  ? -3.394  6.819   -10.839 1.00 23.70  ? 34  GLU A CB  1 
ATOM   228  C  CG  . GLU A 1 34  ? -3.382  7.835   -11.980 1.00 23.78  ? 34  GLU A CG  1 
ATOM   229  C  CD  . GLU A 1 34  ? -2.145  8.711   -12.128 1.00 25.18  ? 34  GLU A CD  1 
ATOM   230  O  OE1 . GLU A 1 34  ? -2.276  9.775   -12.758 1.00 28.36  ? 34  GLU A OE1 1 
ATOM   231  O  OE2 . GLU A 1 34  ? -1.035  8.318   -11.674 1.00 25.88  ? 34  GLU A OE2 1 
ATOM   232  N  N   . ASP A 1 35  ? -1.720  8.174   -8.373  1.00 26.18  ? 35  ASP A N   1 
ATOM   233  C  CA  . ASP A 1 35  ? -0.659  9.141   -7.959  1.00 27.27  ? 35  ASP A CA  1 
ATOM   234  C  C   . ASP A 1 35  ? 0.712   8.461   -7.960  1.00 28.90  ? 35  ASP A C   1 
ATOM   235  O  O   . ASP A 1 35  ? 0.945   7.526   -7.156  1.00 27.61  ? 35  ASP A O   1 
ATOM   236  C  CB  . ASP A 1 35  ? -0.913  9.731   -6.574  1.00 27.02  ? 35  ASP A CB  1 
ATOM   237  C  CG  . ASP A 1 35  ? 0.103   10.771  -6.108  1.00 28.11  ? 35  ASP A CG  1 
ATOM   238  O  OD1 . ASP A 1 35  ? 1.316   10.661  -6.450  1.00 28.10  ? 35  ASP A OD1 1 
ATOM   239  O  OD2 . ASP A 1 35  ? -0.321  11.681  -5.389  1.00 28.15  ? 35  ASP A OD2 1 
ATOM   240  N  N   A SER A 1 36  ? 1.615   8.929   -8.825  0.30 27.91  ? 36  SER A N   1 
ATOM   241  N  N   B SER A 1 36  ? 1.600   8.936   -8.836  0.28 28.22  ? 36  SER A N   1 
ATOM   242  C  CA  A SER A 1 36  ? 2.971   8.355   -9.022  0.30 28.51  ? 36  SER A CA  1 
ATOM   243  C  CA  B SER A 1 36  ? 2.975   8.414   -9.054  0.28 28.95  ? 36  SER A CA  1 
ATOM   244  C  C   A SER A 1 36  ? 3.842   8.605   -7.784  0.30 28.42  ? 36  SER A C   1 
ATOM   245  C  C   B SER A 1 36  ? 3.828   8.610   -7.794  0.28 28.73  ? 36  SER A C   1 
ATOM   246  O  O   A SER A 1 36  ? 4.619   7.690   -7.417  0.30 27.67  ? 36  SER A O   1 
ATOM   247  O  O   B SER A 1 36  ? 4.574   7.669   -7.427  0.28 28.04  ? 36  SER A O   1 
ATOM   248  C  CB  A SER A 1 36  ? 3.617   8.889   -10.274 0.30 28.29  ? 36  SER A CB  1 
ATOM   249  C  CB  B SER A 1 36  ? 3.601   9.077   -10.252 0.28 28.97  ? 36  SER A CB  1 
ATOM   250  O  OG  A SER A 1 36  ? 4.876   8.267   -10.488 0.30 29.12  ? 36  SER A OG  1 
ATOM   251  O  OG  B SER A 1 36  ? 3.507   10.491  -10.145 0.28 30.25  ? 36  SER A OG  1 
ATOM   252  N  N   . SER A 1 37  ? 3.702   9.779   -7.158  1.00 29.30  ? 37  SER A N   1 
ATOM   253  C  CA  . SER A 1 37  ? 4.445   10.155  -5.928  1.00 30.64  ? 37  SER A CA  1 
ATOM   254  C  C   . SER A 1 37  ? 4.052   9.273   -4.729  1.00 30.71  ? 37  SER A C   1 
ATOM   255  O  O   . SER A 1 37  ? 4.740   9.366   -3.716  1.00 36.35  ? 37  SER A O   1 
ATOM   256  C  CB  . SER A 1 37  ? 4.249   11.617  -5.612  1.00 31.78  ? 37  SER A CB  1 
ATOM   257  O  OG  . SER A 1 37  ? 2.890   11.904  -5.304  1.00 33.14  ? 37  SER A OG  1 
ATOM   258  N  N   . ARG A 1 38  ? 2.978   8.475   -4.821  1.00 26.95  ? 38  ARG A N   1 
ATOM   259  C  CA  . ARG A 1 38  ? 2.506   7.556   -3.747  1.00 25.40  ? 38  ARG A CA  1 
ATOM   260  C  C   . ARG A 1 38  ? 2.630   6.086   -4.175  1.00 22.31  ? 38  ARG A C   1 
ATOM   261  O  O   . ARG A 1 38  ? 2.541   5.189   -3.295  1.00 19.77  ? 38  ARG A O   1 
ATOM   262  C  CB  . ARG A 1 38  ? 1.045   7.869   -3.420  1.00 23.42  ? 38  ARG A CB  1 
ATOM   263  C  CG  . ARG A 1 38  ? 0.784   9.303   -2.973  1.00 26.23  ? 38  ARG A CG  1 
ATOM   264  C  CD  . ARG A 1 38  ? -0.642  9.533   -2.495  1.00 26.63  ? 38  ARG A CD  1 
ATOM   265  N  NE  . ARG A 1 38  ? -0.964  8.752   -1.307  1.00 30.24  ? 38  ARG A NE  1 
ATOM   266  C  CZ  . ARG A 1 38  ? -1.971  8.994   -0.476  1.00 31.52  ? 38  ARG A CZ  1 
ATOM   267  N  NH1 . ARG A 1 38  ? -2.771  10.036  -0.651  1.00 35.39  ? 38  ARG A NH1 1 
ATOM   268  N  NH2 . ARG A 1 38  ? -2.148  8.201   0.565   1.00 31.31  ? 38  ARG A NH2 1 
ATOM   269  N  N   . ASP A 1 39  ? 2.797   5.803   -5.466  1.00 21.00  ? 39  ASP A N   1 
ATOM   270  C  CA  . ASP A 1 39  ? 2.687   4.419   -5.989  1.00 18.98  ? 39  ASP A CA  1 
ATOM   271  C  C   . ASP A 1 39  ? 1.313   3.829   -5.694  1.00 16.22  ? 39  ASP A C   1 
ATOM   272  O  O   . ASP A 1 39  ? 1.303   2.608   -5.462  1.00 15.26  ? 39  ASP A O   1 
ATOM   273  C  CB  . ASP A 1 39  ? 3.732   3.503   -5.345  1.00 17.36  ? 39  ASP A CB  1 
ATOM   274  C  CG  . ASP A 1 39  ? 3.911   2.127   -5.972  1.00 18.69  ? 39  ASP A CG  1 
ATOM   275  O  OD1 . ASP A 1 39  ? 3.815   2.025   -7.194  1.00 15.91  ? 39  ASP A OD1 1 
ATOM   276  O  OD2 . ASP A 1 39  ? 4.217   1.176   -5.249  1.00 17.88  ? 39  ASP A OD2 1 
ATOM   277  N  N   . LEU A 1 40  ? 0.235   4.631   -5.726  1.00 15.51  ? 40  LEU A N   1 
ATOM   278  C  CA  . LEU A 1 40  ? -1.170  4.130   -5.659  1.00 14.10  ? 40  LEU A CA  1 
ATOM   279  C  C   . LEU A 1 40  ? -1.953  4.332   -6.968  1.00 14.78  ? 40  LEU A C   1 
ATOM   280  O  O   . LEU A 1 40  ? -1.815  5.415   -7.620  1.00 18.36  ? 40  LEU A O   1 
ATOM   281  C  CB  . LEU A 1 40  ? -1.899  4.794   -4.494  1.00 14.42  ? 40  LEU A CB  1 
ATOM   282  C  CG  . LEU A 1 40  ? -1.416  4.381   -3.092  1.00 16.10  ? 40  LEU A CG  1 
ATOM   283  C  CD1 . LEU A 1 40  ? -2.234  5.070   -2.017  1.00 17.29  ? 40  LEU A CD1 1 
ATOM   284  C  CD2 . LEU A 1 40  ? -1.446  2.858   -2.903  1.00 15.55  ? 40  LEU A CD2 1 
ATOM   285  N  N   . LEU A 1 41  ? -2.867  3.391   -7.204  1.00 11.59  ? 41  LEU A N   1 
ATOM   286  C  CA  . LEU A 1 41  ? -3.893  3.432   -8.273  1.00 11.86  ? 41  LEU A CA  1 
ATOM   287  C  C   . LEU A 1 41  ? -5.119  2.647   -7.805  1.00 12.10  ? 41  LEU A C   1 
ATOM   288  O  O   . LEU A 1 41  ? -4.975  1.609   -7.095  1.00 13.06  ? 41  LEU A O   1 
ATOM   289  C  CB  . LEU A 1 41  ? -3.312  2.853   -9.554  1.00 10.15  ? 41  LEU A CB  1 
ATOM   290  C  CG  . LEU A 1 41  ? -4.229  2.886   -10.776 1.00 10.08  ? 41  LEU A CG  1 
ATOM   291  C  CD1 . LEU A 1 41  ? -3.450  3.110   -12.051 1.00 9.97   ? 41  LEU A CD1 1 
ATOM   292  C  CD2 . LEU A 1 41  ? -5.045  1.632   -10.867 1.00 9.52   ? 41  LEU A CD2 1 
ATOM   293  N  N   . VAL A 1 42  ? -6.310  3.215   -8.032  1.00 13.59  ? 42  VAL A N   1 
ATOM   294  C  CA  . VAL A 1 42  ? -7.599  2.526   -7.749  1.00 14.32  ? 42  VAL A CA  1 
ATOM   295  C  C   . VAL A 1 42  ? -8.379  2.385   -9.053  1.00 14.65  ? 42  VAL A C   1 
ATOM   296  O  O   . VAL A 1 42  ? -8.452  3.418   -9.788  1.00 18.66  ? 42  VAL A O   1 
ATOM   297  C  CB  . VAL A 1 42  ? -8.442  3.231   -6.668  1.00 15.05  ? 42  VAL A CB  1 
ATOM   298  C  CG1 . VAL A 1 42  ? -9.737  2.475   -6.412  1.00 15.58  ? 42  VAL A CG1 1 
ATOM   299  C  CG2 . VAL A 1 42  ? -7.622  3.438   -5.400  1.00 15.50  ? 42  VAL A CG2 1 
ATOM   300  N  N   . SER A 1 43  ? -8.841  1.158   -9.288  1.00 14.81  ? 43  SER A N   1 
ATOM   301  C  CA  . SER A 1 43  ? -9.671  0.684   -10.439 1.00 17.22  ? 43  SER A CA  1 
ATOM   302  C  C   . SER A 1 43  ? -11.021 0.101   -9.969  1.00 20.99  ? 43  SER A C   1 
ATOM   303  O  O   . SER A 1 43  ? -11.168 -0.342  -8.793  1.00 18.41  ? 43  SER A O   1 
ATOM   304  C  CB  . SER A 1 43  ? -8.915  -0.326  -11.281 1.00 16.56  ? 43  SER A CB  1 
ATOM   305  O  OG  . SER A 1 43  ? -8.665  -1.571  -10.614 1.00 16.11  ? 43  SER A OG  1 
ATOM   306  N  N   . SER A 1 44  ? -11.998 0.070   -10.880 1.00 24.92  ? 44  SER A N   1 
ATOM   307  C  CA  . SER A 1 44  ? -13.391 -0.381  -10.614 1.00 27.99  ? 44  SER A CA  1 
ATOM   308  C  C   . SER A 1 44  ? -13.479 -1.901  -10.775 1.00 32.06  ? 44  SER A C   1 
ATOM   309  O  O   . SER A 1 44  ? -12.818 -2.475  -11.682 1.00 30.36  ? 44  SER A O   1 
ATOM   310  C  CB  . SER A 1 44  ? -14.368 0.320   -11.520 1.00 29.94  ? 44  SER A CB  1 
ATOM   311  O  OG  . SER A 1 44  ? -14.001 0.128   -12.881 1.00 28.42  ? 44  SER A OG  1 
ATOM   312  N  N   . THR A 1 45  ? -14.260 -2.574  -9.919  0.58 32.21  ? 45  THR A N   1 
ATOM   313  C  CA  . THR A 1 45  ? -14.514 -4.042  -9.997  0.58 33.07  ? 45  THR A CA  1 
ATOM   314  C  C   . THR A 1 45  ? -16.012 -4.298  -10.205 0.58 33.77  ? 45  THR A C   1 
ATOM   315  O  O   . THR A 1 45  ? -16.824 -3.407  -9.880  0.58 33.56  ? 45  THR A O   1 
ATOM   316  C  CB  . THR A 1 45  ? -14.010 -4.805  -8.762  0.58 33.41  ? 45  THR A CB  1 
ATOM   317  O  OG1 . THR A 1 45  ? -14.857 -4.521  -7.648  0.58 34.16  ? 45  THR A OG1 1 
ATOM   318  C  CG2 . THR A 1 45  ? -12.576 -4.482  -8.402  0.58 33.42  ? 45  THR A CG2 1 
ATOM   319  N  N   . THR A 1 46  ? -16.352 -5.481  -10.727 0.58 34.99  ? 46  THR A N   1 
ATOM   320  C  CA  . THR A 1 46  ? -17.745 -5.906  -11.035 0.58 35.30  ? 46  THR A CA  1 
ATOM   321  C  C   . THR A 1 46  ? -18.269 -6.819  -9.916  0.58 35.45  ? 46  THR A C   1 
ATOM   322  O  O   . THR A 1 46  ? -19.492 -6.790  -9.671  0.58 36.50  ? 46  THR A O   1 
ATOM   323  C  CB  . THR A 1 46  ? -17.822 -6.533  -12.432 0.58 35.36  ? 46  THR A CB  1 
ATOM   324  O  OG1 . THR A 1 46  ? -16.893 -7.617  -12.506 0.58 35.15  ? 46  THR A OG1 1 
ATOM   325  C  CG2 . THR A 1 46  ? -17.528 -5.529  -13.525 0.58 36.18  ? 46  THR A CG2 1 
ATOM   326  N  N   . ALA A 1 47  ? -17.386 -7.590  -9.271  0.58 34.95  ? 47  ALA A N   1 
ATOM   327  C  CA  . ALA A 1 47  ? -17.670 -8.377  -8.044  0.58 34.10  ? 47  ALA A CA  1 
ATOM   328  C  C   . ALA A 1 47  ? -17.055 -7.665  -6.833  0.58 33.03  ? 47  ALA A C   1 
ATOM   329  O  O   . ALA A 1 47  ? -15.943 -7.111  -6.980  0.58 31.03  ? 47  ALA A O   1 
ATOM   330  C  CB  . ALA A 1 47  ? -17.133 -9.778  -8.196  0.58 34.37  ? 47  ALA A CB  1 
ATOM   331  N  N   . GLN A 1 48  ? -17.743 -7.690  -5.684  0.58 31.85  ? 48  GLN A N   1 
ATOM   332  C  CA  . GLN A 1 48  ? -17.359 -6.907  -4.476  0.58 31.23  ? 48  GLN A CA  1 
ATOM   333  C  C   . GLN A 1 48  ? -16.322 -7.686  -3.655  0.58 30.09  ? 48  GLN A C   1 
ATOM   334  O  O   . GLN A 1 48  ? -16.287 -8.933  -3.754  0.58 28.75  ? 48  GLN A O   1 
ATOM   335  C  CB  . GLN A 1 48  ? -18.591 -6.527  -3.651  0.58 32.20  ? 48  GLN A CB  1 
ATOM   336  C  CG  . GLN A 1 48  ? -19.140 -5.151  -4.009  0.58 32.46  ? 48  GLN A CG  1 
ATOM   337  C  CD  . GLN A 1 48  ? -20.182 -4.668  -3.031  0.58 32.68  ? 48  GLN A CD  1 
ATOM   338  O  OE1 . GLN A 1 48  ? -21.107 -5.397  -2.679  0.58 33.95  ? 48  GLN A OE1 1 
ATOM   339  N  NE2 . GLN A 1 48  ? -20.048 -3.427  -2.592  0.58 33.05  ? 48  GLN A NE2 1 
ATOM   340  N  N   . GLY A 1 49  ? -15.507 -6.951  -2.890  0.58 29.07  ? 49  GLY A N   1 
ATOM   341  C  CA  . GLY A 1 49  ? -14.393 -7.475  -2.073  0.58 28.55  ? 49  GLY A CA  1 
ATOM   342  C  C   . GLY A 1 49  ? -14.773 -7.604  -0.609  0.58 27.99  ? 49  GLY A C   1 
ATOM   343  O  O   . GLY A 1 49  ? -15.935 -7.310  -0.276  0.58 26.21  ? 49  GLY A O   1 
ATOM   344  N  N   . CYS A 1 50  ? -13.819 -7.987  0.247   0.58 28.27  ? 50  CYS A N   1 
ATOM   345  C  CA  . CYS A 1 50  ? -14.083 -8.436  1.642   0.58 28.87  ? 50  CYS A CA  1 
ATOM   346  C  C   . CYS A 1 50  ? -13.277 -7.641  2.695   0.58 28.79  ? 50  CYS A C   1 
ATOM   347  O  O   . CYS A 1 50  ? -13.255 -8.110  3.848   0.58 28.46  ? 50  CYS A O   1 
ATOM   348  C  CB  . CYS A 1 50  ? -13.802 -9.936  1.753   0.58 29.21  ? 50  CYS A CB  1 
ATOM   349  S  SG  . CYS A 1 50  ? -15.066 -10.983 0.978   0.58 31.56  ? 50  CYS A SG  1 
ATOM   350  N  N   . ASP A 1 51  ? -12.707 -6.466  2.365   0.58 28.84  ? 51  ASP A N   1 
ATOM   351  C  CA  . ASP A 1 51  ? -11.795 -5.672  3.250   0.58 28.10  ? 51  ASP A CA  1 
ATOM   352  C  C   . ASP A 1 51  ? -12.386 -4.284  3.575   0.58 27.73  ? 51  ASP A C   1 
ATOM   353  O  O   . ASP A 1 51  ? -13.218 -3.827  2.776   0.58 28.92  ? 51  ASP A O   1 
ATOM   354  C  CB  . ASP A 1 51  ? -10.417 -5.506  2.596   0.58 27.73  ? 51  ASP A CB  1 
ATOM   355  C  CG  . ASP A 1 51  ? -9.831  -6.787  2.025   0.58 28.06  ? 51  ASP A CG  1 
ATOM   356  O  OD1 . ASP A 1 51  ? -10.132 -7.870  2.575   0.58 30.02  ? 51  ASP A OD1 1 
ATOM   357  O  OD2 . ASP A 1 51  ? -9.083  -6.692  1.027   0.58 25.35  ? 51  ASP A OD2 1 
ATOM   358  N  N   . THR A 1 52  ? -11.952 -3.649  4.690   0.58 26.46  ? 52  THR A N   1 
ATOM   359  C  CA  . THR A 1 52  ? -12.287 -2.264  5.167   0.58 25.09  ? 52  THR A CA  1 
ATOM   360  C  C   . THR A 1 52  ? -11.015 -1.436  5.437   0.58 23.41  ? 52  THR A C   1 
ATOM   361  O  O   . THR A 1 52  ? -10.030 -2.040  5.903   0.58 23.12  ? 52  THR A O   1 
ATOM   362  C  CB  . THR A 1 52  ? -13.063 -2.271  6.497   0.58 25.64  ? 52  THR A CB  1 
ATOM   363  O  OG1 . THR A 1 52  ? -14.322 -2.925  6.332   0.58 25.43  ? 52  THR A OG1 1 
ATOM   364  C  CG2 . THR A 1 52  ? -13.319 -0.885  7.054   0.58 25.98  ? 52  THR A CG2 1 
ATOM   365  N  N   . ILE A 1 53  ? -11.065 -0.105  5.259   0.58 21.47  ? 53  ILE A N   1 
ATOM   366  C  CA  . ILE A 1 53  ? -9.917  0.848   5.414   0.58 20.51  ? 53  ILE A CA  1 
ATOM   367  C  C   . ILE A 1 53  ? -9.926  1.470   6.816   0.58 20.55  ? 53  ILE A C   1 
ATOM   368  O  O   . ILE A 1 53  ? -11.018 1.831   7.313   0.58 20.28  ? 53  ILE A O   1 
ATOM   369  C  CB  . ILE A 1 53  ? -9.936  1.955   4.338   0.58 19.83  ? 53  ILE A CB  1 
ATOM   370  C  CG1 . ILE A 1 53  ? -10.194 1.396   2.934   0.58 19.82  ? 53  ILE A CG1 1 
ATOM   371  C  CG2 . ILE A 1 53  ? -8.663  2.786   4.390   0.58 19.78  ? 53  ILE A CG2 1 
ATOM   372  C  CD1 . ILE A 1 53  ? -9.331  0.205   2.558   0.58 19.59  ? 53  ILE A CD1 1 
ATOM   373  N  N   . ALA A 1 54  ? -8.735  1.641   7.397   0.58 19.80  ? 54  ALA A N   1 
ATOM   374  C  CA  . ALA A 1 54  ? -8.513  2.208   8.746   0.58 19.66  ? 54  ALA A CA  1 
ATOM   375  C  C   . ALA A 1 54  ? -8.557  3.737   8.680   0.58 19.26  ? 54  ALA A C   1 
ATOM   376  O  O   . ALA A 1 54  ? -7.835  4.318   7.844   0.58 19.07  ? 54  ALA A O   1 
ATOM   377  C  CB  . ALA A 1 54  ? -7.190  1.727   9.292   0.58 19.63  ? 54  ALA A CB  1 
ATOM   378  N  N   . ARG A 1 55  ? -9.369  4.363   9.535   0.58 18.78  ? 55  ARG A N   1 
ATOM   379  C  CA  . ARG A 1 55  ? -9.386  5.837   9.719   0.58 19.01  ? 55  ARG A CA  1 
ATOM   380  C  C   . ARG A 1 55  ? -8.879  6.114   11.135  0.58 19.23  ? 55  ARG A C   1 
ATOM   381  O  O   . ARG A 1 55  ? -9.679  6.029   12.085  0.58 19.23  ? 55  ARG A O   1 
ATOM   382  C  CB  . ARG A 1 55  ? -10.779 6.402   9.425   0.58 19.20  ? 55  ARG A CB  1 
ATOM   383  C  CG  . ARG A 1 55  ? -11.348 5.986   8.076   0.58 19.34  ? 55  ARG A CG  1 
ATOM   384  C  CD  . ARG A 1 55  ? -10.501 6.393   6.884   0.58 20.09  ? 55  ARG A CD  1 
ATOM   385  N  NE  . ARG A 1 55  ? -11.084 5.903   5.641   0.58 20.37  ? 55  ARG A NE  1 
ATOM   386  C  CZ  . ARG A 1 55  ? -10.491 5.924   4.450   0.58 19.72  ? 55  ARG A CZ  1 
ATOM   387  N  NH1 . ARG A 1 55  ? -9.281  6.444   4.309   0.58 19.18  ? 55  ARG A NH1 1 
ATOM   388  N  NH2 . ARG A 1 55  ? -11.124 5.456   3.388   0.58 19.89  ? 55  ARG A NH2 1 
ATOM   389  N  N   . CYS A 1 56  ? -7.578  6.380   11.260  0.58 19.46  ? 56  CYS A N   1 
ATOM   390  C  CA  . CYS A 1 56  ? -6.845  6.332   12.551  0.58 19.33  ? 56  CYS A CA  1 
ATOM   391  C  C   . CYS A 1 56  ? -5.420  6.892   12.420  0.58 19.38  ? 56  CYS A C   1 
ATOM   392  O  O   . CYS A 1 56  ? -4.984  7.191   11.285  0.58 18.02  ? 56  CYS A O   1 
ATOM   393  C  CB  . CYS A 1 56  ? -6.759  4.894   13.048  0.58 19.20  ? 56  CYS A CB  1 
ATOM   394  S  SG  . CYS A 1 56  ? -5.519  3.933   12.143  0.58 18.28  ? 56  CYS A SG  1 
ATOM   395  N  N   A ASP A 1 57  ? -4.713  7.003   13.549  0.30 20.09  ? 57  ASP A N   1 
ATOM   396  N  N   B ASP A 1 57  ? -4.778  6.905   13.605  0.28 20.47  ? 57  ASP A N   1 
ATOM   397  C  CA  A ASP A 1 57  ? -3.299  7.464   13.634  0.30 20.58  ? 57  ASP A CA  1 
ATOM   398  C  CA  B ASP A 1 57  ? -3.446  7.486   13.906  0.28 21.06  ? 57  ASP A CA  1 
ATOM   399  C  C   A ASP A 1 57  ? -2.435  6.355   14.254  0.30 20.82  ? 57  ASP A C   1 
ATOM   400  C  C   B ASP A 1 57  ? -2.442  6.362   14.206  0.28 21.03  ? 57  ASP A C   1 
ATOM   401  O  O   A ASP A 1 57  ? -1.349  6.676   14.766  0.30 22.40  ? 57  ASP A O   1 
ATOM   402  O  O   B ASP A 1 57  ? -1.255  6.683   14.411  0.28 22.04  ? 57  ASP A O   1 
ATOM   403  C  CB  A ASP A 1 57  ? -3.197  8.774   14.421  0.30 20.79  ? 57  ASP A CB  1 
ATOM   404  C  CB  B ASP A 1 57  ? -3.596  8.417   15.112  0.28 21.60  ? 57  ASP A CB  1 
ATOM   405  C  CG  A ASP A 1 57  ? -3.774  8.705   15.828  0.30 21.12  ? 57  ASP A CG  1 
ATOM   406  C  CG  B ASP A 1 57  ? -2.634  9.585   15.159  0.28 21.69  ? 57  ASP A CG  1 
ATOM   407  O  OD1 A ASP A 1 57  ? -3.903  7.585   16.359  0.30 21.66  ? 57  ASP A OD1 1 
ATOM   408  O  OD1 B ASP A 1 57  ? -1.905  9.780   14.177  0.28 23.94  ? 57  ASP A OD1 1 
ATOM   409  O  OD2 A ASP A 1 57  ? -4.095  9.776   16.380  0.30 21.51  ? 57  ASP A OD2 1 
ATOM   410  O  OD2 B ASP A 1 57  ? -2.630  10.293  16.187  0.28 21.46  ? 57  ASP A OD2 1 
ATOM   411  N  N   . CYS A 1 58  ? -2.897  5.101   14.213  1.00 21.54  ? 58  CYS A N   1 
ATOM   412  C  CA  . CYS A 1 58  ? -2.113  3.930   14.710  1.00 20.16  ? 58  CYS A CA  1 
ATOM   413  C  C   . CYS A 1 58  ? -0.750  3.840   14.056  1.00 20.62  ? 58  CYS A C   1 
ATOM   414  O  O   . CYS A 1 58  ? -0.690  3.999   12.824  1.00 21.30  ? 58  CYS A O   1 
ATOM   415  C  CB  . CYS A 1 58  ? -2.676  2.583   14.326  1.00 20.46  ? 58  CYS A CB  1 
ATOM   416  S  SG  . CYS A 1 58  ? -4.161  2.163   15.244  1.00 20.18  ? 58  CYS A SG  1 
ATOM   417  N  N   . GLN A 1 59  ? 0.242   3.451   14.862  1.00 20.01  ? 59  GLN A N   1 
ATOM   418  C  CA  . GLN A 1 59  ? 1.640   3.211   14.444  1.00 20.77  ? 59  GLN A CA  1 
ATOM   419  C  C   . GLN A 1 59  ? 1.978   1.762   14.795  1.00 15.44  ? 59  GLN A C   1 
ATOM   420  O  O   . GLN A 1 59  ? 3.165   1.461   14.717  1.00 17.26  ? 59  GLN A O   1 
ATOM   421  C  CB  . GLN A 1 59  ? 2.583   4.219   15.102  1.00 22.64  ? 59  GLN A CB  1 
ATOM   422  C  CG  . GLN A 1 59  ? 2.522   5.600   14.468  1.00 24.55  ? 59  GLN A CG  1 
ATOM   423  C  CD  . GLN A 1 59  ? 3.570   6.547   14.998  1.00 25.35  ? 59  GLN A CD  1 
ATOM   424  O  OE1 . GLN A 1 59  ? 3.262   7.547   15.648  1.00 33.00  ? 59  GLN A OE1 1 
ATOM   425  N  NE2 . GLN A 1 59  ? 4.833   6.226   14.753  1.00 29.96  ? 59  GLN A NE2 1 
ATOM   426  N  N   . THR A 1 60  ? 0.958   0.921   15.065  1.00 15.14  ? 60  THR A N   1 
ATOM   427  C  CA  . THR A 1 60  ? 1.140   -0.543  15.264  1.00 15.90  ? 60  THR A CA  1 
ATOM   428  C  C   . THR A 1 60  ? 0.176   -1.369  14.408  1.00 14.50  ? 60  THR A C   1 
ATOM   429  O  O   . THR A 1 60  ? -1.006  -1.079  14.309  1.00 16.38  ? 60  THR A O   1 
ATOM   430  C  CB  . THR A 1 60  ? 1.039   -0.946  16.740  1.00 16.03  ? 60  THR A CB  1 
ATOM   431  O  OG1 . THR A 1 60  ? -0.208  -0.536  17.300  1.00 23.77  ? 60  THR A OG1 1 
ATOM   432  C  CG2 . THR A 1 60  ? 2.167   -0.342  17.550  1.00 17.37  ? 60  THR A CG2 1 
ATOM   433  N  N   . GLY A 1 61  ? 0.664   -2.465  13.868  1.00 12.66  ? 61  GLY A N   1 
ATOM   434  C  CA  . GLY A 1 61  ? -0.202  -3.373  13.109  1.00 10.55  ? 61  GLY A CA  1 
ATOM   435  C  C   . GLY A 1 61  ? 0.550   -4.594  12.641  1.00 9.50   ? 61  GLY A C   1 
ATOM   436  O  O   . GLY A 1 61  ? 1.591   -4.906  13.212  1.00 9.73   ? 61  GLY A O   1 
ATOM   437  N  N   . VAL A 1 62  ? 0.021   -5.238  11.615  1.00 8.09   ? 62  VAL A N   1 
ATOM   438  C  CA  . VAL A 1 62  ? 0.602   -6.511  11.118  1.00 7.24   ? 62  VAL A CA  1 
ATOM   439  C  C   . VAL A 1 62  ? 0.653   -6.418  9.606   1.00 7.73   ? 62  VAL A C   1 
ATOM   440  O  O   . VAL A 1 62  ? -0.316  -6.016  9.039   1.00 8.57   ? 62  VAL A O   1 
ATOM   441  C  CB  . VAL A 1 62  ? -0.206  -7.729  11.591  1.00 7.81   ? 62  VAL A CB  1 
ATOM   442  C  CG1 . VAL A 1 62  ? 0.286   -9.044  11.011  1.00 7.92   ? 62  VAL A CG1 1 
ATOM   443  C  CG2 . VAL A 1 62  ? -0.202  -7.717  13.100  1.00 8.15   ? 62  VAL A CG2 1 
ATOM   444  N  N   . TYR A 1 63  ? 1.780   -6.729  8.987   1.00 7.71   ? 63  TYR A N   1 
ATOM   445  C  CA  . TYR A 1 63  ? 1.825   -6.738  7.512   1.00 7.95   ? 63  TYR A CA  1 
ATOM   446  C  C   . TYR A 1 63  ? 2.179   -8.129  6.967   1.00 9.34   ? 63  TYR A C   1 
ATOM   447  O  O   . TYR A 1 63  ? 2.814   -8.948  7.617   1.00 10.90  ? 63  TYR A O   1 
ATOM   448  C  CB  . TYR A 1 63  ? 2.780   -5.667  6.964   1.00 9.11   ? 63  TYR A CB  1 
ATOM   449  C  CG  . TYR A 1 63  ? 4.224   -6.073  6.820   1.00 9.80   ? 63  TYR A CG  1 
ATOM   450  C  CD1 . TYR A 1 63  ? 5.064   -6.031  7.916   1.00 10.74  ? 63  TYR A CD1 1 
ATOM   451  C  CD2 . TYR A 1 63  ? 4.750   -6.485  5.598   1.00 10.33  ? 63  TYR A CD2 1 
ATOM   452  C  CE1 . TYR A 1 63  ? 6.393   -6.359  7.812   1.00 11.47  ? 63  TYR A CE1 1 
ATOM   453  C  CE2 . TYR A 1 63  ? 6.097   -6.800  5.468   1.00 12.68  ? 63  TYR A CE2 1 
ATOM   454  C  CZ  . TYR A 1 63  ? 6.902   -6.765  6.593   1.00 12.59  ? 63  TYR A CZ  1 
ATOM   455  O  OH  . TYR A 1 63  ? 8.227   -7.055  6.523   1.00 14.55  ? 63  TYR A OH  1 
ATOM   456  N  N   . TYR A 1 64  ? 1.784   -8.361  5.732   1.00 10.69  ? 64  TYR A N   1 
ATOM   457  C  CA  . TYR A 1 64  ? 2.097   -9.625  5.035   1.00 13.00  ? 64  TYR A CA  1 
ATOM   458  C  C   . TYR A 1 64  ? 3.309   -9.395  4.156   1.00 14.05  ? 64  TYR A C   1 
ATOM   459  O  O   . TYR A 1 64  ? 3.320   -8.509  3.343   1.00 12.82  ? 64  TYR A O   1 
ATOM   460  C  CB  . TYR A 1 64  ? 0.916   -10.133 4.210   1.00 15.33  ? 64  TYR A CB  1 
ATOM   461  C  CG  . TYR A 1 64  ? 1.206   -11.453 3.537   1.00 18.77  ? 64  TYR A CG  1 
ATOM   462  C  CD1 . TYR A 1 64  ? 1.393   -12.585 4.316   1.00 20.75  ? 64  TYR A CD1 1 
ATOM   463  C  CD2 . TYR A 1 64  ? 1.380   -11.563 2.169   1.00 20.73  ? 64  TYR A CD2 1 
ATOM   464  C  CE1 . TYR A 1 64  ? 1.688   -13.809 3.748   1.00 22.78  ? 64  TYR A CE1 1 
ATOM   465  C  CE2 . TYR A 1 64  ? 1.673   -12.786 1.583   1.00 22.84  ? 64  TYR A CE2 1 
ATOM   466  C  CZ  . TYR A 1 64  ? 1.828   -13.910 2.379   1.00 24.29  ? 64  TYR A CZ  1 
ATOM   467  O  OH  . TYR A 1 64  ? 2.110   -15.138 1.859   1.00 25.83  ? 64  TYR A OH  1 
ATOM   468  N  N   . CYS A 1 65  ? 4.318   -10.266 4.319   1.00 13.49  ? 65  CYS A N   1 
ATOM   469  C  CA  . CYS A 1 65  ? 5.632   -10.184 3.633   1.00 15.74  ? 65  CYS A CA  1 
ATOM   470  C  C   . CYS A 1 65  ? 5.838   -11.431 2.769   1.00 17.53  ? 65  CYS A C   1 
ATOM   471  O  O   . CYS A 1 65  ? 6.203   -12.521 3.329   1.00 17.18  ? 65  CYS A O   1 
ATOM   472  C  CB  . CYS A 1 65  ? 6.793   -10.067 4.612   1.00 15.64  ? 65  CYS A CB  1 
ATOM   473  S  SG  . CYS A 1 65  ? 8.395   -10.253 3.783   1.00 19.27  ? 65  CYS A SG  1 
ATOM   474  N  N   . SER A 1 66  ? 5.574   -11.300 1.469   1.00 18.25  ? 66  SER A N   1 
ATOM   475  C  CA  . SER A 1 66  ? 5.529   -12.438 0.518   1.00 18.16  ? 66  SER A CA  1 
ATOM   476  C  C   . SER A 1 66  ? 6.935   -13.031 0.366   1.00 15.82  ? 66  SER A C   1 
ATOM   477  O  O   . SER A 1 66  ? 7.019   -14.228 0.162   1.00 20.14  ? 66  SER A O   1 
ATOM   478  C  CB  . SER A 1 66  ? 4.943   -12.039 -0.828  1.00 19.10  ? 66  SER A CB  1 
ATOM   479  O  OG  . SER A 1 66  ? 5.861   -11.256 -1.561  1.00 18.58  ? 66  SER A OG  1 
ATOM   480  N  N   . SER A 1 67  ? 8.000   -12.239 0.466   1.00 16.73  ? 67  SER A N   1 
ATOM   481  C  CA  . SER A 1 67  ? 9.375   -12.812 0.363   1.00 17.85  ? 67  SER A CA  1 
ATOM   482  C  C   . SER A 1 67  ? 9.759   -13.574 1.640   1.00 21.71  ? 67  SER A C   1 
ATOM   483  O  O   . SER A 1 67  ? 10.930  -14.033 1.691   1.00 20.86  ? 67  SER A O   1 
ATOM   484  C  CB  . SER A 1 67  ? 10.426  -11.784 -0.013  1.00 18.89  ? 67  SER A CB  1 
ATOM   485  O  OG  . SER A 1 67  ? 10.494  -10.696 0.891   1.00 20.27  ? 67  SER A OG  1 
ATOM   486  N  N   . ARG A 1 68  ? 8.778   -13.822 2.534   1.00 24.56  ? 68  ARG A N   1 
ATOM   487  C  CA  . ARG A 1 68  ? 8.866   -14.709 3.737   1.00 25.20  ? 68  ARG A CA  1 
ATOM   488  C  C   . ARG A 1 68  ? 7.624   -15.593 3.978   1.00 25.77  ? 68  ARG A C   1 
ATOM   489  O  O   . ARG A 1 68  ? 7.724   -16.446 4.868   1.00 31.50  ? 68  ARG A O   1 
ATOM   490  C  CB  . ARG A 1 68  ? 9.035   -13.893 5.018   1.00 23.92  ? 68  ARG A CB  1 
ATOM   491  C  CG  . ARG A 1 68  ? 10.329  -13.104 5.071   1.00 25.13  ? 68  ARG A CG  1 
ATOM   492  C  CD  . ARG A 1 68  ? 11.546  -14.007 5.208   1.00 24.72  ? 68  ARG A CD  1 
ATOM   493  N  NE  . ARG A 1 68  ? 12.758  -13.203 5.204   1.00 24.69  ? 68  ARG A NE  1 
ATOM   494  C  CZ  . ARG A 1 68  ? 13.519  -12.918 4.132   1.00 26.97  ? 68  ARG A CZ  1 
ATOM   495  N  NH1 . ARG A 1 68  ? 13.218  -13.370 2.927   1.00 27.73  ? 68  ARG A NH1 1 
ATOM   496  N  NH2 . ARG A 1 68  ? 14.590  -12.162 4.278   1.00 28.43  ? 68  ARG A NH2 1 
ATOM   497  N  N   . ARG A 1 69  ? 6.474   -15.363 3.324   1.00 27.63  ? 69  ARG A N   1 
ATOM   498  C  CA  . ARG A 1 69  ? 5.173   -16.047 3.596   1.00 26.89  ? 69  ARG A CA  1 
ATOM   499  C  C   . ARG A 1 69  ? 4.728   -15.880 5.062   1.00 28.87  ? 69  ARG A C   1 
ATOM   500  O  O   . ARG A 1 69  ? 4.085   -16.808 5.600   1.00 28.25  ? 69  ARG A O   1 
ATOM   501  C  CB  . ARG A 1 69  ? 5.245   -17.540 3.264   1.00 28.22  ? 69  ARG A CB  1 
ATOM   502  C  CG  . ARG A 1 69  ? 5.235   -17.840 1.776   1.00 28.76  ? 69  ARG A CG  1 
ATOM   503  C  CD  . ARG A 1 69  ? 5.328   -19.322 1.507   1.00 27.89  ? 69  ARG A CD  1 
ATOM   504  N  NE  . ARG A 1 69  ? 5.599   -19.549 0.090   1.00 28.49  ? 69  ARG A NE  1 
ATOM   505  C  CZ  . ARG A 1 69  ? 6.713   -20.093 -0.412  1.00 27.33  ? 69  ARG A CZ  1 
ATOM   506  N  NH1 . ARG A 1 69  ? 7.693   -20.506 0.377   1.00 26.40  ? 69  ARG A NH1 1 
ATOM   507  N  NH2 . ARG A 1 69  ? 6.831   -20.247 -1.718  1.00 26.43  ? 69  ARG A NH2 1 
ATOM   508  N  N   . LYS A 1 70  ? 5.000   -14.730 5.677   1.00 26.73  ? 70  LYS A N   1 
ATOM   509  C  CA  . LYS A 1 70  ? 4.705   -14.473 7.114   1.00 24.62  ? 70  LYS A CA  1 
ATOM   510  C  C   . LYS A 1 70  ? 3.965   -13.140 7.283   1.00 20.81  ? 70  LYS A C   1 
ATOM   511  O  O   . LYS A 1 70  ? 4.318   -12.148 6.602   1.00 20.45  ? 70  LYS A O   1 
ATOM   512  C  CB  . LYS A 1 70  ? 6.011   -14.408 7.910   1.00 25.37  ? 70  LYS A CB  1 
ATOM   513  C  CG  . LYS A 1 70  ? 6.565   -15.756 8.348   1.00 27.38  ? 70  LYS A CG  1 
ATOM   514  C  CD  . LYS A 1 70  ? 7.275   -15.719 9.683   1.00 28.70  ? 70  LYS A CD  1 
ATOM   515  C  CE  . LYS A 1 70  ? 7.765   -17.080 10.146  1.00 31.53  ? 70  LYS A CE  1 
ATOM   516  N  NZ  . LYS A 1 70  ? 8.438   -17.839 9.069   1.00 32.35  ? 70  LYS A NZ  1 
ATOM   517  N  N   . HIS A 1 71  ? 3.026   -13.107 8.217   1.00 20.64  ? 71  HIS A N   1 
ATOM   518  C  CA  . HIS A 1 71  ? 2.503   -11.825 8.748   1.00 16.98  ? 71  HIS A CA  1 
ATOM   519  C  C   . HIS A 1 71  ? 3.455   -11.426 9.871   1.00 15.08  ? 71  HIS A C   1 
ATOM   520  O  O   . HIS A 1 71  ? 3.778   -12.297 10.736  1.00 17.88  ? 71  HIS A O   1 
ATOM   521  C  CB  . HIS A 1 71  ? 1.053   -11.967 9.185   1.00 17.48  ? 71  HIS A CB  1 
ATOM   522  C  CG  . HIS A 1 71  ? 0.168   -12.308 8.039   1.00 16.40  ? 71  HIS A CG  1 
ATOM   523  N  ND1 . HIS A 1 71  ? -0.649  -11.369 7.424   1.00 15.90  ? 71  HIS A ND1 1 
ATOM   524  C  CD2 . HIS A 1 71  ? 0.009   -13.460 7.355   1.00 17.35  ? 71  HIS A CD2 1 
ATOM   525  C  CE1 . HIS A 1 71  ? -1.297  -11.952 6.441   1.00 16.58  ? 71  HIS A CE1 1 
ATOM   526  N  NE2 . HIS A 1 71  ? -0.898  -13.211 6.353   1.00 19.73  ? 71  HIS A NE2 1 
ATOM   527  N  N   . TYR A 1 72  ? 4.028   -10.227 9.807   1.00 13.66  ? 72  TYR A N   1 
ATOM   528  C  CA  . TYR A 1 72  ? 4.892   -9.684  10.885  1.00 11.92  ? 72  TYR A CA  1 
ATOM   529  C  C   . TYR A 1 72  ? 4.202   -8.549  11.618  1.00 11.18  ? 72  TYR A C   1 
ATOM   530  O  O   . TYR A 1 72  ? 3.762   -7.563  11.003  1.00 10.27  ? 72  TYR A O   1 
ATOM   531  C  CB  . TYR A 1 72  ? 6.173   -9.055  10.354  1.00 12.36  ? 72  TYR A CB  1 
ATOM   532  C  CG  . TYR A 1 72  ? 7.120   -10.059 9.741   1.00 12.92  ? 72  TYR A CG  1 
ATOM   533  C  CD1 . TYR A 1 72  ? 7.854   -10.917 10.560  1.00 14.22  ? 72  TYR A CD1 1 
ATOM   534  C  CD2 . TYR A 1 72  ? 7.291   -10.174 8.372   1.00 13.84  ? 72  TYR A CD2 1 
ATOM   535  C  CE1 . TYR A 1 72  ? 8.747   -11.835 10.021  1.00 14.62  ? 72  TYR A CE1 1 
ATOM   536  C  CE2 . TYR A 1 72  ? 8.182   -11.090 7.823   1.00 14.50  ? 72  TYR A CE2 1 
ATOM   537  C  CZ  . TYR A 1 72  ? 8.892   -11.932 8.650   1.00 14.66  ? 72  TYR A CZ  1 
ATOM   538  O  OH  . TYR A 1 72  ? 9.773   -12.812 8.074   1.00 16.17  ? 72  TYR A OH  1 
ATOM   539  N  N   . PRO A 1 73  ? 4.207   -8.589  12.960  1.00 10.91  ? 73  PRO A N   1 
ATOM   540  C  CA  . PRO A 1 73  ? 3.771   -7.433  13.733  1.00 10.83  ? 73  PRO A CA  1 
ATOM   541  C  C   . PRO A 1 73  ? 4.817   -6.318  13.637  1.00 11.65  ? 73  PRO A C   1 
ATOM   542  O  O   . PRO A 1 73  ? 5.991   -6.581  13.936  1.00 12.71  ? 73  PRO A O   1 
ATOM   543  C  CB  . PRO A 1 73  ? 3.706   -7.910  15.190  1.00 11.50  ? 73  PRO A CB  1 
ATOM   544  C  CG  . PRO A 1 73  ? 4.581   -9.146  15.216  1.00 12.10  ? 73  PRO A CG  1 
ATOM   545  C  CD  . PRO A 1 73  ? 4.684   -9.692  13.809  1.00 11.27  ? 73  PRO A CD  1 
ATOM   546  N  N   . VAL A 1 74  ? 4.389   -5.077  13.437  1.00 10.40  ? 74  VAL A N   1 
ATOM   547  C  CA  . VAL A 1 74  ? 5.308   -3.912  13.273  1.00 11.66  ? 74  VAL A CA  1 
ATOM   548  C  C   . VAL A 1 74  ? 4.754   -2.658  13.934  1.00 12.41  ? 74  VAL A C   1 
ATOM   549  O  O   . VAL A 1 74  ? 3.563   -2.433  13.923  1.00 11.43  ? 74  VAL A O   1 
ATOM   550  C  CB  . VAL A 1 74  ? 5.591   -3.620  11.794  1.00 13.06  ? 74  VAL A CB  1 
ATOM   551  C  CG1 . VAL A 1 74  ? 6.482   -4.660  11.199  1.00 12.75  ? 74  VAL A CG1 1 
ATOM   552  C  CG2 . VAL A 1 74  ? 4.299   -3.486  10.992  1.00 12.34  ? 74  VAL A CG2 1 
ATOM   553  N  N   . SER A 1 75  ? 5.702   -1.855  14.401  1.00 12.46  ? 75  SER A N   1 
ATOM   554  C  CA  . SER A 1 75  ? 5.583   -0.405  14.627  1.00 13.60  ? 75  SER A CA  1 
ATOM   555  C  C   . SER A 1 75  ? 5.948   0.316   13.344  1.00 13.75  ? 75  SER A C   1 
ATOM   556  O  O   . SER A 1 75  ? 6.942   -0.072  12.728  1.00 14.63  ? 75  SER A O   1 
ATOM   557  C  CB  . SER A 1 75  ? 6.473   0.047   15.722  1.00 14.97  ? 75  SER A CB  1 
ATOM   558  O  OG  . SER A 1 75  ? 6.180   -0.688  16.872  1.00 16.62  ? 75  SER A OG  1 
ATOM   559  N  N   . PHE A 1 76  ? 5.164   1.322   12.965  1.00 15.80  ? 76  PHE A N   1 
ATOM   560  C  CA  . PHE A 1 76  ? 5.405   1.980   11.659  1.00 17.85  ? 76  PHE A CA  1 
ATOM   561  C  C   . PHE A 1 76  ? 5.269   3.480   11.877  1.00 20.62  ? 76  PHE A C   1 
ATOM   562  O  O   . PHE A 1 76  ? 4.492   3.905   12.722  1.00 19.34  ? 76  PHE A O   1 
ATOM   563  C  CB  . PHE A 1 76  ? 4.561   1.357   10.539  1.00 16.88  ? 76  PHE A CB  1 
ATOM   564  C  CG  . PHE A 1 76  ? 3.074   1.350   10.783  1.00 15.63  ? 76  PHE A CG  1 
ATOM   565  C  CD1 . PHE A 1 76  ? 2.426   0.271   11.368  1.00 14.96  ? 76  PHE A CD1 1 
ATOM   566  C  CD2 . PHE A 1 76  ? 2.326   2.450   10.399  1.00 16.31  ? 76  PHE A CD2 1 
ATOM   567  C  CE1 . PHE A 1 76  ? 1.066   0.298   11.592  1.00 14.74  ? 76  PHE A CE1 1 
ATOM   568  C  CE2 . PHE A 1 76  ? 0.964   2.471   10.625  1.00 14.00  ? 76  PHE A CE2 1 
ATOM   569  C  CZ  . PHE A 1 76  ? 0.326   1.397   11.201  1.00 14.52  ? 76  PHE A CZ  1 
ATOM   570  N  N   . SER A 1 77  ? 6.100   4.221   11.136  0.58 19.73  ? 77  SER A N   1 
ATOM   571  C  CA  . SER A 1 77  ? 6.278   5.695   11.182  0.58 20.38  ? 77  SER A CA  1 
ATOM   572  C  C   . SER A 1 77  ? 5.094   6.364   10.491  0.58 20.06  ? 77  SER A C   1 
ATOM   573  O  O   . SER A 1 77  ? 4.501   5.720   9.619   0.58 18.25  ? 77  SER A O   1 
ATOM   574  C  CB  . SER A 1 77  ? 7.561   6.094   10.516  0.58 20.37  ? 77  SER A CB  1 
ATOM   575  O  OG  . SER A 1 77  ? 7.420   6.127   9.101   0.58 20.82  ? 77  SER A OG  1 
ATOM   576  N  N   . LYS A 1 78  ? 4.784   7.612   10.841  0.58 20.99  ? 78  LYS A N   1 
ATOM   577  C  CA  . LYS A 1 78  ? 3.591   8.307   10.292  0.58 21.44  ? 78  LYS A CA  1 
ATOM   578  C  C   . LYS A 1 78  ? 3.865   8.609   8.816   0.58 20.66  ? 78  LYS A C   1 
ATOM   579  O  O   . LYS A 1 78  ? 5.024   8.689   8.397   0.58 20.64  ? 78  LYS A O   1 
ATOM   580  C  CB  . LYS A 1 78  ? 3.231   9.550   11.117  0.58 21.50  ? 78  LYS A CB  1 
ATOM   581  C  CG  . LYS A 1 78  ? 1.787   9.621   11.610  0.58 21.17  ? 78  LYS A CG  1 
ATOM   582  C  CD  . LYS A 1 78  ? 1.594   9.279   13.079  0.58 21.40  ? 78  LYS A CD  1 
ATOM   583  C  CE  . LYS A 1 78  ? 0.679   10.253  13.793  0.58 21.40  ? 78  LYS A CE  1 
ATOM   584  N  NZ  . LYS A 1 78  ? 0.473   9.881   15.212  0.58 21.70  ? 78  LYS A NZ  1 
ATOM   585  N  N   . PRO A 1 79  ? 2.812   8.716   7.973   0.58 20.61  ? 79  PRO A N   1 
ATOM   586  C  CA  . PRO A 1 79  ? 2.983   8.907   6.530   0.58 20.11  ? 79  PRO A CA  1 
ATOM   587  C  C   . PRO A 1 79  ? 3.802   10.157  6.185   0.58 19.76  ? 79  PRO A C   1 
ATOM   588  O  O   . PRO A 1 79  ? 3.465   11.209  6.651   0.58 19.94  ? 79  PRO A O   1 
ATOM   589  C  CB  . PRO A 1 79  ? 1.546   9.070   6.008   0.58 20.00  ? 79  PRO A CB  1 
ATOM   590  C  CG  . PRO A 1 79  ? 0.682   8.406   7.047   0.58 19.80  ? 79  PRO A CG  1 
ATOM   591  C  CD  . PRO A 1 79  ? 1.396   8.629   8.363   0.58 19.48  ? 79  PRO A CD  1 
ATOM   592  N  N   . SER A 1 80  ? 4.872   10.013  5.400   0.58 19.70  ? 80  SER A N   1 
ATOM   593  C  CA  . SER A 1 80  ? 5.846   11.113  5.174   0.58 20.52  ? 80  SER A CA  1 
ATOM   594  C  C   . SER A 1 80  ? 6.551   10.988  3.823   0.58 19.97  ? 80  SER A C   1 
ATOM   595  O  O   . SER A 1 80  ? 6.375   9.963   3.137   0.58 19.12  ? 80  SER A O   1 
ATOM   596  C  CB  . SER A 1 80  ? 6.826   11.163  6.305   0.58 21.33  ? 80  SER A CB  1 
ATOM   597  O  OG  . SER A 1 80  ? 6.161   11.439  7.523   0.58 23.30  ? 80  SER A OG  1 
ATOM   598  N  N   . LEU A 1 81  ? 7.322   12.020  3.468   0.58 19.18  ? 81  LEU A N   1 
ATOM   599  C  CA  . LEU A 1 81  ? 8.107   12.080  2.214   0.58 20.46  ? 81  LEU A CA  1 
ATOM   600  C  C   . LEU A 1 81  ? 9.489   11.477  2.483   0.58 21.07  ? 81  LEU A C   1 
ATOM   601  O  O   . LEU A 1 81  ? 10.278  12.080  3.238   0.58 21.53  ? 81  LEU A O   1 
ATOM   602  C  CB  . LEU A 1 81  ? 8.193   13.529  1.727   0.58 20.67  ? 81  LEU A CB  1 
ATOM   603  C  CG  . LEU A 1 81  ? 8.805   13.724  0.339   0.58 20.76  ? 81  LEU A CG  1 
ATOM   604  C  CD1 . LEU A 1 81  ? 8.116   12.852  -0.703  0.58 21.19  ? 81  LEU A CD1 1 
ATOM   605  C  CD2 . LEU A 1 81  ? 8.726   15.187  -0.072  0.58 21.29  ? 81  LEU A CD2 1 
ATOM   606  N  N   . ILE A 1 82  ? 9.751   10.325  1.875   0.58 21.48  ? 82  ILE A N   1 
ATOM   607  C  CA  . ILE A 1 82  ? 10.873  9.411   2.222   0.58 23.59  ? 82  ILE A CA  1 
ATOM   608  C  C   . ILE A 1 82  ? 11.736  9.219   0.977   0.58 24.36  ? 82  ILE A C   1 
ATOM   609  O  O   . ILE A 1 82  ? 11.174  8.836   -0.066  0.58 23.58  ? 82  ILE A O   1 
ATOM   610  C  CB  . ILE A 1 82  ? 10.297  8.073   2.720   0.58 24.58  ? 82  ILE A CB  1 
ATOM   611  C  CG1 . ILE A 1 82  ? 10.069  8.085   4.234   0.58 25.03  ? 82  ILE A CG1 1 
ATOM   612  C  CG2 . ILE A 1 82  ? 11.157  6.901   2.262   0.58 25.83  ? 82  ILE A CG2 1 
ATOM   613  C  CD1 . ILE A 1 82  ? 8.848   8.840   4.677   0.58 25.76  ? 82  ILE A CD1 1 
ATOM   614  N  N   . PHE A 1 83  ? 13.048  9.432   1.081   0.58 24.43  ? 83  PHE A N   1 
ATOM   615  C  CA  . PHE A 1 83  ? 13.972  9.073   -0.020  0.58 24.93  ? 83  PHE A CA  1 
ATOM   616  C  C   . PHE A 1 83  ? 14.024  7.548   -0.109  0.58 25.95  ? 83  PHE A C   1 
ATOM   617  O  O   . PHE A 1 83  ? 14.645  6.894   0.747   0.58 25.90  ? 83  PHE A O   1 
ATOM   618  C  CB  . PHE A 1 83  ? 15.375  9.662   0.125   0.58 25.05  ? 83  PHE A CB  1 
ATOM   619  C  CG  . PHE A 1 83  ? 16.098  9.649   -1.197  0.58 24.86  ? 83  PHE A CG  1 
ATOM   620  C  CD1 . PHE A 1 83  ? 15.753  10.557  -2.184  0.58 25.45  ? 83  PHE A CD1 1 
ATOM   621  C  CD2 . PHE A 1 83  ? 17.045  8.682   -1.494  0.58 25.07  ? 83  PHE A CD2 1 
ATOM   622  C  CE1 . PHE A 1 83  ? 16.370  10.537  -3.423  0.58 25.50  ? 83  PHE A CE1 1 
ATOM   623  C  CE2 . PHE A 1 83  ? 17.661  8.662   -2.738  0.58 25.30  ? 83  PHE A CE2 1 
ATOM   624  C  CZ  . PHE A 1 83  ? 17.326  9.589   -3.698  0.58 25.50  ? 83  PHE A CZ  1 
ATOM   625  N  N   . VAL A 1 84  ? 13.328  7.000   -1.102  0.58 26.52  ? 84  VAL A N   1 
ATOM   626  C  CA  . VAL A 1 84  ? 13.477  5.578   -1.517  0.58 27.63  ? 84  VAL A CA  1 
ATOM   627  C  C   . VAL A 1 84  ? 14.665  5.552   -2.483  0.58 28.60  ? 84  VAL A C   1 
ATOM   628  O  O   . VAL A 1 84  ? 15.091  6.639   -2.918  0.58 29.64  ? 84  VAL A O   1 
ATOM   629  C  CB  . VAL A 1 84  ? 12.189  5.012   -2.147  0.58 27.08  ? 84  VAL A CB  1 
ATOM   630  C  CG1 . VAL A 1 84  ? 12.163  3.494   -2.086  0.58 26.15  ? 84  VAL A CG1 1 
ATOM   631  C  CG2 . VAL A 1 84  ? 10.929  5.581   -1.507  0.58 26.87  ? 84  VAL A CG2 1 
ATOM   632  N  N   . GLU A 1 85  ? 15.215  4.374   -2.771  0.58 29.94  ? 85  GLU A N   1 
ATOM   633  C  CA  . GLU A 1 85  ? 16.352  4.230   -3.717  0.58 29.86  ? 85  GLU A CA  1 
ATOM   634  C  C   . GLU A 1 85  ? 16.072  3.091   -4.695  0.58 27.82  ? 85  GLU A C   1 
ATOM   635  O  O   . GLU A 1 85  ? 15.157  2.284   -4.429  0.58 26.71  ? 85  GLU A O   1 
ATOM   636  C  CB  . GLU A 1 85  ? 17.656  4.014   -2.958  0.58 31.45  ? 85  GLU A CB  1 
ATOM   637  C  CG  . GLU A 1 85  ? 18.147  5.267   -2.249  0.58 33.00  ? 85  GLU A CG  1 
ATOM   638  C  CD  . GLU A 1 85  ? 19.495  5.801   -2.711  0.58 33.68  ? 85  GLU A CD  1 
ATOM   639  O  OE1 . GLU A 1 85  ? 19.894  5.504   -3.856  0.58 34.59  ? 85  GLU A OE1 1 
ATOM   640  O  OE2 . GLU A 1 85  ? 20.141  6.527   -1.923  0.58 34.21  ? 85  GLU A OE2 1 
ATOM   641  N  N   . ALA A 1 86  ? 16.853  3.056   -5.778  0.58 26.28  ? 86  ALA A N   1 
ATOM   642  C  CA  . ALA A 1 86  ? 16.697  2.163   -6.948  0.58 24.92  ? 86  ALA A CA  1 
ATOM   643  C  C   . ALA A 1 86  ? 16.095  0.826   -6.512  0.58 23.92  ? 86  ALA A C   1 
ATOM   644  O  O   . ALA A 1 86  ? 16.698  0.133   -5.665  0.58 21.96  ? 86  ALA A O   1 
ATOM   645  C  CB  . ALA A 1 86  ? 18.028  1.963   -7.628  0.58 24.89  ? 86  ALA A CB  1 
ATOM   646  N  N   . SER A 1 87  ? 14.918  0.513   -7.052  0.58 23.06  ? 87  SER A N   1 
ATOM   647  C  CA  . SER A 1 87  ? 14.274  -0.822  -6.987  0.58 23.58  ? 87  SER A CA  1 
ATOM   648  C  C   . SER A 1 87  ? 14.275  -1.397  -8.404  0.58 23.31  ? 87  SER A C   1 
ATOM   649  O  O   . SER A 1 87  ? 14.795  -0.714  -9.313  0.58 22.61  ? 87  SER A O   1 
ATOM   650  C  CB  . SER A 1 87  ? 12.883  -0.728  -6.410  0.58 23.78  ? 87  SER A CB  1 
ATOM   651  O  OG  . SER A 1 87  ? 11.959  -0.239  -7.376  0.58 23.62  ? 87  SER A OG  1 
ATOM   652  N  N   . GLU A 1 88  ? 13.698  -2.581  -8.601  0.58 23.54  ? 88  GLU A N   1 
ATOM   653  C  CA  . GLU A 1 88  ? 13.557  -3.177  -9.955  0.58 24.10  ? 88  GLU A CA  1 
ATOM   654  C  C   . GLU A 1 88  ? 12.557  -2.349  -10.781 0.58 23.24  ? 88  GLU A C   1 
ATOM   655  O  O   . GLU A 1 88  ? 12.679  -2.378  -12.020 0.58 24.34  ? 88  GLU A O   1 
ATOM   656  C  CB  . GLU A 1 88  ? 13.185  -4.662  -9.856  0.58 25.54  ? 88  GLU A CB  1 
ATOM   657  C  CG  . GLU A 1 88  ? 11.768  -4.925  -9.387  0.58 26.22  ? 88  GLU A CG  1 
ATOM   658  C  CD  . GLU A 1 88  ? 11.375  -6.393  -9.349  0.58 27.04  ? 88  GLU A CD  1 
ATOM   659  O  OE1 . GLU A 1 88  ? 12.230  -7.231  -8.993  0.58 28.39  ? 88  GLU A OE1 1 
ATOM   660  O  OE2 . GLU A 1 88  ? 10.214  -6.696  -9.685  0.58 29.07  ? 88  GLU A OE2 1 
ATOM   661  N  N   . TYR A 1 89  ? 11.649  -1.603  -10.131 0.58 21.90  ? 89  TYR A N   1 
ATOM   662  C  CA  . TYR A 1 89  ? 10.451  -0.980  -10.764 0.58 20.93  ? 89  TYR A CA  1 
ATOM   663  C  C   . TYR A 1 89  ? 10.468  0.560   -10.695 0.58 20.44  ? 89  TYR A C   1 
ATOM   664  O  O   . TYR A 1 89  ? 9.656   1.172   -11.419 0.58 20.87  ? 89  TYR A O   1 
ATOM   665  C  CB  . TYR A 1 89  ? 9.163   -1.557  -10.162 0.58 20.60  ? 89  TYR A CB  1 
ATOM   666  C  CG  . TYR A 1 89  ? 9.091   -1.560  -8.656  0.58 20.79  ? 89  TYR A CG  1 
ATOM   667  C  CD1 . TYR A 1 89  ? 9.550   -2.641  -7.923  0.58 20.76  ? 89  TYR A CD1 1 
ATOM   668  C  CD2 . TYR A 1 89  ? 8.555   -0.490  -7.958  0.58 20.41  ? 89  TYR A CD2 1 
ATOM   669  C  CE1 . TYR A 1 89  ? 9.494   -2.654  -6.540  0.58 20.71  ? 89  TYR A CE1 1 
ATOM   670  C  CE2 . TYR A 1 89  ? 8.491   -0.489  -6.572  0.58 20.62  ? 89  TYR A CE2 1 
ATOM   671  C  CZ  . TYR A 1 89  ? 8.958   -1.577  -5.860  0.58 20.72  ? 89  TYR A CZ  1 
ATOM   672  O  OH  . TYR A 1 89  ? 8.904   -1.599  -4.496  0.58 21.00  ? 89  TYR A OH  1 
ATOM   673  N  N   . TYR A 1 90  ? 11.330  1.181   -9.877  0.58 19.20  ? 90  TYR A N   1 
ATOM   674  C  CA  . TYR A 1 90  ? 11.512  2.661   -9.804  0.58 18.24  ? 90  TYR A CA  1 
ATOM   675  C  C   . TYR A 1 90  ? 12.995  3.007   -9.660  0.58 18.32  ? 90  TYR A C   1 
ATOM   676  O  O   . TYR A 1 90  ? 13.783  2.171   -9.223  0.58 17.75  ? 90  TYR A O   1 
ATOM   677  C  CB  . TYR A 1 90  ? 10.753  3.257   -8.613  0.58 17.79  ? 90  TYR A CB  1 
ATOM   678  C  CG  . TYR A 1 90  ? 9.250   3.295   -8.751  0.58 17.02  ? 90  TYR A CG  1 
ATOM   679  C  CD1 . TYR A 1 90  ? 8.636   3.915   -9.830  0.58 17.01  ? 90  TYR A CD1 1 
ATOM   680  C  CD2 . TYR A 1 90  ? 8.433   2.714   -7.793  0.58 16.50  ? 90  TYR A CD2 1 
ATOM   681  C  CE1 . TYR A 1 90  ? 7.254   3.945   -9.958  0.58 16.53  ? 90  TYR A CE1 1 
ATOM   682  C  CE2 . TYR A 1 90  ? 7.055   2.723   -7.912  0.58 16.49  ? 90  TYR A CE2 1 
ATOM   683  C  CZ  . TYR A 1 90  ? 6.461   3.347   -8.993  0.58 16.27  ? 90  TYR A CZ  1 
ATOM   684  O  OH  . TYR A 1 90  ? 5.098   3.362   -9.093  0.58 15.22  ? 90  TYR A OH  1 
ATOM   685  N  N   . PRO A 1 91  ? 13.416  4.257   -9.979  0.58 17.59  ? 91  PRO A N   1 
ATOM   686  C  CA  . PRO A 1 91  ? 14.771  4.716   -9.677  0.58 17.35  ? 91  PRO A CA  1 
ATOM   687  C  C   . PRO A 1 91  ? 14.853  5.112   -8.196  0.58 17.78  ? 91  PRO A C   1 
ATOM   688  O  O   . PRO A 1 91  ? 13.857  4.972   -7.513  0.58 17.81  ? 91  PRO A O   1 
ATOM   689  C  CB  . PRO A 1 91  ? 14.913  5.934   -10.605 0.58 17.26  ? 91  PRO A CB  1 
ATOM   690  C  CG  . PRO A 1 91  ? 13.518  6.533   -10.588 0.58 17.32  ? 91  PRO A CG  1 
ATOM   691  C  CD  . PRO A 1 91  ? 12.602  5.322   -10.595 0.58 17.39  ? 91  PRO A CD  1 
ATOM   692  N  N   . ALA A 1 92  ? 16.005  5.617   -7.743  0.58 17.56  ? 92  ALA A N   1 
ATOM   693  C  CA  . ALA A 1 92  ? 16.140  6.310   -6.443  0.58 17.08  ? 92  ALA A CA  1 
ATOM   694  C  C   . ALA A 1 92  ? 15.339  7.610   -6.521  0.58 16.96  ? 92  ALA A C   1 
ATOM   695  O  O   . ALA A 1 92  ? 15.411  8.292   -7.566  0.58 16.62  ? 92  ALA A O   1 
ATOM   696  C  CB  . ALA A 1 92  ? 17.591  6.560   -6.117  0.58 17.28  ? 92  ALA A CB  1 
ATOM   697  N  N   . ARG A 1 93  ? 14.548  7.903   -5.488  0.58 16.22  ? 93  ARG A N   1 
ATOM   698  C  CA  . ARG A 1 93  ? 13.640  9.076   -5.474  0.58 16.20  ? 93  ARG A CA  1 
ATOM   699  C  C   . ARG A 1 93  ? 12.951  9.184   -4.117  0.58 15.50  ? 93  ARG A C   1 
ATOM   700  O  O   . ARG A 1 93  ? 13.033  8.232   -3.303  0.58 13.46  ? 93  ARG A O   1 
ATOM   701  C  CB  . ARG A 1 93  ? 12.558  8.933   -6.552  0.58 16.00  ? 93  ARG A CB  1 
ATOM   702  C  CG  . ARG A 1 93  ? 11.642  7.738   -6.314  0.58 16.08  ? 93  ARG A CG  1 
ATOM   703  C  CD  . ARG A 1 93  ? 10.438  7.686   -7.234  0.58 16.28  ? 93  ARG A CD  1 
ATOM   704  N  NE  . ARG A 1 93  ? 9.403   6.835   -6.657  0.58 16.79  ? 93  ARG A NE  1 
ATOM   705  C  CZ  . ARG A 1 93  ? 8.138   6.781   -7.059  0.58 17.31  ? 93  ARG A CZ  1 
ATOM   706  N  NH1 . ARG A 1 93  ? 7.708   7.547   -8.051  0.58 17.59  ? 93  ARG A NH1 1 
ATOM   707  N  NH2 . ARG A 1 93  ? 7.295   5.969   -6.444  0.58 17.45  ? 93  ARG A NH2 1 
ATOM   708  N  N   . TYR A 1 94  ? 12.250  10.298  -3.909  0.58 16.70  ? 94  TYR A N   1 
ATOM   709  C  CA  . TYR A 1 94  ? 11.280  10.476  -2.804  0.58 17.94  ? 94  TYR A CA  1 
ATOM   710  C  C   . TYR A 1 94  ? 9.940   9.887   -3.234  0.58 19.07  ? 94  TYR A C   1 
ATOM   711  O  O   . TYR A 1 94  ? 9.586   10.004  -4.427  0.58 17.95  ? 94  TYR A O   1 
ATOM   712  C  CB  . TYR A 1 94  ? 11.146  11.949  -2.424  0.58 19.05  ? 94  TYR A CB  1 
ATOM   713  C  CG  . TYR A 1 94  ? 12.445  12.523  -1.932  0.58 19.56  ? 94  TYR A CG  1 
ATOM   714  C  CD1 . TYR A 1 94  ? 12.808  12.433  -0.598  0.58 20.65  ? 94  TYR A CD1 1 
ATOM   715  C  CD2 . TYR A 1 94  ? 13.338  13.099  -2.819  0.58 20.41  ? 94  TYR A CD2 1 
ATOM   716  C  CE1 . TYR A 1 94  ? 14.018  12.937  -0.151  0.58 20.86  ? 94  TYR A CE1 1 
ATOM   717  C  CE2 . TYR A 1 94  ? 14.548  13.610  -2.390  0.58 20.56  ? 94  TYR A CE2 1 
ATOM   718  C  CZ  . TYR A 1 94  ? 14.889  13.526  -1.054  0.58 20.96  ? 94  TYR A CZ  1 
ATOM   719  O  OH  . TYR A 1 94  ? 16.090  14.036  -0.674  0.58 21.32  ? 94  TYR A OH  1 
ATOM   720  N  N   . GLN A 1 95  ? 9.250   9.265   -2.275  0.58 20.19  ? 95  GLN A N   1 
ATOM   721  C  CA  . GLN A 1 95  ? 7.834   8.821   -2.351  0.58 21.28  ? 95  GLN A CA  1 
ATOM   722  C  C   . GLN A 1 95  ? 7.076   9.477   -1.191  0.58 23.27  ? 95  GLN A C   1 
ATOM   723  O  O   . GLN A 1 95  ? 7.648   9.494   -0.082  0.58 23.08  ? 95  GLN A O   1 
ATOM   724  C  CB  . GLN A 1 95  ? 7.813   7.298   -2.264  0.58 20.57  ? 95  GLN A CB  1 
ATOM   725  C  CG  . GLN A 1 95  ? 6.483   6.654   -2.620  0.58 20.85  ? 95  GLN A CG  1 
ATOM   726  C  CD  . GLN A 1 95  ? 6.672   5.172   -2.833  0.58 20.16  ? 95  GLN A CD  1 
ATOM   727  O  OE1 . GLN A 1 95  ? 7.567   4.736   -3.559  0.58 21.05  ? 95  GLN A OE1 1 
ATOM   728  N  NE2 . GLN A 1 95  ? 5.839   4.372   -2.184  0.58 19.27  ? 95  GLN A NE2 1 
ATOM   729  N  N   . SER A 1 96  ? 5.874   10.014  -1.436  1.00 25.14  ? 96  SER A N   1 
ATOM   730  C  CA  . SER A 1 96  ? 5.035   10.678  -0.406  1.00 26.51  ? 96  SER A CA  1 
ATOM   731  C  C   . SER A 1 96  ? 4.134   9.651   0.285   1.00 27.75  ? 96  SER A C   1 
ATOM   732  O  O   . SER A 1 96  ? 3.962   8.549   -0.275  1.00 26.71  ? 96  SER A O   1 
ATOM   733  C  CB  . SER A 1 96  ? 4.225   11.751  -1.048  1.00 26.08  ? 96  SER A CB  1 
ATOM   734  O  OG  . SER A 1 96  ? 3.578   11.234  -2.194  1.00 25.78  ? 96  SER A OG  1 
ATOM   735  N  N   . HIS A 1 97  ? 3.563   10.032  1.430   1.00 29.07  ? 97  HIS A N   1 
ATOM   736  C  CA  . HIS A 1 97  ? 2.634   9.217   2.263   1.00 27.82  ? 97  HIS A CA  1 
ATOM   737  C  C   . HIS A 1 97  ? 3.195   7.792   2.393   1.00 24.96  ? 97  HIS A C   1 
ATOM   738  O  O   . HIS A 1 97  ? 2.422   6.836   2.225   1.00 23.07  ? 97  HIS A O   1 
ATOM   739  C  CB  . HIS A 1 97  ? 1.211   9.211   1.673   1.00 29.35  ? 97  HIS A CB  1 
ATOM   740  C  CG  . HIS A 1 97  ? 0.594   10.551  1.430   1.00 30.91  ? 97  HIS A CG  1 
ATOM   741  N  ND1 . HIS A 1 97  ? -0.661  10.885  1.903   1.00 30.94  ? 97  HIS A ND1 1 
ATOM   742  C  CD2 . HIS A 1 97  ? 1.007   11.601  0.689   1.00 32.13  ? 97  HIS A CD2 1 
ATOM   743  C  CE1 . HIS A 1 97  ? -0.972  12.108  1.500   1.00 32.08  ? 97  HIS A CE1 1 
ATOM   744  N  NE2 . HIS A 1 97  ? 0.041   12.570  0.760   1.00 30.31  ? 97  HIS A NE2 1 
ATOM   745  N  N   . LEU A 1 98  ? 4.504   7.653   2.626   1.00 21.61  ? 98  LEU A N   1 
ATOM   746  C  CA  . LEU A 1 98  ? 5.150   6.353   2.898   1.00 20.72  ? 98  LEU A CA  1 
ATOM   747  C  C   . LEU A 1 98  ? 5.355   6.248   4.411   1.00 20.50  ? 98  LEU A C   1 
ATOM   748  O  O   . LEU A 1 98  ? 6.030   7.100   4.966   1.00 19.64  ? 98  LEU A O   1 
ATOM   749  C  CB  . LEU A 1 98  ? 6.465   6.267   2.127   1.00 20.93  ? 98  LEU A CB  1 
ATOM   750  C  CG  . LEU A 1 98  ? 7.109   4.891   2.116   1.00 21.26  ? 98  LEU A CG  1 
ATOM   751  C  CD1 . LEU A 1 98  ? 6.277   3.928   1.298   1.00 20.58  ? 98  LEU A CD1 1 
ATOM   752  C  CD2 . LEU A 1 98  ? 8.527   4.983   1.598   1.00 19.72  ? 98  LEU A CD2 1 
ATOM   753  N  N   . MET A 1 99  ? 4.630   5.326   5.049   1.00 23.99  ? 99  MET A N   1 
ATOM   754  C  CA  . MET A 1 99  ? 4.820   4.939   6.470   1.00 25.54  ? 99  MET A CA  1 
ATOM   755  C  C   . MET A 1 99  ? 5.935   3.905   6.505   1.00 24.73  ? 99  MET A C   1 
ATOM   756  O  O   . MET A 1 99  ? 5.952   2.990   5.653   1.00 27.56  ? 99  MET A O   1 
ATOM   757  C  CB  . MET A 1 99  ? 3.554   4.318   7.059   1.00 23.91  ? 99  MET A CB  1 
ATOM   758  C  CG  . MET A 1 99  ? 2.409   5.287   7.142   1.00 25.47  ? 99  MET A CG  1 
ATOM   759  S  SD  . MET A 1 99  ? 0.833   4.534   7.502   1.00 27.69  ? 99  MET A SD  1 
ATOM   760  C  CE  . MET A 1 99  ? 0.734   3.321   6.184   1.00 24.83  ? 99  MET A CE  1 
ATOM   761  N  N   . LEU A 1 100 ? 6.854   4.036   7.458   1.00 23.47  ? 100 LEU A N   1 
ATOM   762  C  CA  . LEU A 1 100 ? 8.038   3.158   7.502   1.00 23.21  ? 100 LEU A CA  1 
ATOM   763  C  C   . LEU A 1 100 ? 7.974   2.305   8.757   1.00 19.99  ? 100 LEU A C   1 
ATOM   764  O  O   . LEU A 1 100 ? 7.456   2.801   9.786   1.00 22.06  ? 100 LEU A O   1 
ATOM   765  C  CB  . LEU A 1 100 ? 9.316   3.994   7.531   1.00 25.81  ? 100 LEU A CB  1 
ATOM   766  C  CG  . LEU A 1 100 ? 9.711   4.552   6.183   1.00 29.06  ? 100 LEU A CG  1 
ATOM   767  C  CD1 . LEU A 1 100 ? 10.595  5.736   6.406   1.00 28.76  ? 100 LEU A CD1 1 
ATOM   768  C  CD2 . LEU A 1 100 ? 10.403  3.497   5.337   1.00 27.38  ? 100 LEU A CD2 1 
ATOM   769  N  N   . ALA A 1 101 ? 8.469   1.094   8.615   1.00 19.53  ? 101 ALA A N   1 
ATOM   770  C  CA  . ALA A 1 101 ? 8.655   0.122   9.710   1.00 19.18  ? 101 ALA A CA  1 
ATOM   771  C  C   . ALA A 1 101 ? 9.982   -0.563  9.432   1.00 19.49  ? 101 ALA A C   1 
ATOM   772  O  O   . ALA A 1 101 ? 10.479  -0.447  8.291   1.00 22.08  ? 101 ALA A O   1 
ATOM   773  C  CB  . ALA A 1 101 ? 7.507   -0.869  9.750   1.00 17.95  ? 101 ALA A CB  1 
ATOM   774  N  N   . VAL A 1 102 ? 10.536  -1.215  10.452  1.00 20.99  ? 102 VAL A N   1 
ATOM   775  C  CA  . VAL A 1 102 ? 11.709  -2.119  10.353  1.00 20.62  ? 102 VAL A CA  1 
ATOM   776  C  C   . VAL A 1 102 ? 11.196  -3.508  10.004  1.00 20.04  ? 102 VAL A C   1 
ATOM   777  O  O   . VAL A 1 102 ? 10.445  -4.105  10.836  1.00 23.65  ? 102 VAL A O   1 
ATOM   778  C  CB  . VAL A 1 102 ? 12.490  -2.124  11.681  1.00 20.08  ? 102 VAL A CB  1 
ATOM   779  C  CG1 . VAL A 1 102 ? 13.662  -3.088  11.643  1.00 21.61  ? 102 VAL A CG1 1 
ATOM   780  C  CG2 . VAL A 1 102 ? 12.914  -0.707  12.062  1.00 20.75  ? 102 VAL A CG2 1 
ATOM   781  N  N   . GLY A 1 103 ? 11.531  -3.999  8.817   1.00 18.38  ? 103 GLY A N   1 
ATOM   782  C  CA  . GLY A 1 103 ? 11.085  -5.333  8.366   1.00 18.31  ? 103 GLY A CA  1 
ATOM   783  C  C   . GLY A 1 103 ? 11.622  -5.690  6.994   1.00 19.46  ? 103 GLY A C   1 
ATOM   784  O  O   . GLY A 1 103 ? 12.264  -4.825  6.397   1.00 21.92  ? 103 GLY A O   1 
ATOM   785  N  N   . HIS A 1 104 ? 11.394  -6.936  6.568   1.00 19.33  ? 104 HIS A N   1 
ATOM   786  C  CA  . HIS A 1 104 ? 11.765  -7.480  5.238   1.00 22.74  ? 104 HIS A CA  1 
ATOM   787  C  C   . HIS A 1 104 ? 10.781  -7.025  4.154   1.00 22.95  ? 104 HIS A C   1 
ATOM   788  O  O   . HIS A 1 104 ? 9.591   -7.431  4.220   1.00 24.66  ? 104 HIS A O   1 
ATOM   789  C  CB  . HIS A 1 104 ? 11.803  -9.007  5.238   1.00 21.96  ? 104 HIS A CB  1 
ATOM   790  C  CG  . HIS A 1 104 ? 12.350  -9.539  3.953   1.00 23.54  ? 104 HIS A CG  1 
ATOM   791  N  ND1 . HIS A 1 104 ? 13.532  -9.061  3.429   1.00 23.57  ? 104 HIS A ND1 1 
ATOM   792  C  CD2 . HIS A 1 104 ? 11.913  -10.487 3.099   1.00 22.31  ? 104 HIS A CD2 1 
ATOM   793  C  CE1 . HIS A 1 104 ? 13.791  -9.680  2.300   1.00 22.31  ? 104 HIS A CE1 1 
ATOM   794  N  NE2 . HIS A 1 104 ? 12.835  -10.587 2.086   1.00 23.23  ? 104 HIS A NE2 1 
ATOM   795  N  N   . SER A 1 105 ? 11.292  -6.298  3.156   1.00 24.43  ? 105 SER A N   1 
ATOM   796  C  CA  . SER A 1 105 ? 10.534  -5.845  1.961   1.00 25.41  ? 105 SER A CA  1 
ATOM   797  C  C   . SER A 1 105 ? 11.460  -5.908  0.740   1.00 28.27  ? 105 SER A C   1 
ATOM   798  O  O   . SER A 1 105 ? 12.405  -5.106  0.666   1.00 33.16  ? 105 SER A O   1 
ATOM   799  C  CB  . SER A 1 105 ? 9.957   -4.466  2.185   1.00 24.70  ? 105 SER A CB  1 
ATOM   800  O  OG  . SER A 1 105 ? 9.259   -3.994  1.032   1.00 23.53  ? 105 SER A OG  1 
ATOM   801  N  N   . GLU A 1 106 ? 11.228  -6.884  -0.131  1.00 30.30  ? 106 GLU A N   1 
ATOM   802  C  CA  . GLU A 1 106 ? 11.804  -6.942  -1.498  1.00 31.18  ? 106 GLU A CA  1 
ATOM   803  C  C   . GLU A 1 106 ? 10.747  -6.436  -2.470  1.00 31.97  ? 106 GLU A C   1 
ATOM   804  O  O   . GLU A 1 106 ? 9.557   -6.499  -2.163  1.00 32.25  ? 106 GLU A O   1 
ATOM   805  C  CB  . GLU A 1 106 ? 12.185  -8.378  -1.855  1.00 32.54  ? 106 GLU A CB  1 
ATOM   806  C  CG  . GLU A 1 106 ? 13.177  -9.003  -0.896  1.00 32.61  ? 106 GLU A CG  1 
ATOM   807  C  CD  . GLU A 1 106 ? 13.434  -10.494 -1.057  1.00 33.35  ? 106 GLU A CD  1 
ATOM   808  O  OE1 . GLU A 1 106 ? 12.710  -11.164 -1.823  1.00 39.09  ? 106 GLU A OE1 1 
ATOM   809  O  OE2 . GLU A 1 106 ? 14.349  -10.992 -0.383  1.00 31.78  ? 106 GLU A OE2 1 
ATOM   810  N  N   . PRO A 1 107 ? 11.133  -6.007  -3.693  1.00 30.64  ? 107 PRO A N   1 
ATOM   811  C  CA  . PRO A 1 107 ? 10.168  -5.537  -4.686  1.00 30.49  ? 107 PRO A CA  1 
ATOM   812  C  C   . PRO A 1 107 ? 8.835   -6.292  -4.754  1.00 29.51  ? 107 PRO A C   1 
ATOM   813  O  O   . PRO A 1 107 ? 7.813   -5.648  -4.545  1.00 31.82  ? 107 PRO A O   1 
ATOM   814  C  CB  . PRO A 1 107 ? 10.963  -5.730  -5.985  1.00 31.16  ? 107 PRO A CB  1 
ATOM   815  C  CG  . PRO A 1 107 ? 12.343  -5.317  -5.572  1.00 32.68  ? 107 PRO A CG  1 
ATOM   816  C  CD  . PRO A 1 107 ? 12.513  -5.956  -4.207  1.00 30.93  ? 107 PRO A CD  1 
ATOM   817  N  N   . GLY A 1 108 ? 8.872   -7.602  -5.010  1.00 25.76  ? 108 GLY A N   1 
ATOM   818  C  CA  . GLY A 1 108 ? 7.687   -8.469  -5.151  1.00 25.83  ? 108 GLY A CA  1 
ATOM   819  C  C   . GLY A 1 108 ? 6.779   -8.470  -3.922  1.00 23.55  ? 108 GLY A C   1 
ATOM   820  O  O   . GLY A 1 108 ? 5.698   -9.072  -3.981  1.00 20.95  ? 108 GLY A O   1 
ATOM   821  N  N   . ASP A 1 109 ? 7.219   -7.882  -2.807  1.00 22.34  ? 109 ASP A N   1 
ATOM   822  C  CA  . ASP A 1 109 ? 6.404   -7.825  -1.566  1.00 19.64  ? 109 ASP A CA  1 
ATOM   823  C  C   . ASP A 1 109 ? 5.314   -6.764  -1.702  1.00 18.55  ? 109 ASP A C   1 
ATOM   824  O  O   . ASP A 1 109 ? 4.299   -6.849  -0.946  1.00 17.22  ? 109 ASP A O   1 
ATOM   825  C  CB  . ASP A 1 109 ? 7.268   -7.559  -0.343  1.00 20.32  ? 109 ASP A CB  1 
ATOM   826  C  CG  . ASP A 1 109 ? 7.993   -8.805  0.097   1.00 19.33  ? 109 ASP A CG  1 
ATOM   827  O  OD1 . ASP A 1 109 ? 7.355   -9.860  0.062   1.00 18.77  ? 109 ASP A OD1 1 
ATOM   828  O  OD2 . ASP A 1 109 ? 9.182   -8.687  0.480   1.00 23.35  ? 109 ASP A OD2 1 
ATOM   829  N  N   . CYS A 1 110 ? 5.521   -5.816  -2.612  1.00 16.98  ? 110 CYS A N   1 
ATOM   830  C  CA  . CYS A 1 110 ? 4.524   -4.765  -2.918  1.00 16.32  ? 110 CYS A CA  1 
ATOM   831  C  C   . CYS A 1 110 ? 3.150   -5.364  -3.013  1.00 13.34  ? 110 CYS A C   1 
ATOM   832  O  O   . CYS A 1 110 ? 3.001   -6.357  -3.716  1.00 14.43  ? 110 CYS A O   1 
ATOM   833  C  CB  . CYS A 1 110 ? 4.811   -4.085  -4.232  1.00 18.22  ? 110 CYS A CB  1 
ATOM   834  S  SG  . CYS A 1 110 ? 6.422   -3.330  -4.071  1.00 21.93  ? 110 CYS A SG  1 
ATOM   835  N  N   . GLY A 1 111 ? 2.207   -4.683  -2.342  1.00 9.79   ? 111 GLY A N   1 
ATOM   836  C  CA  . GLY A 1 111 ? 0.781   -5.013  -2.392  1.00 10.44  ? 111 GLY A CA  1 
ATOM   837  C  C   . GLY A 1 111 ? 0.373   -5.776  -1.143  1.00 10.02  ? 111 GLY A C   1 
ATOM   838  O  O   . GLY A 1 111 ? -0.826  -5.989  -0.965  1.00 9.55   ? 111 GLY A O   1 
ATOM   839  N  N   . GLY A 1 112 ? 1.319   -6.355  -0.393  1.00 9.41   ? 112 GLY A N   1 
ATOM   840  C  CA  . GLY A 1 112 ? 1.041   -6.900  0.953   1.00 9.40   ? 112 GLY A CA  1 
ATOM   841  C  C   . GLY A 1 112 ? 0.265   -5.937  1.801   1.00 8.31   ? 112 GLY A C   1 
ATOM   842  O  O   . GLY A 1 112 ? 0.684   -4.768  1.894   1.00 7.96   ? 112 GLY A O   1 
ATOM   843  N  N   . ILE A 1 113 ? -0.748  -6.443  2.464   1.00 8.97   ? 113 ILE A N   1 
ATOM   844  C  CA  . ILE A 1 113 ? -1.577  -5.568  3.338   1.00 8.16   ? 113 ILE A CA  1 
ATOM   845  C  C   . ILE A 1 113 ? -0.935  -5.331  4.704   1.00 7.91   ? 113 ILE A C   1 
ATOM   846  O  O   . ILE A 1 113 ? -0.412  -6.289  5.299   1.00 6.64   ? 113 ILE A O   1 
ATOM   847  C  CB  . ILE A 1 113 ? -2.980  -6.158  3.458   1.00 10.60  ? 113 ILE A CB  1 
ATOM   848  C  CG1 . ILE A 1 113 ? -3.720  -5.795  2.172   1.00 11.29  ? 113 ILE A CG1 1 
ATOM   849  C  CG2 . ILE A 1 113 ? -3.684  -5.618  4.662   1.00 10.75  ? 113 ILE A CG2 1 
ATOM   850  C  CD1 . ILE A 1 113 ? -5.105  -6.402  1.998   1.00 11.96  ? 113 ILE A CD1 1 
ATOM   851  N  N   . LEU A 1 114 ? -0.946  -4.058  5.141   1.00 6.93   ? 114 LEU A N   1 
ATOM   852  C  CA  . LEU A 1 114 ? -0.691  -3.653  6.545   1.00 6.79   ? 114 LEU A CA  1 
ATOM   853  C  C   . LEU A 1 114 ? -2.070  -3.442  7.174   1.00 8.65   ? 114 LEU A C   1 
ATOM   854  O  O   . LEU A 1 114 ? -2.858  -2.670  6.610   1.00 8.47   ? 114 LEU A O   1 
ATOM   855  C  CB  . LEU A 1 114 ? 0.111   -2.346  6.583   1.00 6.56   ? 114 LEU A CB  1 
ATOM   856  C  CG  . LEU A 1 114 ? 0.372   -1.735  7.951   1.00 7.44   ? 114 LEU A CG  1 
ATOM   857  C  CD1 . LEU A 1 114 ? 1.168   -2.690  8.825   1.00 7.92   ? 114 LEU A CD1 1 
ATOM   858  C  CD2 . LEU A 1 114 ? 1.054   -0.379  7.870   1.00 8.12   ? 114 LEU A CD2 1 
ATOM   859  N  N   . ARG A 1 115 ? -2.349  -4.126  8.267   1.00 8.20   ? 115 ARG A N   1 
ATOM   860  C  CA  . ARG A 1 115 ? -3.656  -3.954  8.992   1.00 9.02   ? 115 ARG A CA  1 
ATOM   861  C  C   . ARG A 1 115 ? -3.462  -3.630  10.479  1.00 10.11  ? 115 ARG A C   1 
ATOM   862  O  O   . ARG A 1 115 ? -2.471  -4.030  11.050  1.00 10.97  ? 115 ARG A O   1 
ATOM   863  C  CB  . ARG A 1 115 ? -4.553  -5.173  8.797   1.00 11.80  ? 115 ARG A CB  1 
ATOM   864  C  CG  . ARG A 1 115 ? -3.962  -6.471  9.315   1.00 13.75  ? 115 ARG A CG  1 
ATOM   865  C  CD  . ARG A 1 115 ? -4.755  -7.711  8.938   1.00 15.73  ? 115 ARG A CD  1 
ATOM   866  N  NE  . ARG A 1 115 ? -4.616  -8.224  7.580   1.00 17.21  ? 115 ARG A NE  1 
ATOM   867  C  CZ  . ARG A 1 115 ? -5.595  -8.305  6.653   1.00 18.85  ? 115 ARG A CZ  1 
ATOM   868  N  NH1 . ARG A 1 115 ? -6.817  -7.808  6.876   1.00 18.78  ? 115 ARG A NH1 1 
ATOM   869  N  NH2 . ARG A 1 115 ? -5.317  -8.829  5.468   1.00 19.19  ? 115 ARG A NH2 1 
ATOM   870  N  N   . CYS A 1 116 ? -4.363  -2.796  11.039  1.00 10.91  ? 116 CYS A N   1 
ATOM   871  C  CA  . CYS A 1 116 ? -4.407  -2.420  12.486  1.00 13.34  ? 116 CYS A CA  1 
ATOM   872  C  C   . CYS A 1 116 ? -5.778  -2.853  13.000  1.00 15.79  ? 116 CYS A C   1 
ATOM   873  O  O   . CYS A 1 116 ? -6.510  -3.481  12.232  1.00 16.65  ? 116 CYS A O   1 
ATOM   874  C  CB  . CYS A 1 116 ? -4.112  -0.952  12.743  1.00 13.30  ? 116 CYS A CB  1 
ATOM   875  S  SG  . CYS A 1 116 ? -5.366  0.129   12.020  1.00 14.33  ? 116 CYS A SG  1 
ATOM   876  N  N   . GLN A 1 117 ? -6.115  -2.533  14.250  1.00 19.49  ? 117 GLN A N   1 
ATOM   877  C  CA  . GLN A 1 117 ? -7.457  -2.840  14.811  1.00 20.36  ? 117 GLN A CA  1 
ATOM   878  C  C   . GLN A 1 117 ? -8.552  -2.093  14.019  1.00 19.66  ? 117 GLN A C   1 
ATOM   879  O  O   . GLN A 1 117 ? -9.727  -2.487  14.116  1.00 22.37  ? 117 GLN A O   1 
ATOM   880  C  CB  . GLN A 1 117 ? -7.501  -2.519  16.307  1.00 22.28  ? 117 GLN A CB  1 
ATOM   881  C  CG  . GLN A 1 117 ? -7.488  -1.030  16.625  1.00 23.40  ? 117 GLN A CG  1 
ATOM   882  C  CD  . GLN A 1 117 ? -7.402  -0.807  18.111  1.00 26.93  ? 117 GLN A CD  1 
ATOM   883  O  OE1 . GLN A 1 117 ? -6.482  -1.282  18.764  1.00 29.56  ? 117 GLN A OE1 1 
ATOM   884  N  NE2 . GLN A 1 117 ? -8.387  -0.119  18.665  1.00 30.76  ? 117 GLN A NE2 1 
ATOM   885  N  N   . HIS A 1 118 ? -8.208  -1.057  13.261  1.00 18.73  ? 118 HIS A N   1 
ATOM   886  C  CA  . HIS A 1 118 ? -9.210  -0.242  12.523  1.00 18.80  ? 118 HIS A CA  1 
ATOM   887  C  C   . HIS A 1 118 ? -9.393  -0.796  11.096  1.00 19.82  ? 118 HIS A C   1 
ATOM   888  O  O   . HIS A 1 118 ? -10.324 -0.302  10.417  1.00 23.95  ? 118 HIS A O   1 
ATOM   889  C  CB  . HIS A 1 118 ? -8.817  1.237   12.587  1.00 18.49  ? 118 HIS A CB  1 
ATOM   890  C  CG  . HIS A 1 118 ? -8.653  1.772   13.976  1.00 19.24  ? 118 HIS A CG  1 
ATOM   891  N  ND1 . HIS A 1 118 ? -7.432  2.176   14.479  1.00 17.43  ? 118 HIS A ND1 1 
ATOM   892  C  CD2 . HIS A 1 118 ? -9.545  1.995   14.967  1.00 19.65  ? 118 HIS A CD2 1 
ATOM   893  C  CE1 . HIS A 1 118 ? -7.581  2.615   15.709  1.00 21.02  ? 118 HIS A CE1 1 
ATOM   894  N  NE2 . HIS A 1 118 ? -8.857  2.514   16.033  1.00 21.10  ? 118 HIS A NE2 1 
ATOM   895  N  N   . GLY A 1 119 ? -8.594  -1.794  10.674  1.00 22.15  ? 119 GLY A N   1 
ATOM   896  C  CA  . GLY A 1 119 ? -8.710  -2.480  9.361   1.00 21.21  ? 119 GLY A CA  1 
ATOM   897  C  C   . GLY A 1 119 ? -7.461  -2.336  8.497   1.00 21.67  ? 119 GLY A C   1 
ATOM   898  O  O   . GLY A 1 119 ? -6.357  -2.259  9.068   1.00 19.53  ? 119 GLY A O   1 
ATOM   899  N  N   . VAL A 1 120 ? -7.611  -2.240  7.166   1.00 19.08  ? 120 VAL A N   1 
ATOM   900  C  CA  . VAL A 1 120 ? -6.465  -2.053  6.226   1.00 15.81  ? 120 VAL A CA  1 
ATOM   901  C  C   . VAL A 1 120 ? -5.912  -0.645  6.386   1.00 17.59  ? 120 VAL A C   1 
ATOM   902  O  O   . VAL A 1 120 ? -6.695  0.316   6.187   1.00 19.69  ? 120 VAL A O   1 
ATOM   903  C  CB  . VAL A 1 120 ? -6.849  -2.319  4.762   1.00 14.89  ? 120 VAL A CB  1 
ATOM   904  C  CG1 . VAL A 1 120 ? -5.673  -2.132  3.823   1.00 14.93  ? 120 VAL A CG1 1 
ATOM   905  C  CG2 . VAL A 1 120 ? -7.387  -3.694  4.610   1.00 13.45  ? 120 VAL A CG2 1 
ATOM   906  N  N   . VAL A 1 121 ? -4.627  -0.519  6.702   1.00 15.34  ? 121 VAL A N   1 
ATOM   907  C  CA  . VAL A 1 121 ? -3.897  0.771   6.858   1.00 15.65  ? 121 VAL A CA  1 
ATOM   908  C  C   . VAL A 1 121 ? -3.333  1.173   5.493   1.00 14.34  ? 121 VAL A C   1 
ATOM   909  O  O   . VAL A 1 121 ? -3.254  2.372   5.207   1.00 17.44  ? 121 VAL A O   1 
ATOM   910  C  CB  . VAL A 1 121 ? -2.797  0.621   7.930   1.00 14.58  ? 121 VAL A CB  1 
ATOM   911  C  CG1 . VAL A 1 121 ? -1.876  1.834   8.012   1.00 14.23  ? 121 VAL A CG1 1 
ATOM   912  C  CG2 . VAL A 1 121 ? -3.437  0.240   9.262   1.00 15.67  ? 121 VAL A CG2 1 
ATOM   913  N  N   . GLY A 1 122 ? -2.805  0.209   4.744   1.00 13.17  ? 122 GLY A N   1 
ATOM   914  C  CA  . GLY A 1 122 ? -2.067  0.498   3.524   1.00 11.02  ? 122 GLY A CA  1 
ATOM   915  C  C   . GLY A 1 122 ? -1.459  -0.751  2.943   1.00 9.40   ? 122 GLY A C   1 
ATOM   916  O  O   . GLY A 1 122 ? -1.809  -1.874  3.390   1.00 9.74   ? 122 GLY A O   1 
ATOM   917  N  N   . ILE A 1 123 ? -0.652  -0.578  1.895   1.00 9.83   ? 123 ILE A N   1 
ATOM   918  C  CA  . ILE A 1 123 ? -0.045  -1.725  1.213   1.00 9.10   ? 123 ILE A CA  1 
ATOM   919  C  C   . ILE A 1 123 ? 1.443   -1.470  1.129   1.00 9.01   ? 123 ILE A C   1 
ATOM   920  O  O   . ILE A 1 123 ? 1.820   -0.308  1.101   1.00 9.83   ? 123 ILE A O   1 
ATOM   921  C  CB  . ILE A 1 123 ? -0.659  -1.972  -0.178  1.00 9.23   ? 123 ILE A CB  1 
ATOM   922  C  CG1 . ILE A 1 123 ? -0.708  -0.732  -1.089  1.00 9.93   ? 123 ILE A CG1 1 
ATOM   923  C  CG2 . ILE A 1 123 ? -2.014  -2.638  -0.021  1.00 9.49   ? 123 ILE A CG2 1 
ATOM   924  C  CD1 . ILE A 1 123 ? -0.899  -1.082  -2.552  1.00 9.05   ? 123 ILE A CD1 1 
ATOM   925  N  N   . VAL A 1 124 ? 2.199   -2.552  1.058   1.00 10.05  ? 124 VAL A N   1 
ATOM   926  C  CA  . VAL A 1 124 ? 3.682   -2.535  0.909   1.00 10.68  ? 124 VAL A CA  1 
ATOM   927  C  C   . VAL A 1 124 ? 3.944   -1.834  -0.415  1.00 11.92  ? 124 VAL A C   1 
ATOM   928  O  O   . VAL A 1 124 ? 3.348   -2.194  -1.424  1.00 11.58  ? 124 VAL A O   1 
ATOM   929  C  CB  . VAL A 1 124 ? 4.280   -3.955  0.878   1.00 11.38  ? 124 VAL A CB  1 
ATOM   930  C  CG1 . VAL A 1 124 ? 5.770   -3.991  0.497   1.00 12.06  ? 124 VAL A CG1 1 
ATOM   931  C  CG2 . VAL A 1 124 ? 4.082   -4.647  2.217   1.00 11.92  ? 124 VAL A CG2 1 
ATOM   932  N  N   . SER A 1 125 ? 4.831   -0.863  -0.397  1.00 14.31  ? 125 SER A N   1 
ATOM   933  C  CA  . SER A 1 125 ? 5.283   -0.178  -1.628  1.00 18.45  ? 125 SER A CA  1 
ATOM   934  C  C   . SER A 1 125 ? 6.815   -0.251  -1.828  1.00 21.08  ? 125 SER A C   1 
ATOM   935  O  O   . SER A 1 125 ? 7.286   -0.491  -2.982  1.00 17.82  ? 125 SER A O   1 
ATOM   936  C  CB  . SER A 1 125 ? 4.789   1.207   -1.587  1.00 18.07  ? 125 SER A CB  1 
ATOM   937  O  OG  . SER A 1 125 ? 5.078   1.874   -2.818  1.00 19.97  ? 125 SER A OG  1 
ATOM   938  N  N   . THR A 1 126 ? 7.586   -0.128  -0.743  0.58 21.78  ? 126 THR A N   1 
ATOM   939  C  CA  . THR A 1 126 ? 9.061   0.053   -0.792  0.58 22.37  ? 126 THR A CA  1 
ATOM   940  C  C   . THR A 1 126 ? 9.748   -0.993  0.093   0.58 22.65  ? 126 THR A C   1 
ATOM   941  O  O   . THR A 1 126 ? 9.073   -1.558  0.982   0.58 22.37  ? 126 THR A O   1 
ATOM   942  C  CB  . THR A 1 126 ? 9.463   1.475   -0.378  0.58 22.85  ? 126 THR A CB  1 
ATOM   943  O  OG1 . THR A 1 126 ? 9.519   1.524   1.049   0.58 23.47  ? 126 THR A OG1 1 
ATOM   944  C  CG2 . THR A 1 126 ? 8.527   2.537   -0.913  0.58 23.64  ? 126 THR A CG2 1 
ATOM   945  N  N   . GLY A 1 127 ? 11.050  -1.206  -0.129  0.58 22.91  ? 127 GLY A N   1 
ATOM   946  C  CA  . GLY A 1 127 ? 11.858  -2.199  0.603   0.58 22.65  ? 127 GLY A CA  1 
ATOM   947  C  C   . GLY A 1 127 ? 13.349  -2.024  0.361   0.58 22.41  ? 127 GLY A C   1 
ATOM   948  O  O   . GLY A 1 127 ? 13.782  -2.165  -0.796  0.58 21.07  ? 127 GLY A O   1 
ATOM   949  N  N   . GLY A 1 128 ? 14.111  -1.727  1.417   0.58 23.35  ? 128 GLY A N   1 
ATOM   950  C  CA  . GLY A 1 128 ? 15.574  -1.548  1.329   0.58 23.94  ? 128 GLY A CA  1 
ATOM   951  C  C   . GLY A 1 128 ? 16.224  -1.357  2.689   0.58 25.74  ? 128 GLY A C   1 
ATOM   952  O  O   . GLY A 1 128 ? 15.650  -0.627  3.527   0.58 26.21  ? 128 GLY A O   1 
ATOM   953  N  N   . ASN A 1 129 ? 17.393  -1.978  2.893   0.58 26.93  ? 129 ASN A N   1 
ATOM   954  C  CA  . ASN A 1 129 ? 18.240  -1.819  4.107   0.58 27.04  ? 129 ASN A CA  1 
ATOM   955  C  C   . ASN A 1 129 ? 17.441  -2.227  5.346   0.58 26.51  ? 129 ASN A C   1 
ATOM   956  O  O   . ASN A 1 129 ? 17.460  -1.487  6.347   0.58 27.20  ? 129 ASN A O   1 
ATOM   957  C  CB  . ASN A 1 129 ? 18.757  -0.387  4.245   0.58 27.43  ? 129 ASN A CB  1 
ATOM   958  C  CG  . ASN A 1 129 ? 19.758  -0.030  3.170   0.58 27.97  ? 129 ASN A CG  1 
ATOM   959  O  OD1 . ASN A 1 129 ? 20.529  -0.883  2.727   0.58 29.91  ? 129 ASN A OD1 1 
ATOM   960  N  ND2 . ASN A 1 129 ? 19.761  1.224   2.747   0.58 27.87  ? 129 ASN A ND2 1 
ATOM   961  N  N   . GLY A 1 130 ? 16.765  -3.372  5.263   0.58 25.97  ? 130 GLY A N   1 
ATOM   962  C  CA  . GLY A 1 130 ? 15.973  -3.952  6.363   0.58 25.41  ? 130 GLY A CA  1 
ATOM   963  C  C   . GLY A 1 130 ? 14.801  -3.070  6.757   0.58 25.19  ? 130 GLY A C   1 
ATOM   964  O  O   . GLY A 1 130 ? 14.376  -3.155  7.920   0.58 25.70  ? 130 GLY A O   1 
ATOM   965  N  N   . LEU A 1 131 ? 14.288  -2.261  5.822   0.58 23.65  ? 131 LEU A N   1 
ATOM   966  C  CA  . LEU A 1 131 ? 13.085  -1.411  6.026   0.58 22.28  ? 131 LEU A CA  1 
ATOM   967  C  C   . LEU A 1 131 ? 12.005  -1.818  5.023   0.58 21.29  ? 131 LEU A C   1 
ATOM   968  O  O   . LEU A 1 131 ? 12.340  -2.111  3.861   0.58 20.99  ? 131 LEU A O   1 
ATOM   969  C  CB  . LEU A 1 131 ? 13.440  0.068   5.856   0.58 22.15  ? 131 LEU A CB  1 
ATOM   970  C  CG  . LEU A 1 131 ? 14.442  0.624   6.863   0.58 21.51  ? 131 LEU A CG  1 
ATOM   971  C  CD1 . LEU A 1 131 ? 14.703  2.099   6.609   0.58 21.87  ? 131 LEU A CD1 1 
ATOM   972  C  CD2 . LEU A 1 131 ? 13.944  0.413   8.279   0.58 22.22  ? 131 LEU A CD2 1 
ATOM   973  N  N   . VAL A 1 132 ? 10.751  -1.823  5.472   1.00 19.98  ? 132 VAL A N   1 
ATOM   974  C  CA  . VAL A 1 132 ? 9.585   -2.066  4.597   1.00 17.89  ? 132 VAL A CA  1 
ATOM   975  C  C   . VAL A 1 132 ? 8.844   -0.749  4.630   1.00 14.45  ? 132 VAL A C   1 
ATOM   976  O  O   . VAL A 1 132 ? 8.628   -0.192  5.713   1.00 15.99  ? 132 VAL A O   1 
ATOM   977  C  CB  . VAL A 1 132 ? 8.682   -3.185  5.116   1.00 15.79  ? 132 VAL A CB  1 
ATOM   978  C  CG1 . VAL A 1 132 ? 8.372   -2.971  6.576   1.00 15.90  ? 132 VAL A CG1 1 
ATOM   979  C  CG2 . VAL A 1 132 ? 7.405   -3.249  4.284   1.00 16.85  ? 132 VAL A CG2 1 
ATOM   980  N  N   . GLY A 1 133 ? 8.406   -0.300  3.460   1.00 17.54  ? 133 GLY A N   1 
ATOM   981  C  CA  . GLY A 1 133 ? 7.632   0.934   3.369   1.00 15.16  ? 133 GLY A CA  1 
ATOM   982  C  C   . GLY A 1 133 ? 6.246   0.622   2.826   1.00 17.00  ? 133 GLY A C   1 
ATOM   983  O  O   . GLY A 1 133 ? 6.115   -0.252  1.909   1.00 16.50  ? 133 GLY A O   1 
ATOM   984  N  N   . PHE A 1 134 ? 5.268   1.220   3.482   1.00 14.93  ? 134 PHE A N   1 
ATOM   985  C  CA  . PHE A 1 134 ? 3.827   1.009   3.191   1.00 14.14  ? 134 PHE A CA  1 
ATOM   986  C  C   . PHE A 1 134 ? 3.276   2.295   2.611   1.00 14.18  ? 134 PHE A C   1 
ATOM   987  O  O   . PHE A 1 134 ? 3.581   3.341   3.166   1.00 17.31  ? 134 PHE A O   1 
ATOM   988  C  CB  . PHE A 1 134 ? 3.038   0.643   4.443   1.00 13.77  ? 134 PHE A CB  1 
ATOM   989  C  CG  . PHE A 1 134 ? 3.666   -0.488  5.201   1.00 12.90  ? 134 PHE A CG  1 
ATOM   990  C  CD1 . PHE A 1 134 ? 3.453   -1.784  4.797   1.00 11.76  ? 134 PHE A CD1 1 
ATOM   991  C  CD2 . PHE A 1 134 ? 4.419   -0.250  6.340   1.00 13.14  ? 134 PHE A CD2 1 
ATOM   992  C  CE1 . PHE A 1 134 ? 4.025   -2.835  5.486   1.00 11.58  ? 134 PHE A CE1 1 
ATOM   993  C  CE2 . PHE A 1 134 ? 4.980   -1.305  7.032   1.00 12.75  ? 134 PHE A CE2 1 
ATOM   994  C  CZ  . PHE A 1 134 ? 4.804   -2.601  6.599   1.00 11.44  ? 134 PHE A CZ  1 
ATOM   995  N  N   . ALA A 1 135 ? 2.464   2.200   1.555   1.00 14.61  ? 135 ALA A N   1 
ATOM   996  C  CA  . ALA A 1 135 ? 1.705   3.324   0.985   1.00 16.34  ? 135 ALA A CA  1 
ATOM   997  C  C   . ALA A 1 135 ? 0.440   3.498   1.817   1.00 14.98  ? 135 ALA A C   1 
ATOM   998  O  O   . ALA A 1 135 ? -0.469  2.599   1.878   1.00 15.04  ? 135 ALA A O   1 
ATOM   999  C  CB  . ALA A 1 135 ? 1.384   3.103   -0.470  1.00 14.09  ? 135 ALA A CB  1 
ATOM   1000 N  N   . ASP A 1 136 ? 0.364   4.623   2.492   1.00 18.05  ? 136 ASP A N   1 
ATOM   1001 C  CA  . ASP A 1 136 ? -0.786  4.907   3.358   1.00 16.55  ? 136 ASP A CA  1 
ATOM   1002 C  C   . ASP A 1 136 ? -2.031  5.039   2.465   1.00 18.51  ? 136 ASP A C   1 
ATOM   1003 O  O   . ASP A 1 136 ? -1.873  5.569   1.328   1.00 19.57  ? 136 ASP A O   1 
ATOM   1004 C  CB  . ASP A 1 136 ? -0.509  6.173   4.162   1.00 18.11  ? 136 ASP A CB  1 
ATOM   1005 C  CG  . ASP A 1 136 ? -1.675  6.482   5.069   1.00 18.23  ? 136 ASP A CG  1 
ATOM   1006 O  OD1 . ASP A 1 136 ? -2.085  5.581   5.801   1.00 21.21  ? 136 ASP A OD1 1 
ATOM   1007 O  OD2 . ASP A 1 136 ? -2.189  7.613   5.007   1.00 20.54  ? 136 ASP A OD2 1 
ATOM   1008 N  N   . VAL A 1 137 ? -3.172  4.504   2.883   1.00 17.05  ? 137 VAL A N   1 
ATOM   1009 C  CA  . VAL A 1 137 ? -4.493  4.737   2.209   1.00 19.15  ? 137 VAL A CA  1 
ATOM   1010 C  C   . VAL A 1 137 ? -5.463  5.396   3.193   1.00 20.42  ? 137 VAL A C   1 
ATOM   1011 O  O   . VAL A 1 137 ? -6.643  5.493   2.834   1.00 22.87  ? 137 VAL A O   1 
ATOM   1012 C  CB  . VAL A 1 137 ? -5.105  3.446   1.616   1.00 16.93  ? 137 VAL A CB  1 
ATOM   1013 C  CG1 . VAL A 1 137 ? -4.193  2.855   0.557   1.00 16.49  ? 137 VAL A CG1 1 
ATOM   1014 C  CG2 . VAL A 1 137 ? -5.451  2.386   2.657   1.00 15.28  ? 137 VAL A CG2 1 
ATOM   1015 N  N   . ARG A 1 138 ? -5.004  5.772   4.399   1.00 17.80  ? 138 ARG A N   1 
ATOM   1016 C  CA  . ARG A 1 138 ? -5.898  6.219   5.494   1.00 17.73  ? 138 ARG A CA  1 
ATOM   1017 C  C   . ARG A 1 138 ? -6.389  7.638   5.202   1.00 19.93  ? 138 ARG A C   1 
ATOM   1018 O  O   . ARG A 1 138 ? -7.465  7.971   5.688   1.00 21.68  ? 138 ARG A O   1 
ATOM   1019 C  CB  . ARG A 1 138 ? -5.198  6.132   6.850   1.00 16.63  ? 138 ARG A CB  1 
ATOM   1020 C  CG  . ARG A 1 138 ? -4.911  4.702   7.286   1.00 14.99  ? 138 ARG A CG  1 
ATOM   1021 C  CD  . ARG A 1 138 ? -4.346  4.639   8.694   1.00 13.22  ? 138 ARG A CD  1 
ATOM   1022 N  NE  . ARG A 1 138 ? -2.989  5.154   8.675   1.00 17.46  ? 138 ARG A NE  1 
ATOM   1023 C  CZ  . ARG A 1 138 ? -2.204  5.228   9.728   1.00 16.22  ? 138 ARG A CZ  1 
ATOM   1024 N  NH1 . ARG A 1 138 ? -2.651  4.843   10.911  1.00 18.09  ? 138 ARG A NH1 1 
ATOM   1025 N  NH2 . ARG A 1 138 ? -0.973  5.691   9.600   1.00 17.99  ? 138 ARG A NH2 1 
ATOM   1026 N  N   . ASP A 1 139 ? -5.610  8.444   4.476   1.00 19.87  ? 139 ASP A N   1 
ATOM   1027 C  CA  . ASP A 1 139 ? -5.979  9.848   4.152   1.00 18.98  ? 139 ASP A CA  1 
ATOM   1028 C  C   . ASP A 1 139 ? -6.939  9.869   2.958   1.00 19.25  ? 139 ASP A C   1 
ATOM   1029 O  O   . ASP A 1 139 ? -7.578  10.905  2.775   1.00 20.45  ? 139 ASP A O   1 
ATOM   1030 C  CB  . ASP A 1 139 ? -4.749  10.708  3.854   1.00 19.64  ? 139 ASP A CB  1 
ATOM   1031 C  CG  . ASP A 1 139 ? -4.043  10.268  2.596   1.00 20.15  ? 139 ASP A CG  1 
ATOM   1032 O  OD1 . ASP A 1 139 ? -3.970  9.044   2.372   1.00 21.09  ? 139 ASP A OD1 1 
ATOM   1033 O  OD2 . ASP A 1 139 ? -3.615  11.143  1.837   1.00 21.30  ? 139 ASP A OD2 1 
ATOM   1034 N  N   . LEU A 1 140 ? -7.085  8.768   2.216   1.00 18.94  ? 140 LEU A N   1 
ATOM   1035 C  CA  . LEU A 1 140 ? -8.000  8.665   1.039   1.00 17.41  ? 140 LEU A CA  1 
ATOM   1036 C  C   . LEU A 1 140 ? -9.419  8.377   1.562   1.00 16.79  ? 140 LEU A C   1 
ATOM   1037 O  O   . LEU A 1 140 ? -9.882  7.275   1.360   1.00 15.54  ? 140 LEU A O   1 
ATOM   1038 C  CB  . LEU A 1 140 ? -7.488  7.558   0.091   1.00 16.51  ? 140 LEU A CB  1 
ATOM   1039 C  CG  . LEU A 1 140 ? -6.054  7.745   -0.430  1.00 16.67  ? 140 LEU A CG  1 
ATOM   1040 C  CD1 . LEU A 1 140 ? -5.629  6.587   -1.330  1.00 15.42  ? 140 LEU A CD1 1 
ATOM   1041 C  CD2 . LEU A 1 140 ? -5.881  9.070   -1.158  1.00 17.73  ? 140 LEU A CD2 1 
ATOM   1042 N  N   . LEU A 1 141 ? -10.094 9.349   2.204   1.00 20.38  ? 141 LEU A N   1 
ATOM   1043 C  CA  . LEU A 1 141 ? -11.382 9.104   2.923   1.00 23.10  ? 141 LEU A CA  1 
ATOM   1044 C  C   . LEU A 1 141 ? -12.492 8.637   1.980   1.00 26.93  ? 141 LEU A C   1 
ATOM   1045 O  O   . LEU A 1 141 ? -13.446 8.024   2.487   1.00 27.72  ? 141 LEU A O   1 
ATOM   1046 C  CB  . LEU A 1 141 ? -11.853 10.350  3.684   1.00 24.08  ? 141 LEU A CB  1 
ATOM   1047 C  CG  . LEU A 1 141 ? -10.843 10.988  4.636   1.00 25.29  ? 141 LEU A CG  1 
ATOM   1048 C  CD1 . LEU A 1 141 ? -11.504 12.084  5.458   1.00 24.81  ? 141 LEU A CD1 1 
ATOM   1049 C  CD2 . LEU A 1 141 ? -10.214 9.965   5.562   1.00 24.25  ? 141 LEU A CD2 1 
ATOM   1050 N  N   . TRP A 1 142 ? -12.381 8.920   0.681   1.00 32.12  ? 142 TRP A N   1 
ATOM   1051 C  CA  . TRP A 1 142 ? -13.478 8.751   -0.311  1.00 30.67  ? 142 TRP A CA  1 
ATOM   1052 C  C   . TRP A 1 142 ? -13.698 7.283   -0.699  1.00 32.64  ? 142 TRP A C   1 
ATOM   1053 O  O   . TRP A 1 142 ? -14.691 7.033   -1.390  1.00 33.79  ? 142 TRP A O   1 
ATOM   1054 C  CB  . TRP A 1 142 ? -13.200 9.612   -1.547  1.00 30.12  ? 142 TRP A CB  1 
ATOM   1055 C  CG  . TRP A 1 142 ? -11.868 9.374   -2.183  1.00 29.65  ? 142 TRP A CG  1 
ATOM   1056 C  CD1 . TRP A 1 142 ? -10.754 10.154  -2.054  1.00 31.07  ? 142 TRP A CD1 1 
ATOM   1057 C  CD2 . TRP A 1 142 ? -11.516 8.312   -3.087  1.00 29.77  ? 142 TRP A CD2 1 
ATOM   1058 N  NE1 . TRP A 1 142 ? -9.726  9.641   -2.799  1.00 31.52  ? 142 TRP A NE1 1 
ATOM   1059 C  CE2 . TRP A 1 142 ? -10.167 8.511   -3.442  1.00 31.58  ? 142 TRP A CE2 1 
ATOM   1060 C  CE3 . TRP A 1 142 ? -12.199 7.211   -3.618  1.00 29.07  ? 142 TRP A CE3 1 
ATOM   1061 C  CZ2 . TRP A 1 142 ? -9.499  7.647   -4.312  1.00 30.02  ? 142 TRP A CZ2 1 
ATOM   1062 C  CZ3 . TRP A 1 142 ? -11.538 6.365   -4.479  1.00 32.46  ? 142 TRP A CZ3 1 
ATOM   1063 C  CH2 . TRP A 1 142 ? -10.208 6.582   -4.818  1.00 30.01  ? 142 TRP A CH2 1 
ATOM   1064 N  N   . LEU A 1 143 ? -12.817 6.353   -0.299  1.00 33.73  ? 143 LEU A N   1 
ATOM   1065 C  CA  . LEU A 1 143 ? -12.881 4.920   -0.712  1.00 33.45  ? 143 LEU A CA  1 
ATOM   1066 C  C   . LEU A 1 143 ? -14.143 4.224   -0.179  1.00 36.39  ? 143 LEU A C   1 
ATOM   1067 O  O   . LEU A 1 143 ? -14.725 3.431   -0.929  1.00 39.89  ? 143 LEU A O   1 
ATOM   1068 C  CB  . LEU A 1 143 ? -11.620 4.194   -0.232  1.00 32.91  ? 143 LEU A CB  1 
ATOM   1069 C  CG  . LEU A 1 143 ? -10.327 4.574   -0.953  1.00 32.17  ? 143 LEU A CG  1 
ATOM   1070 C  CD1 . LEU A 1 143 ? -9.112  4.211   -0.117  1.00 30.48  ? 143 LEU A CD1 1 
ATOM   1071 C  CD2 . LEU A 1 143 ? -10.258 3.918   -2.323  1.00 31.91  ? 143 LEU A CD2 1 
ATOM   1072 N  N   . ASP A 1 144 ? -14.546 4.482   1.070   1.00 45.42  ? 144 ASP A N   1 
ATOM   1073 C  CA  . ASP A 1 144 ? -15.600 3.707   1.788   1.00 48.27  ? 144 ASP A CA  1 
ATOM   1074 C  C   . ASP A 1 144 ? -16.956 3.824   1.068   1.00 55.08  ? 144 ASP A C   1 
ATOM   1075 O  O   . ASP A 1 144 ? -17.776 2.897   1.227   1.00 54.72  ? 144 ASP A O   1 
ATOM   1076 C  CB  . ASP A 1 144 ? -15.736 4.142   3.253   1.00 49.34  ? 144 ASP A CB  1 
ATOM   1077 C  CG  . ASP A 1 144 ? -14.444 4.173   4.061   1.00 49.19  ? 144 ASP A CG  1 
ATOM   1078 O  OD1 . ASP A 1 144 ? -13.369 3.891   3.494   1.00 46.95  ? 144 ASP A OD1 1 
ATOM   1079 O  OD2 . ASP A 1 144 ? -14.516 4.481   5.262   1.00 52.32  ? 144 ASP A OD2 1 
ATOM   1080 N  N   . GLU A 1 145 ? -17.185 4.903   0.302   1.00 60.47  ? 145 GLU A N   1 
ATOM   1081 C  CA  . GLU A 1 145 ? -18.507 5.254   -0.301  1.00 62.98  ? 145 GLU A CA  1 
ATOM   1082 C  C   . GLU A 1 145 ? -18.422 5.338   -1.834  1.00 66.82  ? 145 GLU A C   1 
ATOM   1083 O  O   . GLU A 1 145 ? -17.293 5.395   -2.368  1.00 68.88  ? 145 GLU A O   1 
ATOM   1084 C  CB  . GLU A 1 145 ? -18.990 6.594   0.263   1.00 59.81  ? 145 GLU A CB  1 
ATOM   1085 C  CG  . GLU A 1 145 ? -18.209 7.791   -0.264  1.00 58.22  ? 145 GLU A CG  1 
ATOM   1086 C  CD  . GLU A 1 145 ? -17.994 8.925   0.723   1.00 56.64  ? 145 GLU A CD  1 
ATOM   1087 O  OE1 . GLU A 1 145 ? -17.396 9.945   0.326   1.00 57.27  ? 145 GLU A OE1 1 
ATOM   1088 O  OE2 . GLU A 1 145 ? -18.413 8.785   1.887   1.00 54.38  ? 145 GLU A OE2 1 
ATOM   1089 N  N   . GLU A 1 146 ? -19.587 5.370   -2.499  1.00 67.36  ? 146 GLU A N   1 
ATOM   1090 C  CA  . GLU A 1 146 ? -19.759 5.685   -3.947  1.00 66.11  ? 146 GLU A CA  1 
ATOM   1091 C  C   . GLU A 1 146 ? -19.043 4.619   -4.784  1.00 68.32  ? 146 GLU A C   1 
ATOM   1092 O  O   . GLU A 1 146 ? -19.653 3.930   -5.602  1.00 67.70  ? 146 GLU A O   1 
ATOM   1093 C  CB  . GLU A 1 146 ? -19.271 7.114   -4.220  1.00 65.30  ? 146 GLU A CB  1 
ATOM   1094 C  CG  . GLU A 1 146 ? -18.681 7.349   -5.604  1.00 64.92  ? 146 GLU A CG  1 
ATOM   1095 C  CD  . GLU A 1 146 ? -19.681 7.665   -6.707  1.00 65.04  ? 146 GLU A CD  1 
ATOM   1096 O  OE1 . GLU A 1 146 ? -19.745 8.839   -7.118  1.00 64.74  ? 146 GLU A OE1 1 
ATOM   1097 O  OE2 . GLU A 1 146 ? -20.379 6.736   -7.167  1.00 63.09  ? 146 GLU A OE2 1 
HETATM 1098 C  C4  . UXA B 2 .   ? 15.942  3.730   2.739   0.58 34.27  ? 201 UXA A C4  1 
HETATM 1099 C  C5  . UXA B 2 .   ? 16.610  4.944   2.528   0.58 34.62  ? 201 UXA A C5  1 
HETATM 1100 C  C6  . UXA B 2 .   ? 16.018  6.150   2.859   0.58 34.54  ? 201 UXA A C6  1 
HETATM 1101 C  C7  . UXA B 2 .   ? 14.753  6.116   3.410   0.58 34.36  ? 201 UXA A C7  1 
HETATM 1102 C  C8  . UXA B 2 .   ? 12.977  6.546   4.652   0.58 34.92  ? 201 UXA A C8  1 
HETATM 1103 C  C10 . UXA B 2 .   ? 14.667  3.726   3.298   0.58 34.30  ? 201 UXA A C10 1 
HETATM 1104 N  N   . UXA B 2 .   ? 16.574  2.123   1.064   0.58 33.94  ? 201 UXA A N   1 
HETATM 1105 C  C   . UXA B 2 .   ? 16.594  2.442   2.362   0.58 34.23  ? 201 UXA A C   1 
HETATM 1106 O  O   . UXA B 2 .   ? 17.131  1.736   3.206   0.58 35.09  ? 201 UXA A O   1 
HETATM 1107 C  C1  . UXA B 2 .   ? 17.437  2.783   0.088   0.58 33.86  ? 201 UXA A C1  1 
HETATM 1108 C  C2  . UXA B 2 .   ? 18.758  3.296   0.525   0.58 34.10  ? 201 UXA A C2  1 
HETATM 1109 C  C3  . UXA B 2 .   ? 18.677  2.089   -0.339  0.58 34.25  ? 201 UXA A C3  1 
HETATM 1110 C  C9  . UXA B 2 .   ? 14.101  4.930   3.634   0.58 34.19  ? 201 UXA A C9  1 
HETATM 1111 O  O1  . UXA B 2 .   ? 13.963  7.160   3.825   0.58 34.68  ? 201 UXA A O1  1 
HETATM 1112 O  O2  . UXA B 2 .   ? 12.908  5.169   4.279   0.58 34.74  ? 201 UXA A O2  1 
HETATM 1113 ZN ZN  . ZN  C 3 .   ? -5.601  2.037   13.515  1.00 16.84  ? 202 ZN  A ZN  1 
HETATM 1114 S  S   . DMS D 4 .   ? 1.396   13.538  -8.539  1.00 79.84  ? 203 DMS A S   1 
HETATM 1115 O  O   . DMS D 4 .   ? 2.396   12.424  -8.658  1.00 78.91  ? 203 DMS A O   1 
HETATM 1116 C  C1  . DMS D 4 .   ? 2.114   14.724  -7.430  1.00 79.38  ? 203 DMS A C1  1 
HETATM 1117 C  C2  . DMS D 4 .   ? 1.533   14.484  -10.032 1.00 79.14  ? 203 DMS A C2  1 
HETATM 1118 S  S   . DMS E 4 .   ? 12.722  -7.248  12.616  0.50 80.33  ? 204 DMS A S   1 
HETATM 1119 O  O   . DMS E 4 .   ? 13.701  -7.587  11.526  0.50 78.85  ? 204 DMS A O   1 
HETATM 1120 C  C1  . DMS E 4 .   ? 11.876  -8.758  13.003  0.50 80.06  ? 204 DMS A C1  1 
HETATM 1121 C  C2  . DMS E 4 .   ? 13.674  -7.115  14.108  0.50 79.48  ? 204 DMS A C2  1 
HETATM 1122 O  O   . HOH F 5 .   ? -5.335  10.706  17.388  0.50 22.20  ? 301 HOH A O   1 
HETATM 1123 O  O   . HOH F 5 .   ? -14.774 6.541   1.962   0.58 18.61  ? 302 HOH A O   1 
HETATM 1124 O  O   . HOH F 5 .   ? 4.023   4.950   -8.294  0.58 12.11  ? 303 HOH A O   1 
HETATM 1125 O  O   . HOH F 5 .   ? 1.456   12.646  -3.928  1.00 30.56  ? 304 HOH A O   1 
HETATM 1126 O  O   . HOH F 5 .   ? -15.479 6.934   -5.709  1.00 24.84  ? 305 HOH A O   1 
HETATM 1127 O  O   . HOH F 5 .   ? -7.052  13.084  2.805   1.00 34.22  ? 306 HOH A O   1 
HETATM 1128 O  O   . HOH F 5 .   ? 15.044  -12.940 -1.289  1.00 22.11  ? 307 HOH A O   1 
HETATM 1129 O  O   . HOH F 5 .   ? -16.470 3.758   6.196   1.00 24.03  ? 308 HOH A O   1 
HETATM 1130 O  O   . HOH F 5 .   ? -9.427  10.254  -10.334 1.00 27.96  ? 309 HOH A O   1 
HETATM 1131 O  O   . HOH F 5 .   ? -17.054 0.126   -3.952  1.00 25.88  ? 310 HOH A O   1 
HETATM 1132 O  O   . HOH F 5 .   ? -16.299 11.488  -1.032  1.00 36.22  ? 311 HOH A O   1 
HETATM 1133 O  O   . HOH F 5 .   ? -1.094  -11.420 -5.607  1.00 26.93  ? 312 HOH A O   1 
HETATM 1134 O  O   . HOH F 5 .   ? 9.212   -0.537  13.155  1.00 18.36  ? 313 HOH A O   1 
HETATM 1135 O  O   . HOH F 5 .   ? 1.456   11.690  7.815   1.00 27.18  ? 314 HOH A O   1 
HETATM 1136 O  O   . HOH F 5 .   ? -2.655  11.773  -4.970  1.00 23.24  ? 315 HOH A O   1 
HETATM 1137 O  O   . HOH F 5 .   ? 13.315  -5.138  3.631   1.00 25.96  ? 316 HOH A O   1 
HETATM 1138 O  O   . HOH F 5 .   ? -7.395  -7.902  -0.199  1.00 25.72  ? 317 HOH A O   1 
HETATM 1139 O  O   . HOH F 5 .   ? -14.085 -5.319  6.120   1.00 22.66  ? 318 HOH A O   1 
HETATM 1140 O  O   . HOH F 5 .   ? -19.847 -3.685  -9.358  1.00 42.26  ? 319 HOH A O   1 
HETATM 1141 O  O   . HOH F 5 .   ? -14.446 6.853   5.817   1.00 40.19  ? 320 HOH A O   1 
HETATM 1142 O  O   . HOH F 5 .   ? 1.688   -15.670 -0.488  1.00 22.87  ? 321 HOH A O   1 
HETATM 1143 O  O   . HOH F 5 .   ? 12.800  -3.029  -2.869  1.00 40.40  ? 322 HOH A O   1 
HETATM 1144 O  O   . HOH F 5 .   ? -14.015 1.542   3.803   1.00 39.63  ? 323 HOH A O   1 
HETATM 1145 O  O   . HOH F 5 .   ? 7.113   7.897   7.356   1.00 29.74  ? 324 HOH A O   1 
HETATM 1146 O  O   . HOH F 5 .   ? -1.211  9.761   4.276   1.00 30.12  ? 325 HOH A O   1 
HETATM 1147 O  O   . HOH F 5 .   ? 7.849   9.301   -6.074  0.58 20.50  ? 326 HOH A O   1 
HETATM 1148 O  O   . HOH F 5 .   ? -8.692  11.110  -4.540  1.00 38.82  ? 327 HOH A O   1 
HETATM 1149 O  O   . HOH F 5 .   ? 9.112   -4.047  -1.840  1.00 20.77  ? 328 HOH A O   1 
HETATM 1150 O  O   . HOH F 5 .   ? 2.382   6.382   -0.273  1.00 19.12  ? 329 HOH A O   1 
HETATM 1151 O  O   . HOH F 5 .   ? 12.749  12.558  2.782   0.58 148.84 ? 330 HOH A O   1 
HETATM 1152 O  O   . HOH F 5 .   ? -12.536 3.502   -18.072 1.00 23.86  ? 331 HOH A O   1 
HETATM 1153 O  O   . HOH F 5 .   ? 10.763  -3.670  -13.117 1.00 32.60  ? 332 HOH A O   1 
HETATM 1154 O  O   . HOH F 5 .   ? -0.235  -4.011  -5.965  1.00 12.13  ? 333 HOH A O   1 
HETATM 1155 O  O   . HOH F 5 .   ? 14.822  1.645   -0.754  0.58 21.11  ? 334 HOH A O   1 
HETATM 1156 O  O   . HOH F 5 .   ? -0.542  9.681   -14.659 1.00 20.72  ? 335 HOH A O   1 
HETATM 1157 O  O   . HOH F 5 .   ? 4.016   -8.833  0.695   1.00 17.32  ? 336 HOH A O   1 
HETATM 1158 O  O   . HOH F 5 .   ? -6.360  6.929   15.836  1.00 18.63  ? 337 HOH A O   1 
HETATM 1159 O  O   . HOH F 5 .   ? -4.696  8.314   8.952   1.00 36.27  ? 338 HOH A O   1 
HETATM 1160 O  O   . HOH F 5 .   ? 7.853   2.304   -4.460  1.00 26.12  ? 339 HOH A O   1 
HETATM 1161 O  O   . HOH F 5 .   ? -11.808 11.465  0.727   1.00 31.89  ? 340 HOH A O   1 
HETATM 1162 O  O   . HOH F 5 .   ? 5.387   8.504   -13.066 1.00 43.85  ? 341 HOH A O   1 
HETATM 1163 O  O   . HOH F 5 .   ? 5.829   10.612  10.016  1.00 39.62  ? 342 HOH A O   1 
HETATM 1164 O  O   . HOH F 5 .   ? 0.902   10.167  -11.068 1.00 20.58  ? 343 HOH A O   1 
HETATM 1165 O  O   . HOH F 5 .   ? -16.411 0.609   -8.522  1.00 27.63  ? 344 HOH A O   1 
HETATM 1166 O  O   . HOH F 5 .   ? -3.114  -7.624  -10.158 1.00 26.67  ? 345 HOH A O   1 
HETATM 1167 O  O   . HOH F 5 .   ? -21.745 -7.767  -3.692  1.00 32.83  ? 346 HOH A O   1 
HETATM 1168 O  O   . HOH F 5 .   ? -3.437  0.507   -20.761 1.00 23.02  ? 347 HOH A O   1 
HETATM 1169 O  O   . HOH F 5 .   ? 10.167  -4.933  13.344  1.00 23.04  ? 348 HOH A O   1 
HETATM 1170 O  O   . HOH F 5 .   ? 8.117   -5.154  -9.132  1.00 30.80  ? 349 HOH A O   1 
HETATM 1171 O  O   . HOH F 5 .   ? 8.191   -7.800  13.068  1.00 26.55  ? 350 HOH A O   1 
HETATM 1172 O  O   . HOH F 5 .   ? 2.026   -9.804  -1.146  1.00 24.24  ? 351 HOH A O   1 
HETATM 1173 O  O   . HOH F 5 .   ? 9.155   -6.417  10.520  1.00 23.18  ? 352 HOH A O   1 
HETATM 1174 O  O   . HOH F 5 .   ? -2.988  9.069   7.093   1.00 24.25  ? 353 HOH A O   1 
HETATM 1175 O  O   . HOH F 5 .   ? -15.732 -4.716  2.668   1.00 45.61  ? 354 HOH A O   1 
HETATM 1176 O  O   . HOH F 5 .   ? -12.689 -9.036  6.300   1.00 43.70  ? 355 HOH A O   1 
HETATM 1177 O  O   . HOH F 5 .   ? 0.071   -6.884  -11.527 0.50 24.54  ? 356 HOH A O   1 
HETATM 1178 O  O   . HOH F 5 .   ? 5.474   -12.935 12.728  1.00 22.92  ? 357 HOH A O   1 
HETATM 1179 O  O   . HOH F 5 .   ? 11.126  -8.663  -6.036  1.00 26.21  ? 358 HOH A O   1 
HETATM 1180 O  O   . HOH F 5 .   ? 4.099   12.492  2.392   1.00 20.93  ? 359 HOH A O   1 
HETATM 1181 O  O   . HOH F 5 .   ? 14.817  -5.494  9.191   1.00 31.72  ? 360 HOH A O   1 
HETATM 1182 O  O   . HOH F 5 .   ? 7.324   -5.773  16.140  1.00 26.85  ? 361 HOH A O   1 
HETATM 1183 O  O   . HOH F 5 .   ? 3.970   3.586   -11.537 1.00 18.50  ? 362 HOH A O   1 
HETATM 1184 O  O   . HOH F 5 .   ? -17.850 2.048   3.795   1.00 31.03  ? 363 HOH A O   1 
HETATM 1185 O  O   . HOH F 5 .   ? 0.173   -1.458  -16.886 1.00 22.53  ? 364 HOH A O   1 
HETATM 1186 O  O   . HOH F 5 .   ? 5.508   11.797  -8.867  1.00 34.56  ? 365 HOH A O   1 
HETATM 1187 O  O   . HOH F 5 .   ? -13.702 1.169   -19.619 1.00 30.03  ? 366 HOH A O   1 
HETATM 1188 O  O   . HOH F 5 .   ? 10.975  -17.804 8.093   1.00 28.68  ? 367 HOH A O   1 
HETATM 1189 O  O   . HOH F 5 .   ? -8.147  -4.877  -12.837 1.00 21.25  ? 368 HOH A O   1 
HETATM 1190 O  O   . HOH F 5 .   ? -9.701  -5.068  15.059  1.00 39.70  ? 369 HOH A O   1 
HETATM 1191 O  O   . HOH F 5 .   ? 19.856  3.267   -5.457  1.00 23.24  ? 370 HOH A O   1 
HETATM 1192 O  O   . HOH F 5 .   ? -4.652  11.026  -13.382 1.00 35.15  ? 371 HOH A O   1 
HETATM 1193 O  O   . HOH F 5 .   ? -11.439 3.909   11.972  1.00 17.54  ? 372 HOH A O   1 
HETATM 1194 O  O   . HOH F 5 .   ? 2.252   -15.289 9.728   1.00 21.11  ? 373 HOH A O   1 
HETATM 1195 O  O   . HOH F 5 .   ? 4.308   -8.299  -7.497  1.00 32.95  ? 374 HOH A O   1 
HETATM 1196 O  O   . HOH F 5 .   ? -1.896  -8.096  7.064   1.00 23.09  ? 375 HOH A O   1 
HETATM 1197 O  O   . HOH F 5 .   ? 12.690  3.421   -5.522  1.00 22.79  ? 376 HOH A O   1 
HETATM 1198 O  O   . HOH F 5 .   ? -2.584  -8.115  -0.599  1.00 22.34  ? 377 HOH A O   1 
HETATM 1199 O  O   . HOH F 5 .   ? 3.701   -18.026 -1.260  1.00 29.25  ? 378 HOH A O   1 
HETATM 1200 O  O   . HOH F 5 .   ? 4.280   10.063  16.282  1.00 34.16  ? 379 HOH A O   1 
HETATM 1201 O  O   . HOH F 5 .   ? 3.854   5.790   -0.771  0.58 14.56  ? 380 HOH A O   1 
HETATM 1202 O  O   . HOH F 5 .   ? 13.763  -2.594  -14.599 1.00 53.65  ? 381 HOH A O   1 
HETATM 1203 O  O   . HOH F 5 .   ? -6.568  -6.439  -13.214 1.00 26.81  ? 382 HOH A O   1 
HETATM 1204 O  O   . HOH F 5 .   ? -1.747  -6.104  -10.164 1.00 28.05  ? 383 HOH A O   1 
HETATM 1205 O  O   . HOH F 5 .   ? -13.335 -5.247  -4.416  1.00 21.66  ? 384 HOH A O   1 
HETATM 1206 O  O   . HOH F 5 .   ? 18.945  -3.525  1.122   1.00 35.90  ? 385 HOH A O   1 
HETATM 1207 O  O   . HOH F 5 .   ? 1.139   2.004   -14.052 1.00 29.78  ? 386 HOH A O   1 
HETATM 1208 O  O   . HOH F 5 .   ? 2.852   -11.380 -3.783  1.00 28.13  ? 387 HOH A O   1 
HETATM 1209 O  O   . HOH F 5 .   ? 14.499  0.021   -2.864  1.00 25.70  ? 388 HOH A O   1 
HETATM 1210 O  O   . HOH F 5 .   ? -9.299  -8.545  5.195   1.00 17.36  ? 389 HOH A O   1 
HETATM 1211 O  O   . HOH F 5 .   ? 1.103   6.123   11.480  1.00 25.56  ? 390 HOH A O   1 
HETATM 1212 O  O   . HOH F 5 .   ? 2.254   -1.212  -14.408 1.00 31.82  ? 391 HOH A O   1 
HETATM 1213 O  O   . HOH F 5 .   ? -1.402  7.513   17.701  1.00 30.13  ? 392 HOH A O   1 
HETATM 1214 O  O   . HOH F 5 .   ? -15.654 11.982  1.281   1.00 37.68  ? 393 HOH A O   1 
HETATM 1215 O  O   . HOH F 5 .   ? -5.112  13.477  1.123   1.00 40.69  ? 394 HOH A O   1 
HETATM 1216 O  O   . HOH F 5 .   ? -13.344 -7.586  -5.871  1.00 28.57  ? 395 HOH A O   1 
HETATM 1217 O  O   . HOH F 5 .   ? -9.541  3.013   18.774  1.00 26.86  ? 396 HOH A O   1 
HETATM 1218 O  O   . HOH F 5 .   ? 4.997   -3.272  17.329  1.00 26.98  ? 397 HOH A O   1 
HETATM 1219 O  O   . HOH F 5 .   ? -7.283  8.649   8.481   1.00 16.55  ? 398 HOH A O   1 
HETATM 1220 O  O   . HOH F 5 .   ? 10.841  -14.596 10.071  1.00 30.42  ? 399 HOH A O   1 
HETATM 1221 O  O   . HOH F 5 .   ? -20.063 -0.577  -3.074  1.00 56.91  ? 400 HOH A O   1 
HETATM 1222 O  O   . HOH F 5 .   ? -3.903  6.358   18.987  1.00 28.07  ? 401 HOH A O   1 
HETATM 1223 O  O   . HOH F 5 .   ? 16.287  -12.213 1.396   1.00 24.82  ? 402 HOH A O   1 
HETATM 1224 O  O   . HOH F 5 .   ? -2.924  -7.532  -7.376  1.00 24.57  ? 403 HOH A O   1 
HETATM 1225 O  O   . HOH F 5 .   ? 0.453   6.367   -0.239  1.00 15.01  ? 404 HOH A O   1 
HETATM 1226 O  O   . HOH F 5 .   ? -10.495 -5.477  6.443   1.00 32.01  ? 405 HOH A O   1 
HETATM 1227 O  O   . HOH F 5 .   ? -7.087  -9.633  3.276   1.00 19.31  ? 406 HOH A O   1 
HETATM 1228 O  O   . HOH F 5 .   ? -10.051 4.498   -17.918 1.00 23.87  ? 407 HOH A O   1 
HETATM 1229 O  O   . HOH F 5 .   ? -10.105 -3.944  -11.584 1.00 23.93  ? 408 HOH A O   1 
HETATM 1230 O  O   . HOH F 5 .   ? 10.205  4.616   -4.854  1.00 22.18  ? 409 HOH A O   1 
HETATM 1231 O  O   . HOH F 5 .   ? 18.576  14.588  -2.172  0.58 18.86  ? 410 HOH A O   1 
HETATM 1232 O  O   . HOH F 5 .   ? -5.879  -6.200  13.212  1.00 40.39  ? 411 HOH A O   1 
HETATM 1233 O  O   . HOH F 5 .   ? -1.638  -9.245  1.997   1.00 16.16  ? 412 HOH A O   1 
HETATM 1234 O  O   . HOH F 5 .   ? 6.697   -5.349  -7.304  1.00 21.50  ? 413 HOH A O   1 
HETATM 1235 O  O   . HOH F 5 .   ? 16.768  -4.888  2.544   1.00 44.02  ? 414 HOH A O   1 
HETATM 1236 O  O   . HOH F 5 .   ? -5.047  -9.138  -3.283  1.00 31.41  ? 415 HOH A O   1 
HETATM 1237 O  O   . HOH F 5 .   ? 14.014  -7.062  8.029   1.00 35.99  ? 416 HOH A O   1 
HETATM 1238 O  O   . HOH F 5 .   ? -9.757  -1.814  -22.645 1.00 26.36  ? 417 HOH A O   1 
HETATM 1239 O  O   . HOH F 5 .   ? -4.605  -6.098  -17.803 1.00 25.19  ? 418 HOH A O   1 
HETATM 1240 O  O   . HOH F 5 .   ? 14.482  -3.864  -5.992  1.00 30.21  ? 419 HOH A O   1 
HETATM 1241 O  O   . HOH F 5 .   ? 1.825   13.615  -1.593  1.00 78.01  ? 420 HOH A O   1 
HETATM 1242 O  O   . HOH F 5 .   ? -9.297  5.821   15.072  1.00 21.73  ? 421 HOH A O   1 
HETATM 1243 O  O   . HOH F 5 .   ? -8.061  -0.447  -23.993 1.00 24.22  ? 422 HOH A O   1 
HETATM 1244 O  O   . HOH F 5 .   ? 18.452  5.204   -9.464  1.00 23.37  ? 423 HOH A O   1 
HETATM 1245 O  O   . HOH F 5 .   ? 12.028  -0.794  -2.979  1.00 23.23  ? 424 HOH A O   1 
HETATM 1246 O  O   . HOH F 5 .   ? 10.814  1.384   -5.018  1.00 20.09  ? 425 HOH A O   1 
HETATM 1247 O  O   . HOH F 5 .   ? -19.537 -4.057  0.382   1.00 37.48  ? 426 HOH A O   1 
HETATM 1248 O  O   . HOH F 5 .   ? -9.772  12.531  1.294   1.00 25.60  ? 427 HOH A O   1 
HETATM 1249 O  O   . HOH F 5 .   ? 2.186   12.623  4.183   1.00 26.88  ? 428 HOH A O   1 
HETATM 1250 O  O   . HOH F 5 .   ? -11.105 6.588   -16.038 1.00 22.21  ? 429 HOH A O   1 
HETATM 1251 O  O   . HOH F 5 .   ? -3.273  -1.728  16.356  1.00 26.25  ? 430 HOH A O   1 
HETATM 1252 O  O   . HOH F 5 .   ? -5.708  10.849  -10.646 1.00 26.89  ? 431 HOH A O   1 
HETATM 1253 O  O   . HOH F 5 .   ? -0.901  11.638  -10.462 1.00 31.66  ? 432 HOH A O   1 
HETATM 1254 O  O   . HOH F 5 .   ? 8.581   -3.130  14.382  1.00 14.66  ? 433 HOH A O   1 
HETATM 1255 O  O   . HOH F 5 .   ? -21.975 -5.944  0.308   1.00 45.34  ? 434 HOH A O   1 
HETATM 1256 O  O   . HOH F 5 .   ? 6.210   -18.961 6.508   1.00 38.02  ? 435 HOH A O   1 
HETATM 1257 O  O   . HOH F 5 .   ? -1.444  2.297   17.967  1.00 25.36  ? 436 HOH A O   1 
HETATM 1258 O  O   . HOH F 5 .   ? 10.057  -8.862  8.724   1.00 20.58  ? 437 HOH A O   1 
HETATM 1259 O  O   . HOH F 5 .   ? -7.861  -6.551  9.617   1.00 24.57  ? 438 HOH A O   1 
HETATM 1260 O  O   . HOH F 5 .   ? -15.125 -2.980  -13.835 1.00 32.14  ? 439 HOH A O   1 
HETATM 1261 O  O   . HOH F 5 .   ? -0.263  -6.151  -7.586  1.00 19.37  ? 440 HOH A O   1 
HETATM 1262 O  O   . HOH F 5 .   ? 19.991  -1.101  -0.462  1.00 28.14  ? 441 HOH A O   1 
HETATM 1263 O  O   . HOH F 5 .   ? -16.336 -11.273 -1.488  1.00 30.74  ? 442 HOH A O   1 
HETATM 1264 O  O   . HOH F 5 .   ? 14.253  -10.419 7.025   1.00 32.35  ? 443 HOH A O   1 
HETATM 1265 O  O   . HOH F 5 .   ? -17.880 2.214   -3.418  1.00 29.59  ? 444 HOH A O   1 
HETATM 1266 O  O   . HOH F 5 .   ? -2.783  -10.605 4.248   1.00 19.34  ? 445 HOH A O   1 
HETATM 1267 O  O   . HOH F 5 .   ? 15.109  -7.052  0.645   1.00 35.33  ? 446 HOH A O   1 
HETATM 1268 O  O   . HOH F 5 .   ? -0.405  12.679  4.714   1.00 30.46  ? 447 HOH A O   1 
HETATM 1269 O  O   . HOH F 5 .   ? -13.670 8.500   -10.726 1.00 30.39  ? 448 HOH A O   1 
HETATM 1270 O  O   . HOH F 5 .   ? -0.998  -5.697  -17.861 1.00 25.68  ? 449 HOH A O   1 
HETATM 1271 O  O   . HOH F 5 .   ? 13.003  12.410  -6.439  1.00 40.86  ? 450 HOH A O   1 
HETATM 1272 O  O   . HOH F 5 .   ? -7.479  11.888  -0.463  1.00 33.45  ? 451 HOH A O   1 
HETATM 1273 O  O   . HOH F 5 .   ? -2.064  12.768  -2.523  1.00 26.83  ? 452 HOH A O   1 
HETATM 1274 O  O   . HOH F 5 .   ? -16.653 -0.458  6.144   1.00 28.27  ? 453 HOH A O   1 
HETATM 1275 O  O   . HOH F 5 .   ? 4.873   9.959   13.852  1.00 44.71  ? 454 HOH A O   1 
HETATM 1276 O  O   . HOH F 5 .   ? 11.369  0.868   -2.827  1.00 24.17  ? 455 HOH A O   1 
HETATM 1277 O  O   . HOH F 5 .   ? -4.621  12.547  -2.061  1.00 25.55  ? 456 HOH A O   1 
HETATM 1278 O  O   . HOH F 5 .   ? -11.727 -1.816  16.825  1.00 38.36  ? 457 HOH A O   1 
HETATM 1279 O  O   . HOH F 5 .   ? -14.291 -8.818  -10.170 1.00 27.56  ? 458 HOH A O   1 
HETATM 1280 O  O   . HOH F 5 .   ? -6.866  2.972   19.120  1.00 31.32  ? 459 HOH A O   1 
HETATM 1281 O  O   . HOH F 5 .   ? 0.950   -17.558 4.087   1.00 35.73  ? 460 HOH A O   1 
HETATM 1282 O  O   . HOH F 5 .   ? -5.600  4.579   17.072  1.00 31.00  ? 461 HOH A O   1 
HETATM 1283 O  O   . HOH F 5 .   ? 3.710   14.398  5.165   1.00 34.49  ? 462 HOH A O   1 
HETATM 1284 O  O   . HOH F 5 .   ? 15.848  -7.295  5.426   1.00 40.64  ? 463 HOH A O   1 
HETATM 1285 O  O   . HOH F 5 .   ? 1.650   -6.658  -13.426 1.00 34.09  ? 464 HOH A O   1 
HETATM 1286 O  O   . HOH F 5 .   ? 11.950  -12.029 10.788  1.00 42.81  ? 465 HOH A O   1 
HETATM 1287 O  O   . HOH F 5 .   ? -11.486 -10.279 -1.211  1.00 27.12  ? 466 HOH A O   1 
HETATM 1288 O  O   . HOH F 5 .   ? -20.892 -9.850  -8.311  1.00 37.87  ? 467 HOH A O   1 
HETATM 1289 O  O   . HOH F 5 .   ? -19.467 -10.865 -6.090  1.00 26.74  ? 468 HOH A O   1 
HETATM 1290 O  O   . HOH F 5 .   ? -7.221  -9.630  -1.907  0.58 20.25  ? 469 HOH A O   1 
HETATM 1291 O  O   . HOH F 5 .   ? -0.832  -10.539 -0.783  1.00 30.05  ? 470 HOH A O   1 
HETATM 1292 O  O   . HOH F 5 .   ? 12.182  -15.639 8.557   1.00 29.07  ? 471 HOH A O   1 
HETATM 1293 O  O   . HOH F 5 .   ? 6.609   -7.234  -8.809  1.00 34.59  ? 472 HOH A O   1 
HETATM 1294 O  O   . HOH F 5 .   ? 7.685   -4.654  -11.599 1.00 31.92  ? 473 HOH A O   1 
HETATM 1295 O  O   . HOH F 5 .   ? -11.121 10.393  -6.223  1.00 27.16  ? 474 HOH A O   1 
HETATM 1296 O  O   . HOH F 5 .   ? 0.580   -16.345 7.857   1.00 22.77  ? 475 HOH A O   1 
HETATM 1297 O  O   . HOH F 5 .   ? 2.183   -4.704  -15.419 1.00 43.81  ? 476 HOH A O   1 
HETATM 1298 O  O   . HOH F 5 .   ? 19.090  -1.258  -3.003  1.00 32.71  ? 477 HOH A O   1 
HETATM 1299 O  O   . HOH F 5 .   ? -12.577 -10.213 -4.057  1.00 26.46  ? 478 HOH A O   1 
HETATM 1300 O  O   . HOH F 5 .   ? 7.544   -1.554  -13.464 1.00 26.64  ? 479 HOH A O   1 
HETATM 1301 O  O   . HOH F 5 .   ? -10.480 -7.070  -9.385  1.00 24.21  ? 480 HOH A O   1 
HETATM 1302 O  O   . HOH F 5 .   ? -12.386 -8.464  -8.138  1.00 28.57  ? 481 HOH A O   1 
HETATM 1303 O  O   . HOH F 5 .   ? -3.282  -10.022 -6.551  1.00 43.59  ? 482 HOH A O   1 
HETATM 1304 O  O   . HOH F 5 .   ? -9.081  -9.093  -10.394 1.00 40.33  ? 483 HOH A O   1 
HETATM 1305 O  O   . HOH F 5 .   ? 18.116  -12.056 -1.757  1.00 30.83  ? 484 HOH A O   1 
HETATM 1306 O  O   . HOH F 5 .   ? -5.014  14.580  3.693   1.00 26.33  ? 485 HOH A O   1 
HETATM 1307 O  O   . HOH F 5 .   ? 9.134   -9.735  -12.303 1.00 35.25  ? 486 HOH A O   1 
HETATM 1308 O  O   . HOH F 5 .   ? -22.309 -8.035  -6.860  1.00 28.21  ? 487 HOH A O   1 
HETATM 1309 O  O   . HOH F 5 .   ? 7.697   -9.830  -8.335  1.00 26.59  ? 488 HOH A O   1 
HETATM 1310 O  O   . HOH F 5 .   ? 7.231   -20.613 4.784   1.00 30.82  ? 489 HOH A O   1 
HETATM 1311 O  O   . HOH F 5 .   ? 12.050  -3.361  -16.148 1.00 35.38  ? 490 HOH A O   1 
HETATM 1312 O  O   . HOH F 5 .   ? 20.396  4.126   -8.092  1.00 36.15  ? 491 HOH A O   1 
HETATM 1313 O  O   . HOH F 5 .   ? 2.900   -21.037 6.360   1.00 30.76  ? 492 HOH A O   1 
HETATM 1314 O  O   . HOH F 5 .   ? 20.851  -5.113  6.136   1.00 28.17  ? 493 HOH A O   1 
HETATM 1315 O  O   . HOH F 5 .   ? -6.824  -6.897  -20.628 1.00 37.28  ? 494 HOH A O   1 
HETATM 1316 O  O   . HOH F 5 .   ? 8.461   11.489  -10.323 1.00 40.81  ? 495 HOH A O   1 
HETATM 1317 O  O   . HOH F 5 .   ? -3.864  -9.084  -12.860 1.00 24.07  ? 496 HOH A O   1 
HETATM 1318 O  O   . HOH F 5 .   ? 19.962  9.107   -6.991  1.00 44.48  ? 497 HOH A O   1 
HETATM 1319 O  O   . HOH F 5 .   ? 6.545   -12.576 14.627  1.00 29.83  ? 498 HOH A O   1 
HETATM 1320 O  O   . HOH F 5 .   ? -16.106 4.223   -11.527 1.00 36.62  ? 499 HOH A O   1 
HETATM 1321 O  O   . HOH F 5 .   ? 8.400   -10.738 14.201  1.00 28.35  ? 500 HOH A O   1 
HETATM 1322 O  O   . HOH F 5 .   ? 5.884   -7.877  -11.444 1.00 32.53  ? 501 HOH A O   1 
HETATM 1323 O  O   . HOH F 5 .   ? -15.716 10.737  -4.343  1.00 28.86  ? 502 HOH A O   1 
HETATM 1324 O  O   . HOH F 5 .   ? 7.065   -10.272 -10.800 1.00 36.63  ? 503 HOH A O   1 
HETATM 1325 O  O   . HOH F 5 .   ? 3.929   -7.749  -9.856  1.00 26.48  ? 504 HOH A O   1 
HETATM 1326 O  O   . HOH F 5 .   ? 8.464   -13.470 13.065  1.00 24.60  ? 505 HOH A O   1 
HETATM 1327 O  O   . HOH F 5 .   ? 3.839   -7.055  18.653  1.00 37.38  ? 506 HOH A O   1 
HETATM 1328 O  O   . HOH F 5 .   ? -25.787 -6.363  -4.940  1.00 33.23  ? 507 HOH A O   1 
HETATM 1329 O  O   . HOH F 5 .   ? 24.966  8.840   -1.186  1.00 40.03  ? 508 HOH A O   1 
HETATM 1330 O  O   . HOH F 5 .   ? 9.735   17.075  -4.261  1.00 33.50  ? 509 HOH A O   1 
HETATM 1331 O  O   . HOH F 5 .   ? 7.837   18.345  -1.820  1.00 37.83  ? 510 HOH A O   1 
# 
